data_6WER
#
_entry.id   6WER
#
_cell.length_a   148.465
_cell.length_b   148.465
_cell.length_c   517.050
_cell.angle_alpha   90.000
_cell.angle_beta   90.000
_cell.angle_gamma   90.000
#
_symmetry.space_group_name_H-M   'I 41 2 2'
#
loop_
_entity.id
_entity.type
_entity.pdbx_description
1 polymer 'Non-structural protein 1'
2 polymer '2B7 Fab heavy chain'
3 polymer '2B7 Fab light chain'
4 non-polymer 2-acetamido-2-deoxy-beta-D-glucopyranose
#
loop_
_entity_poly.entity_id
_entity_poly.type
_entity_poly.pdbx_seq_one_letter_code
_entity_poly.pdbx_strand_id
1 'polypeptide(L)'
;AHHHHHHSSGVDLGTENLYFQSNADSGCVVSWKNKELKCGSGIFITDNVHTWTEQYKFQPESPSKLASAIQKAHEEGICG
IRSVTRLENLMWKQITPELNHILSENEVKLTIMTGDIKGIMQAGKRSLRPQPTELKYSWKTWGKAKMLSTESHNQTFLID
GPETAECPNTNRAWNSLEVEDYGFGVFTTNIWLKLKEKQDVFCDSKLMSAAIKDNRAVHADMGYWIESALNDTWKIEKAS
FIEVKNCHWPKSHTLWSNGVLESEMIIPKNLAGPVSQHNYRPGYHTQITGPWHLGKLEMDFDFCDGTTVVVTEDCGNRGP
SLRTTTASGKLITEWCCRSCTLPPLRYRGEDGCWYGMEIRPLKEKEENLVNSLVTA
;
A,B
2 'polypeptide(L)'
;MEWSWIFLFLLSGTAGVHSEVQLQQSGPELVKPGASVKMSCKASGCTLTNCFMHWMKQKPGQDLEWIGYINPYNDMTKYS
ENFKGKATLTSDKSSSTAFMELSSLTSEDSAVYYCARGYLLRTGCFDYWGQGTTLTVSSAKTTPPSVYPLAPGCGDTTGS
SVTLGCLVKGYFPESVTVTWNSGSLSSSVHTFPALLQSGLYTMSSSVTVPSSTWPSQTVTCSVAHPASSTTVDKKLEPSG
PISTINPCPPCKECHKCPAPNLEGGPSV
;
C,E
3 'polypeptide(L)'
;METDTLLLWVLLLWVPGSTGNIVLTQSPASLAVSLGQRATISCRASESVDSYGYSFMHWYQQKPGQPPKVLIYLASNLES
GVPARFSGSGSRTDFTLTIDPVEADDAATYYCQQNNENPLTFGAGTKLELKRADAAPTVSIFPPSSEQLTSGGASVVCFL
NNFYPKDINVKWKIDGSERQNGVLNSWTDQDSKDSTYSMSSTLTLTKDEYERHNSYTCEATHKTSTSPIVKSFNRNEC
;
D,F
#
loop_
_chem_comp.id
_chem_comp.type
_chem_comp.name
_chem_comp.formula
NAG D-saccharide, beta linking 2-acetamido-2-deoxy-beta-D-glucopyranose 'C8 H15 N O6'
#
# COMPACT_ATOMS: atom_id res chain seq x y z
N ASP A 25 2.20 1.28 6.73
CA ASP A 25 1.58 0.14 6.05
C ASP A 25 2.66 -0.67 5.35
N SER A 26 2.77 -1.96 5.69
CA SER A 26 3.80 -2.83 5.13
C SER A 26 3.16 -4.07 4.52
N GLY A 27 3.63 -4.44 3.33
CA GLY A 27 3.08 -5.62 2.66
C GLY A 27 3.52 -5.67 1.20
N CYS A 28 2.76 -6.45 0.42
CA CYS A 28 3.07 -6.72 -0.97
C CYS A 28 1.85 -6.49 -1.83
N VAL A 29 2.07 -6.27 -3.12
CA VAL A 29 1.00 -5.85 -4.04
C VAL A 29 1.41 -6.23 -5.45
N VAL A 30 0.44 -6.68 -6.25
CA VAL A 30 0.65 -7.00 -7.67
C VAL A 30 -0.24 -6.09 -8.51
N SER A 31 0.36 -5.49 -9.54
CA SER A 31 -0.35 -4.62 -10.47
C SER A 31 -0.61 -5.37 -11.78
N TRP A 32 -1.89 -5.51 -12.12
CA TRP A 32 -2.26 -6.23 -13.32
C TRP A 32 -1.81 -5.50 -14.58
N LYS A 33 -2.11 -4.20 -14.66
CA LYS A 33 -1.79 -3.43 -15.86
C LYS A 33 -0.28 -3.20 -16.00
N ASN A 34 0.39 -2.83 -14.90
CA ASN A 34 1.83 -2.57 -14.96
C ASN A 34 2.67 -3.84 -15.02
N LYS A 35 2.09 -4.99 -14.68
CA LYS A 35 2.74 -6.30 -14.82
C LYS A 35 3.94 -6.47 -13.88
N GLU A 36 3.82 -6.01 -12.63
CA GLU A 36 4.89 -6.18 -11.67
C GLU A 36 4.33 -6.42 -10.27
N LEU A 37 5.20 -6.96 -9.41
CA LEU A 37 4.90 -7.21 -8.00
C LEU A 37 5.91 -6.46 -7.14
N LYS A 38 5.42 -5.76 -6.13
CA LYS A 38 6.25 -4.91 -5.30
C LYS A 38 5.92 -5.12 -3.83
N CYS A 39 6.94 -5.24 -3.01
CA CYS A 39 6.79 -5.32 -1.57
C CYS A 39 7.49 -4.14 -0.91
N GLY A 40 7.09 -3.85 0.32
CA GLY A 40 7.70 -2.78 1.08
C GLY A 40 6.69 -2.13 2.00
N SER A 41 7.06 -0.98 2.53
CA SER A 41 6.23 -0.26 3.48
C SER A 41 5.90 1.13 2.93
N GLY A 42 4.77 1.67 3.40
CA GLY A 42 4.34 2.98 2.96
C GLY A 42 2.88 3.31 3.25
N ILE A 43 2.16 3.77 2.24
CA ILE A 43 0.75 4.15 2.35
C ILE A 43 -0.04 3.41 1.28
N PHE A 44 -1.16 2.81 1.68
CA PHE A 44 -2.02 2.05 0.78
C PHE A 44 -3.39 2.70 0.75
N ILE A 45 -3.77 3.26 -0.40
CA ILE A 45 -5.09 3.85 -0.58
C ILE A 45 -5.95 2.80 -1.28
N THR A 46 -6.91 2.25 -0.54
CA THR A 46 -7.77 1.20 -1.07
C THR A 46 -9.07 1.77 -1.62
N ASP A 47 -9.65 1.02 -2.57
CA ASP A 47 -10.92 1.40 -3.18
C ASP A 47 -12.03 0.84 -2.31
N ASN A 48 -12.53 1.68 -1.39
CA ASN A 48 -13.57 1.27 -0.45
C ASN A 48 -14.97 1.49 -1.00
N VAL A 49 -15.10 1.63 -2.31
CA VAL A 49 -16.38 1.82 -2.97
C VAL A 49 -16.82 0.56 -3.72
N HIS A 50 -15.91 -0.02 -4.50
CA HIS A 50 -16.16 -1.25 -5.24
C HIS A 50 -15.94 -2.51 -4.41
N THR A 51 -16.16 -2.43 -3.10
CA THR A 51 -16.09 -3.60 -2.23
C THR A 51 -17.38 -4.40 -2.31
N TRP A 52 -17.25 -5.73 -2.26
CA TRP A 52 -18.43 -6.59 -2.39
C TRP A 52 -19.25 -6.61 -1.11
N THR A 53 -18.61 -6.54 0.04
CA THR A 53 -19.28 -6.48 1.33
C THR A 53 -18.75 -5.28 2.11
N GLU A 54 -19.45 -4.96 3.20
CA GLU A 54 -19.15 -3.77 3.99
C GLU A 54 -17.82 -3.91 4.71
N GLN A 55 -16.82 -3.16 4.24
CA GLN A 55 -15.50 -3.16 4.88
C GLN A 55 -15.50 -2.35 6.16
N TYR A 56 -16.30 -1.28 6.23
CA TYR A 56 -16.29 -0.37 7.37
C TYR A 56 -17.70 -0.20 7.92
N LYS A 57 -17.77 0.01 9.23
CA LYS A 57 -19.02 0.21 9.95
C LYS A 57 -18.88 1.41 10.88
N PHE A 58 -19.90 2.27 10.91
CA PHE A 58 -19.93 3.38 11.84
C PHE A 58 -20.57 2.96 13.16
N GLN A 59 -19.98 3.39 14.27
CA GLN A 59 -20.50 3.21 15.60
C GLN A 59 -20.20 4.43 16.44
N PRO A 60 -21.07 4.77 17.40
CA PRO A 60 -20.77 5.85 18.33
C PRO A 60 -19.94 5.36 19.49
N GLU A 61 -19.05 6.24 19.98
CA GLU A 61 -18.26 5.87 21.14
C GLU A 61 -19.10 5.84 22.41
N SER A 62 -20.06 6.75 22.52
CA SER A 62 -20.98 6.81 23.66
C SER A 62 -22.38 7.15 23.16
N PRO A 63 -23.25 6.15 23.00
CA PRO A 63 -24.64 6.45 22.63
C PRO A 63 -25.35 7.35 23.63
N SER A 64 -24.98 7.31 24.90
CA SER A 64 -25.59 8.19 25.88
C SER A 64 -25.16 9.64 25.65
N LYS A 65 -23.90 9.85 25.25
CA LYS A 65 -23.46 11.18 24.84
C LYS A 65 -24.29 11.69 23.67
N LEU A 66 -24.59 10.81 22.71
CA LEU A 66 -25.42 11.19 21.58
C LEU A 66 -26.83 11.55 22.03
N ALA A 67 -27.39 10.78 22.97
CA ALA A 67 -28.72 11.11 23.49
C ALA A 67 -28.72 12.46 24.17
N SER A 68 -27.65 12.77 24.92
CA SER A 68 -27.53 14.07 25.55
C SER A 68 -27.52 15.17 24.50
N ALA A 69 -26.74 14.97 23.43
CA ALA A 69 -26.68 15.99 22.39
C ALA A 69 -28.00 16.13 21.65
N ILE A 70 -28.76 15.05 21.54
CA ILE A 70 -30.03 15.14 20.83
C ILE A 70 -31.08 15.86 21.67
N GLN A 71 -31.14 15.55 22.97
CA GLN A 71 -31.93 16.35 23.90
C GLN A 71 -31.58 17.83 23.77
N LYS A 72 -30.30 18.14 23.97
CA LYS A 72 -29.82 19.51 23.92
C LYS A 72 -30.22 20.19 22.60
N ALA A 73 -30.16 19.43 21.50
CA ALA A 73 -30.55 19.98 20.20
C ALA A 73 -32.04 20.30 20.16
N HIS A 74 -32.89 19.34 20.54
CA HIS A 74 -34.33 19.56 20.50
C HIS A 74 -34.72 20.77 21.32
N GLU A 75 -34.06 21.00 22.46
CA GLU A 75 -34.37 22.19 23.24
C GLU A 75 -34.12 23.46 22.42
N GLU A 76 -33.07 23.45 21.59
CA GLU A 76 -32.69 24.62 20.79
C GLU A 76 -33.60 24.83 19.59
N GLY A 77 -34.59 23.97 19.36
CA GLY A 77 -35.46 24.13 18.21
C GLY A 77 -35.05 23.32 17.00
N ILE A 78 -34.22 22.30 17.17
CA ILE A 78 -33.78 21.45 16.07
C ILE A 78 -34.69 20.23 15.97
N CYS A 79 -35.42 20.11 14.85
CA CYS A 79 -36.40 19.06 14.65
C CYS A 79 -35.80 17.76 14.10
N GLY A 80 -34.58 17.80 13.59
CA GLY A 80 -34.00 16.61 13.02
C GLY A 80 -32.56 16.86 12.61
N ILE A 81 -31.99 15.87 11.91
CA ILE A 81 -30.64 15.97 11.38
C ILE A 81 -30.61 15.36 9.99
N ARG A 82 -29.62 15.80 9.21
CA ARG A 82 -29.33 15.24 7.89
C ARG A 82 -27.91 14.70 7.90
N SER A 83 -27.75 13.45 7.46
CA SER A 83 -26.45 12.82 7.45
C SER A 83 -25.56 13.42 6.38
N VAL A 84 -24.26 13.45 6.66
CA VAL A 84 -23.28 13.90 5.69
C VAL A 84 -22.89 12.77 4.74
N THR A 85 -22.48 11.64 5.32
CA THR A 85 -22.06 10.47 4.57
C THR A 85 -23.09 9.36 4.72
N ARG A 86 -23.05 8.41 3.78
CA ARG A 86 -24.01 7.32 3.78
C ARG A 86 -23.84 6.41 4.99
N LEU A 87 -22.60 6.15 5.39
CA LEU A 87 -22.37 5.31 6.56
C LEU A 87 -22.94 5.95 7.82
N GLU A 88 -22.99 7.29 7.86
CA GLU A 88 -23.62 7.95 9.00
C GLU A 88 -25.10 7.61 9.07
N ASN A 89 -25.78 7.63 7.93
CA ASN A 89 -27.20 7.28 7.90
C ASN A 89 -27.42 5.82 8.28
N LEU A 90 -26.59 4.91 7.73
CA LEU A 90 -26.73 3.51 8.11
C LEU A 90 -26.49 3.31 9.60
N MET A 91 -25.56 4.07 10.17
CA MET A 91 -25.34 4.02 11.61
C MET A 91 -26.58 4.50 12.35
N TRP A 92 -27.19 5.58 11.87
CA TRP A 92 -28.43 6.05 12.49
C TRP A 92 -29.50 4.96 12.45
N LYS A 93 -29.56 4.20 11.36
CA LYS A 93 -30.53 3.12 11.26
C LYS A 93 -30.26 2.06 12.32
N GLN A 94 -28.99 1.64 12.45
CA GLN A 94 -28.66 0.64 13.45
C GLN A 94 -28.82 1.17 14.87
N ILE A 95 -28.66 2.47 15.09
CA ILE A 95 -28.53 3.03 16.43
C ILE A 95 -29.82 3.58 16.99
N THR A 96 -30.81 3.87 16.14
CA THR A 96 -31.98 4.61 16.58
C THR A 96 -32.78 3.94 17.69
N PRO A 97 -32.95 2.61 17.71
CA PRO A 97 -33.64 2.02 18.87
C PRO A 97 -33.04 2.42 20.20
N GLU A 98 -31.71 2.37 20.36
CA GLU A 98 -31.16 2.72 21.66
C GLU A 98 -31.23 4.20 21.93
N LEU A 99 -31.11 5.03 20.89
CA LEU A 99 -31.28 6.46 21.13
C LEU A 99 -32.69 6.72 21.66
N ASN A 100 -33.68 6.09 21.05
CA ASN A 100 -35.05 6.28 21.51
C ASN A 100 -35.27 5.72 22.89
N HIS A 101 -34.60 4.64 23.24
CA HIS A 101 -34.84 4.10 24.56
C HIS A 101 -34.09 4.87 25.65
N ILE A 102 -32.83 5.24 25.41
CA ILE A 102 -32.13 6.09 26.38
C ILE A 102 -32.91 7.38 26.56
N LEU A 103 -33.57 7.84 25.50
CA LEU A 103 -34.47 8.98 25.63
C LEU A 103 -35.68 8.61 26.50
N SER A 104 -36.22 7.40 26.31
CA SER A 104 -37.39 6.97 27.06
C SER A 104 -37.11 6.84 28.57
N GLU A 105 -35.96 6.29 28.95
CA GLU A 105 -35.67 6.19 30.38
C GLU A 105 -35.42 7.56 31.00
N ASN A 106 -34.84 8.47 30.25
CA ASN A 106 -34.69 9.82 30.78
C ASN A 106 -35.96 10.62 30.58
N GLU A 107 -37.02 9.95 30.15
CA GLU A 107 -38.38 10.47 30.13
C GLU A 107 -38.44 11.86 29.52
N VAL A 108 -37.99 11.90 28.27
CA VAL A 108 -38.23 12.99 27.34
C VAL A 108 -39.04 12.42 26.19
N LYS A 109 -40.28 12.92 26.03
CA LYS A 109 -41.21 12.34 25.05
C LYS A 109 -40.82 12.83 23.66
N LEU A 110 -39.71 12.28 23.17
CA LEU A 110 -39.16 12.62 21.87
C LEU A 110 -38.77 11.32 21.19
N THR A 111 -39.39 11.05 20.04
CA THR A 111 -39.15 9.81 19.31
C THR A 111 -38.29 10.09 18.08
N ILE A 112 -37.20 9.34 17.96
CA ILE A 112 -36.32 9.46 16.80
C ILE A 112 -36.80 8.44 15.76
N MET A 113 -37.08 8.92 14.55
CA MET A 113 -37.39 8.03 13.44
C MET A 113 -36.49 8.38 12.27
N THR A 114 -35.85 7.37 11.69
CA THR A 114 -34.93 7.56 10.57
C THR A 114 -35.47 6.89 9.31
N GLY A 115 -35.38 7.61 8.20
CA GLY A 115 -35.79 7.11 6.92
C GLY A 115 -34.62 6.73 6.06
N ASP A 116 -34.86 6.69 4.76
CA ASP A 116 -33.85 6.30 3.80
C ASP A 116 -33.19 7.57 3.26
N ILE A 117 -32.43 7.43 2.19
CA ILE A 117 -31.62 8.51 1.64
C ILE A 117 -32.22 8.93 0.30
N LYS A 118 -32.38 10.25 0.12
CA LYS A 118 -32.73 10.78 -1.19
C LYS A 118 -31.57 10.64 -2.15
N GLY A 119 -31.52 11.50 -3.17
CA GLY A 119 -30.36 11.51 -4.05
C GLY A 119 -29.16 12.15 -3.40
N ILE A 120 -29.05 13.48 -3.55
CA ILE A 120 -28.00 14.22 -2.87
C ILE A 120 -28.24 14.22 -1.36
N MET A 121 -27.16 14.16 -0.60
CA MET A 121 -27.24 14.37 0.84
C MET A 121 -27.23 15.87 1.10
N GLN A 122 -28.43 16.46 1.15
CA GLN A 122 -28.50 17.90 1.36
C GLN A 122 -28.00 18.27 2.76
N ALA A 123 -27.43 19.45 2.86
CA ALA A 123 -26.84 19.91 4.11
C ALA A 123 -27.86 20.64 4.96
N GLY A 124 -27.65 20.59 6.28
CA GLY A 124 -28.44 21.38 7.20
C GLY A 124 -27.61 22.50 7.77
N LYS A 125 -28.26 23.56 8.25
CA LYS A 125 -27.56 24.74 8.72
C LYS A 125 -27.42 24.80 10.23
N ARG A 126 -27.96 23.84 10.97
CA ARG A 126 -27.77 23.78 12.41
C ARG A 126 -26.74 22.71 12.72
N SER A 127 -26.49 22.48 14.01
CA SER A 127 -25.51 21.49 14.42
C SER A 127 -25.70 21.17 15.90
N LEU A 128 -25.26 19.98 16.27
CA LEU A 128 -25.26 19.54 17.66
C LEU A 128 -24.08 20.14 18.41
N ARG A 129 -23.98 19.80 19.70
CA ARG A 129 -22.94 20.32 20.58
C ARG A 129 -22.50 19.20 21.51
N PRO A 130 -21.22 19.10 21.81
CA PRO A 130 -20.72 18.01 22.64
C PRO A 130 -21.01 18.21 24.11
N GLN A 131 -20.75 17.15 24.88
CA GLN A 131 -20.84 17.20 26.34
C GLN A 131 -20.07 16.04 26.95
N ASN A 154 -45.63 14.43 22.69
CA ASN A 154 -45.53 14.01 21.29
C ASN A 154 -44.53 14.80 20.46
N GLN A 155 -43.24 14.66 20.78
CA GLN A 155 -42.17 15.30 20.05
C GLN A 155 -41.56 14.28 19.09
N THR A 156 -41.02 14.77 17.98
CA THR A 156 -40.43 13.90 16.96
C THR A 156 -39.07 14.45 16.52
N PHE A 157 -38.21 13.53 16.07
CA PHE A 157 -36.86 13.86 15.62
C PHE A 157 -36.59 13.00 14.39
N LEU A 158 -36.59 13.63 13.21
CA LEU A 158 -36.51 12.94 11.94
C LEU A 158 -35.06 12.90 11.47
N ILE A 159 -34.55 11.71 11.20
CA ILE A 159 -33.22 11.54 10.62
C ILE A 159 -33.40 11.16 9.16
N ASP A 160 -32.94 12.04 8.28
CA ASP A 160 -32.92 11.81 6.82
C ASP A 160 -34.37 11.67 6.34
N GLY A 161 -34.65 10.74 5.43
CA GLY A 161 -35.92 10.72 4.74
C GLY A 161 -35.96 11.81 3.71
N PRO A 162 -37.14 12.09 3.15
CA PRO A 162 -37.25 13.19 2.18
C PRO A 162 -37.44 14.53 2.88
N GLU A 163 -37.39 15.58 2.06
CA GLU A 163 -37.58 16.93 2.55
C GLU A 163 -39.03 17.14 3.01
N THR A 164 -39.21 18.16 3.85
CA THR A 164 -40.53 18.57 4.30
C THR A 164 -40.45 20.00 4.79
N ALA A 165 -41.55 20.73 4.63
CA ALA A 165 -41.62 22.11 5.11
C ALA A 165 -41.90 22.18 6.60
N GLU A 166 -42.51 21.14 7.16
CA GLU A 166 -42.75 21.09 8.60
C GLU A 166 -41.44 20.99 9.38
N CYS A 167 -40.41 20.41 8.77
CA CYS A 167 -39.09 20.25 9.40
C CYS A 167 -38.03 20.48 8.33
N PRO A 168 -37.80 21.73 7.96
CA PRO A 168 -36.90 22.04 6.84
C PRO A 168 -35.43 21.88 7.23
N ASN A 169 -34.57 22.01 6.22
CA ASN A 169 -33.12 21.92 6.45
C ASN A 169 -32.60 23.04 7.33
N THR A 170 -33.34 24.16 7.41
CA THR A 170 -32.93 25.25 8.27
C THR A 170 -32.83 24.82 9.73
N ASN A 171 -33.60 23.82 10.13
CA ASN A 171 -33.60 23.32 11.50
C ASN A 171 -33.14 21.88 11.59
N ARG A 172 -32.29 21.44 10.66
CA ARG A 172 -31.69 20.12 10.70
C ARG A 172 -30.20 20.23 10.98
N ALA A 173 -29.69 19.34 11.81
CA ALA A 173 -28.27 19.30 12.12
C ALA A 173 -27.48 18.57 11.04
N TRP A 174 -26.23 18.99 10.84
CA TRP A 174 -25.42 18.45 9.76
C TRP A 174 -23.95 18.66 10.07
N ASN A 175 -23.15 17.61 9.84
CA ASN A 175 -21.70 17.62 10.04
C ASN A 175 -21.34 17.97 11.48
N SER A 176 -21.78 17.11 12.40
CA SER A 176 -21.47 17.26 13.82
C SER A 176 -20.71 16.06 14.38
N LEU A 177 -20.17 15.20 13.54
CA LEU A 177 -19.38 14.04 13.97
C LEU A 177 -17.98 14.09 13.40
N GLU A 178 -17.00 13.64 14.18
CA GLU A 178 -15.66 13.38 13.68
C GLU A 178 -15.19 12.03 14.20
N VAL A 179 -14.17 11.49 13.56
CA VAL A 179 -13.66 10.16 13.89
C VAL A 179 -12.73 10.26 15.09
N GLU A 180 -12.90 9.34 16.04
CA GLU A 180 -12.02 9.26 17.20
C GLU A 180 -10.88 8.27 16.94
N ASP A 181 -11.23 6.99 16.78
CA ASP A 181 -10.23 5.97 16.50
C ASP A 181 -10.91 4.80 15.79
N TYR A 182 -10.22 3.66 15.75
CA TYR A 182 -10.67 2.50 14.98
C TYR A 182 -10.87 1.30 15.89
N THR A 188 -14.32 -6.75 8.68
CA THR A 188 -15.36 -5.79 9.04
C THR A 188 -14.83 -4.84 10.11
N THR A 189 -13.82 -4.04 9.72
CA THR A 189 -13.19 -3.11 10.64
C THR A 189 -14.16 -2.04 11.13
N ASN A 190 -14.05 -1.72 12.42
CA ASN A 190 -14.91 -0.74 13.08
C ASN A 190 -14.33 0.67 12.99
N ILE A 191 -15.21 1.66 13.06
CA ILE A 191 -14.83 3.07 13.10
C ILE A 191 -15.62 3.75 14.22
N TRP A 192 -14.92 4.28 15.21
CA TRP A 192 -15.59 4.89 16.36
C TRP A 192 -15.75 6.40 16.16
N LEU A 193 -16.96 6.89 16.47
CA LEU A 193 -17.32 8.29 16.23
C LEU A 193 -17.61 9.01 17.54
N LYS A 194 -17.34 10.31 17.56
CA LYS A 194 -17.63 11.16 18.70
C LYS A 194 -18.18 12.50 18.24
N LEU A 195 -18.61 13.30 19.21
CA LEU A 195 -19.24 14.59 18.95
C LEU A 195 -18.21 15.63 18.53
N LYS A 196 -18.56 16.45 17.55
CA LYS A 196 -17.64 17.45 17.01
C LYS A 196 -17.54 18.65 17.95
N GLU A 197 -16.66 19.58 17.56
CA GLU A 197 -16.29 20.75 18.34
C GLU A 197 -16.69 22.05 17.66
N LYS A 198 -16.41 22.19 16.36
CA LYS A 198 -16.70 23.38 15.59
C LYS A 198 -17.63 23.08 14.42
N GLN A 199 -18.51 24.04 14.14
CA GLN A 199 -19.39 23.98 12.97
C GLN A 199 -18.64 24.48 11.75
N ASP A 200 -18.46 23.61 10.75
CA ASP A 200 -17.84 23.99 9.49
C ASP A 200 -18.51 23.21 8.36
N VAL A 201 -18.07 23.50 7.14
CA VAL A 201 -18.66 22.92 5.94
C VAL A 201 -17.72 21.92 5.28
N PHE A 202 -16.72 21.43 6.01
CA PHE A 202 -15.69 20.56 5.45
C PHE A 202 -15.97 19.11 5.83
N CYS A 203 -15.81 18.21 4.86
CA CYS A 203 -15.92 16.79 5.14
C CYS A 203 -14.83 16.37 6.12
N ASP A 204 -15.14 15.35 6.93
CA ASP A 204 -14.20 14.89 7.95
C ASP A 204 -12.89 14.45 7.29
N SER A 205 -11.80 15.13 7.66
CA SER A 205 -10.50 14.90 7.03
C SER A 205 -9.90 13.56 7.42
N LYS A 206 -10.37 12.95 8.51
CA LYS A 206 -9.85 11.65 8.92
C LYS A 206 -10.31 10.54 7.98
N LEU A 207 -11.32 10.80 7.15
CA LEU A 207 -11.80 9.81 6.19
C LEU A 207 -11.23 9.97 4.80
N MET A 208 -10.72 11.16 4.46
CA MET A 208 -10.31 11.41 3.09
C MET A 208 -8.93 10.83 2.82
N SER A 209 -8.62 10.66 1.54
CA SER A 209 -7.30 10.17 1.15
C SER A 209 -7.02 10.62 -0.27
N ALA A 210 -5.73 10.69 -0.59
CA ALA A 210 -5.32 10.99 -1.96
C ALA A 210 -4.04 10.22 -2.23
N ALA A 211 -3.75 10.05 -3.51
CA ALA A 211 -2.56 9.31 -3.92
C ALA A 211 -2.28 9.63 -5.38
N ILE A 212 -1.01 9.55 -5.75
CA ILE A 212 -0.62 9.70 -7.15
C ILE A 212 0.66 8.90 -7.37
N LYS A 213 0.69 8.13 -8.46
CA LYS A 213 1.86 7.32 -8.76
C LYS A 213 1.75 6.80 -10.18
N ASP A 214 2.89 6.73 -10.87
CA ASP A 214 2.95 6.27 -12.25
C ASP A 214 2.03 7.09 -13.16
N ASN A 215 1.83 8.36 -12.81
CA ASN A 215 0.91 9.24 -13.51
C ASN A 215 -0.52 8.69 -13.51
N ARG A 216 -0.92 8.14 -12.37
CA ARG A 216 -2.31 7.81 -12.09
C ARG A 216 -2.64 8.41 -10.73
N ALA A 217 -3.67 9.26 -10.68
CA ALA A 217 -4.01 10.00 -9.48
C ALA A 217 -5.38 9.57 -8.98
N VAL A 218 -5.56 9.58 -7.67
CA VAL A 218 -6.78 9.13 -7.03
C VAL A 218 -7.09 10.05 -5.86
N HIS A 219 -8.31 10.56 -5.83
CA HIS A 219 -8.87 11.17 -4.63
C HIS A 219 -9.97 10.23 -4.12
N ALA A 220 -9.87 9.82 -2.87
CA ALA A 220 -10.66 8.71 -2.38
C ALA A 220 -11.25 9.06 -1.01
N ASP A 221 -12.26 8.28 -0.65
CA ASP A 221 -13.16 8.57 0.46
C ASP A 221 -13.90 7.27 0.76
N MET A 222 -14.72 7.29 1.82
CA MET A 222 -15.61 6.17 2.08
C MET A 222 -16.66 5.99 1.00
N GLY A 223 -16.94 7.03 0.23
CA GLY A 223 -18.00 6.98 -0.75
C GLY A 223 -17.65 7.50 -2.13
N TYR A 224 -16.49 8.15 -2.26
CA TYR A 224 -16.02 8.66 -3.54
C TYR A 224 -14.83 7.84 -4.02
N TRP A 225 -14.63 7.80 -5.34
CA TRP A 225 -13.36 7.33 -5.88
C TRP A 225 -13.14 8.01 -7.23
N ILE A 226 -12.20 8.96 -7.28
CA ILE A 226 -11.98 9.80 -8.43
C ILE A 226 -10.59 9.51 -8.99
N GLU A 227 -10.53 8.99 -10.21
CA GLU A 227 -9.29 8.67 -10.89
C GLU A 227 -9.03 9.66 -12.02
N SER A 228 -7.82 10.21 -12.04
CA SER A 228 -7.32 11.04 -13.12
C SER A 228 -6.05 10.38 -13.65
N ALA A 229 -5.68 10.74 -14.88
CA ALA A 229 -4.57 10.04 -15.53
C ALA A 229 -3.86 10.99 -16.48
N LEU A 230 -2.60 10.68 -16.75
CA LEU A 230 -1.78 11.43 -17.69
C LEU A 230 -1.72 10.66 -19.00
N ASN A 231 -2.54 11.07 -19.96
CA ASN A 231 -2.49 10.58 -21.33
C ASN A 231 -2.33 11.83 -22.19
N ASP A 232 -1.07 12.16 -22.51
CA ASP A 232 -0.68 13.40 -23.19
C ASP A 232 -0.86 14.60 -22.26
N THR A 233 -2.02 14.71 -21.62
CA THR A 233 -2.26 15.75 -20.62
C THR A 233 -2.94 15.14 -19.40
N TRP A 234 -2.95 15.91 -18.31
CA TRP A 234 -3.63 15.51 -17.08
C TRP A 234 -5.11 15.88 -17.14
N LYS A 235 -5.96 14.89 -16.87
CA LYS A 235 -7.40 15.09 -16.90
C LYS A 235 -8.06 14.00 -16.06
N ILE A 236 -9.31 14.25 -15.65
CA ILE A 236 -10.08 13.25 -14.94
C ILE A 236 -10.54 12.16 -15.92
N GLU A 237 -10.54 10.92 -15.46
CA GLU A 237 -10.90 9.79 -16.31
C GLU A 237 -12.07 8.98 -15.78
N LYS A 238 -12.11 8.69 -14.48
CA LYS A 238 -13.21 7.91 -13.94
C LYS A 238 -13.67 8.51 -12.62
N ALA A 239 -14.94 8.29 -12.29
CA ALA A 239 -15.47 8.76 -11.02
C ALA A 239 -16.57 7.83 -10.58
N SER A 240 -16.52 7.40 -9.33
CA SER A 240 -17.50 6.47 -8.78
C SER A 240 -18.09 7.05 -7.51
N PHE A 241 -19.43 7.01 -7.41
CA PHE A 241 -20.14 7.59 -6.28
C PHE A 241 -21.15 6.58 -5.75
N ILE A 242 -21.10 6.35 -4.43
CA ILE A 242 -22.12 5.58 -3.72
C ILE A 242 -23.01 6.58 -3.00
N GLU A 243 -22.43 7.72 -2.64
CA GLU A 243 -23.13 8.83 -2.02
C GLU A 243 -22.86 10.10 -2.82
N VAL A 244 -23.63 11.14 -2.54
CA VAL A 244 -23.34 12.48 -3.03
C VAL A 244 -23.59 13.45 -1.88
N LYS A 245 -22.52 14.02 -1.35
CA LYS A 245 -22.60 14.88 -0.16
C LYS A 245 -22.44 16.34 -0.55
N ASN A 246 -22.63 17.21 0.45
CA ASN A 246 -22.69 18.66 0.23
C ASN A 246 -21.63 19.40 1.02
N CYS A 247 -20.57 18.72 1.43
CA CYS A 247 -19.47 19.33 2.16
C CYS A 247 -18.37 19.71 1.17
N HIS A 248 -17.33 20.37 1.68
CA HIS A 248 -16.21 20.78 0.85
C HIS A 248 -15.04 19.84 1.06
N TRP A 249 -14.37 19.50 -0.03
CA TRP A 249 -13.20 18.64 0.05
C TRP A 249 -12.03 19.47 0.58
N PRO A 250 -11.48 19.14 1.74
CA PRO A 250 -10.42 20.00 2.31
C PRO A 250 -9.17 19.94 1.44
N LYS A 251 -8.61 21.12 1.18
CA LYS A 251 -7.44 21.17 0.31
C LYS A 251 -6.24 20.46 0.93
N SER A 252 -6.26 20.25 2.25
CA SER A 252 -5.21 19.49 2.91
C SER A 252 -5.06 18.10 2.33
N HIS A 253 -6.13 17.55 1.76
CA HIS A 253 -6.10 16.22 1.19
C HIS A 253 -6.28 16.26 -0.32
N THR A 254 -5.76 17.30 -0.97
CA THR A 254 -6.03 17.56 -2.38
C THR A 254 -4.73 17.70 -3.16
N LEU A 255 -4.62 16.94 -4.24
CA LEU A 255 -3.49 17.09 -5.15
C LEU A 255 -3.72 18.25 -6.11
N TRP A 256 -2.66 19.03 -6.34
CA TRP A 256 -2.64 20.07 -7.37
C TRP A 256 -3.76 21.09 -7.16
N SER A 257 -3.79 21.68 -5.96
CA SER A 257 -4.90 22.54 -5.56
C SER A 257 -4.61 24.03 -5.81
N ASN A 258 -3.59 24.34 -6.59
CA ASN A 258 -3.23 25.71 -6.92
C ASN A 258 -3.65 26.04 -8.35
N GLY A 259 -3.95 27.32 -8.57
CA GLY A 259 -4.30 27.80 -9.91
C GLY A 259 -5.49 27.10 -10.53
N VAL A 260 -6.50 26.80 -9.73
CA VAL A 260 -7.71 26.12 -10.22
C VAL A 260 -8.83 27.13 -10.31
N LEU A 261 -9.55 27.12 -11.43
CA LEU A 261 -10.82 27.83 -11.52
C LEU A 261 -11.91 26.86 -11.11
N GLU A 262 -12.73 27.27 -10.15
CA GLU A 262 -13.86 26.43 -9.74
C GLU A 262 -14.80 26.16 -10.91
N SER A 263 -14.94 27.12 -11.83
CA SER A 263 -15.80 26.95 -12.99
C SER A 263 -15.30 25.87 -13.95
N GLU A 264 -14.07 25.38 -13.77
CA GLU A 264 -13.56 24.29 -14.59
C GLU A 264 -13.50 22.96 -13.85
N MET A 265 -13.73 22.97 -12.53
CA MET A 265 -13.82 21.73 -11.78
C MET A 265 -14.98 20.91 -12.30
N ILE A 266 -14.70 19.69 -12.77
CA ILE A 266 -15.75 18.83 -13.29
C ILE A 266 -16.75 18.51 -12.18
N ILE A 267 -16.31 17.78 -11.18
CA ILE A 267 -17.12 17.54 -9.99
C ILE A 267 -17.21 18.86 -9.22
N PRO A 268 -18.41 19.37 -8.97
CA PRO A 268 -18.53 20.70 -8.38
C PRO A 268 -17.96 20.76 -6.96
N LYS A 269 -17.40 21.93 -6.63
CA LYS A 269 -16.84 22.14 -5.30
C LYS A 269 -17.88 21.94 -4.22
N ASN A 270 -19.12 22.37 -4.47
CA ASN A 270 -20.17 22.26 -3.47
C ASN A 270 -20.62 20.83 -3.24
N LEU A 271 -20.22 19.89 -4.11
CA LEU A 271 -20.52 18.47 -3.94
C LEU A 271 -19.27 17.69 -3.57
N ALA A 272 -18.46 18.26 -2.70
CA ALA A 272 -17.21 17.63 -2.21
C ALA A 272 -16.22 17.40 -3.33
N GLY A 273 -16.32 18.18 -4.41
CA GLY A 273 -15.35 18.13 -5.46
C GLY A 273 -14.02 18.72 -5.01
N PRO A 274 -12.94 17.97 -5.22
CA PRO A 274 -11.62 18.48 -4.81
C PRO A 274 -11.19 19.64 -5.70
N VAL A 275 -10.78 20.72 -5.05
CA VAL A 275 -10.32 21.89 -5.80
C VAL A 275 -8.96 21.52 -6.37
N SER A 276 -8.94 21.02 -7.60
CA SER A 276 -7.75 20.37 -8.12
C SER A 276 -7.75 20.44 -9.64
N GLN A 277 -6.55 20.57 -10.22
CA GLN A 277 -6.44 20.47 -11.66
C GLN A 277 -6.57 19.03 -12.17
N HIS A 278 -6.55 18.05 -11.26
CA HIS A 278 -6.96 16.70 -11.60
C HIS A 278 -8.47 16.58 -11.74
N ASN A 279 -9.20 17.57 -11.22
CA ASN A 279 -10.65 17.65 -11.34
C ASN A 279 -11.03 18.48 -12.56
N TYR A 280 -10.55 18.04 -13.72
CA TYR A 280 -10.60 18.84 -14.93
C TYR A 280 -10.66 17.92 -16.14
N ARG A 281 -11.44 18.33 -17.14
CA ARG A 281 -11.49 17.66 -18.42
C ARG A 281 -11.56 18.74 -19.48
N PRO A 282 -10.67 18.71 -20.47
CA PRO A 282 -10.69 19.74 -21.52
C PRO A 282 -12.01 19.72 -22.26
N GLY A 283 -12.58 20.91 -22.47
CA GLY A 283 -13.83 21.04 -23.18
C GLY A 283 -15.07 20.97 -22.33
N TYR A 284 -14.93 20.71 -21.03
CA TYR A 284 -16.07 20.64 -20.13
C TYR A 284 -15.85 21.57 -18.95
N HIS A 285 -16.94 22.10 -18.43
CA HIS A 285 -16.94 22.94 -17.25
C HIS A 285 -17.76 22.26 -16.16
N THR A 286 -17.97 22.97 -15.05
CA THR A 286 -18.60 22.40 -13.86
C THR A 286 -19.95 21.76 -14.19
N GLN A 287 -20.14 20.55 -13.69
CA GLN A 287 -21.39 19.80 -13.90
C GLN A 287 -22.33 20.09 -12.75
N ILE A 288 -22.80 21.33 -12.70
CA ILE A 288 -23.69 21.77 -11.62
C ILE A 288 -24.99 20.99 -11.66
N THR A 289 -25.56 20.82 -12.84
CA THR A 289 -26.85 20.14 -13.01
C THR A 289 -26.68 18.75 -13.61
N GLY A 290 -25.69 18.00 -13.14
CA GLY A 290 -25.58 16.60 -13.46
C GLY A 290 -26.66 15.79 -12.77
N PRO A 291 -26.79 14.52 -13.14
CA PRO A 291 -27.81 13.68 -12.51
C PRO A 291 -27.46 13.27 -11.10
N TRP A 292 -27.04 14.23 -10.27
CA TRP A 292 -26.59 13.90 -8.92
C TRP A 292 -27.71 13.39 -8.02
N HIS A 293 -28.98 13.68 -8.37
CA HIS A 293 -30.09 13.11 -7.64
C HIS A 293 -30.16 11.59 -7.71
N LEU A 294 -29.38 10.96 -8.58
CA LEU A 294 -29.34 9.50 -8.60
C LEU A 294 -28.81 8.93 -7.29
N GLY A 295 -28.00 9.70 -6.57
CA GLY A 295 -27.40 9.23 -5.32
C GLY A 295 -26.21 8.32 -5.50
N LYS A 296 -26.36 7.25 -6.28
CA LYS A 296 -25.29 6.33 -6.61
C LYS A 296 -25.13 6.29 -8.13
N LEU A 297 -23.92 6.55 -8.62
CA LEU A 297 -23.74 6.60 -10.07
C LEU A 297 -22.27 6.42 -10.42
N GLU A 298 -22.01 6.38 -11.73
CA GLU A 298 -20.71 6.01 -12.28
C GLU A 298 -20.45 6.91 -13.49
N MET A 299 -19.57 7.90 -13.31
CA MET A 299 -19.22 8.83 -14.37
C MET A 299 -17.92 8.39 -15.07
N ASP A 300 -17.94 8.43 -16.40
CA ASP A 300 -16.75 8.18 -17.18
C ASP A 300 -16.88 8.92 -18.51
N PHE A 301 -16.00 8.59 -19.45
CA PHE A 301 -15.96 9.25 -20.74
C PHE A 301 -16.03 8.19 -21.84
N ASP A 302 -17.22 7.99 -22.37
CA ASP A 302 -17.51 6.97 -23.37
C ASP A 302 -18.91 7.25 -23.89
N PHE A 303 -19.25 6.59 -25.01
CA PHE A 303 -20.57 6.77 -25.59
C PHE A 303 -21.60 5.97 -24.82
N CYS A 304 -22.77 6.57 -24.60
CA CYS A 304 -23.90 5.80 -24.08
C CYS A 304 -24.29 4.75 -25.10
N ASP A 305 -24.63 3.55 -24.61
CA ASP A 305 -24.96 2.43 -25.47
C ASP A 305 -26.01 2.80 -26.50
N GLY A 306 -25.69 2.56 -27.77
CA GLY A 306 -26.63 2.79 -28.84
C GLY A 306 -26.72 4.22 -29.34
N THR A 307 -25.85 5.11 -28.87
CA THR A 307 -25.91 6.52 -29.21
C THR A 307 -24.60 6.96 -29.87
N THR A 308 -24.64 8.16 -30.43
CA THR A 308 -23.48 8.76 -31.08
C THR A 308 -23.50 10.26 -30.83
N VAL A 309 -22.38 10.79 -30.35
CA VAL A 309 -22.24 12.22 -30.08
C VAL A 309 -21.31 12.81 -31.14
N VAL A 310 -21.71 13.96 -31.70
CA VAL A 310 -20.88 14.69 -32.64
C VAL A 310 -20.63 16.09 -32.10
N VAL A 311 -19.57 16.71 -32.59
CA VAL A 311 -19.17 18.07 -32.20
C VAL A 311 -19.53 19.01 -33.33
N THR A 312 -20.52 19.87 -33.08
CA THR A 312 -20.94 20.88 -34.03
C THR A 312 -21.25 22.17 -33.27
N GLU A 313 -21.04 23.31 -33.93
CA GLU A 313 -21.38 24.58 -33.33
C GLU A 313 -22.88 24.87 -33.39
N ASP A 314 -23.62 24.17 -34.25
CA ASP A 314 -25.07 24.33 -34.33
C ASP A 314 -25.80 23.74 -33.13
N CYS A 315 -25.08 23.01 -32.27
CA CYS A 315 -25.71 22.32 -31.15
C CYS A 315 -26.21 23.33 -30.13
N GLY A 316 -27.12 22.87 -29.28
CA GLY A 316 -27.66 23.71 -28.25
C GLY A 316 -26.67 23.97 -27.13
N ASN A 317 -26.97 25.00 -26.34
CA ASN A 317 -26.11 25.35 -25.22
C ASN A 317 -26.22 24.31 -24.12
N ARG A 318 -25.29 24.38 -23.17
CA ARG A 318 -25.26 23.43 -22.08
C ARG A 318 -26.39 23.70 -21.09
N GLY A 319 -27.07 22.63 -20.68
CA GLY A 319 -28.13 22.73 -19.71
C GLY A 319 -28.15 21.54 -18.79
N PRO A 320 -29.27 21.34 -18.09
CA PRO A 320 -29.38 20.17 -17.21
C PRO A 320 -29.15 18.87 -17.97
N SER A 321 -28.63 17.88 -17.25
CA SER A 321 -28.30 16.60 -17.86
C SER A 321 -29.54 15.85 -18.31
N LEU A 322 -29.47 15.29 -19.52
CA LEU A 322 -30.53 14.47 -20.09
C LEU A 322 -30.06 13.02 -20.15
N ARG A 323 -31.02 12.10 -20.11
CA ARG A 323 -30.72 10.68 -20.21
C ARG A 323 -31.18 10.15 -21.56
N THR A 324 -30.46 9.14 -22.06
CA THR A 324 -30.63 8.68 -23.43
C THR A 324 -31.96 7.98 -23.68
N THR A 325 -32.69 7.61 -22.63
CA THR A 325 -33.97 6.93 -22.78
C THR A 325 -35.10 7.85 -22.32
N THR A 326 -36.13 7.96 -23.15
CA THR A 326 -37.32 8.69 -22.73
C THR A 326 -38.02 7.94 -21.60
N ALA A 327 -38.99 8.60 -20.97
CA ALA A 327 -39.75 7.94 -19.92
C ALA A 327 -40.45 6.69 -20.45
N SER A 328 -40.87 6.70 -21.72
CA SER A 328 -41.55 5.56 -22.32
C SER A 328 -40.60 4.47 -22.79
N GLY A 329 -39.30 4.71 -22.81
CA GLY A 329 -38.34 3.70 -23.19
C GLY A 329 -37.71 3.86 -24.56
N LYS A 330 -38.10 4.87 -25.34
CA LYS A 330 -37.45 5.12 -26.62
C LYS A 330 -36.03 5.60 -26.40
N LEU A 331 -35.11 5.14 -27.25
CA LEU A 331 -33.73 5.57 -27.21
C LEU A 331 -33.51 6.74 -28.16
N ILE A 332 -32.86 7.79 -27.67
CA ILE A 332 -32.44 8.90 -28.51
C ILE A 332 -31.02 8.63 -28.98
N THR A 333 -30.87 8.47 -30.29
CA THR A 333 -29.60 7.98 -30.83
C THR A 333 -28.58 9.09 -31.09
N GLU A 334 -29.00 10.20 -31.68
CA GLU A 334 -28.07 11.23 -32.17
C GLU A 334 -27.98 12.37 -31.17
N TRP A 335 -26.77 12.64 -30.71
CA TRP A 335 -26.49 13.73 -29.77
C TRP A 335 -25.33 14.54 -30.32
N CYS A 336 -25.14 15.73 -29.72
CA CYS A 336 -24.06 16.61 -30.11
C CYS A 336 -23.59 17.40 -28.89
N CYS A 337 -22.51 18.13 -29.08
CA CYS A 337 -22.06 19.11 -28.11
C CYS A 337 -21.40 20.26 -28.87
N ARG A 338 -21.41 21.44 -28.26
CA ARG A 338 -20.90 22.62 -28.94
C ARG A 338 -19.37 22.64 -28.96
N SER A 339 -18.75 22.61 -27.77
CA SER A 339 -17.30 22.76 -27.67
C SER A 339 -16.66 21.72 -26.75
N CYS A 340 -17.33 20.59 -26.52
CA CYS A 340 -16.77 19.54 -25.69
C CYS A 340 -15.79 18.69 -26.50
N THR A 341 -15.06 17.83 -25.80
CA THR A 341 -14.10 16.92 -26.39
C THR A 341 -14.54 15.48 -26.19
N LEU A 342 -14.50 14.69 -27.26
CA LEU A 342 -14.85 13.28 -27.12
C LEU A 342 -13.68 12.49 -26.55
N PRO A 343 -13.95 11.36 -25.85
CA PRO A 343 -15.26 10.76 -25.58
C PRO A 343 -16.18 11.62 -24.72
N PRO A 344 -17.49 11.45 -24.88
CA PRO A 344 -18.42 12.34 -24.18
C PRO A 344 -18.52 11.99 -22.70
N LEU A 345 -18.67 13.02 -21.88
CA LEU A 345 -18.89 12.81 -20.45
C LEU A 345 -20.23 12.13 -20.25
N ARG A 346 -20.21 10.94 -19.66
CA ARG A 346 -21.42 10.18 -19.45
C ARG A 346 -21.52 9.74 -17.99
N TYR A 347 -22.75 9.68 -17.50
CA TYR A 347 -23.08 9.11 -16.21
C TYR A 347 -23.90 7.85 -16.44
N ARG A 348 -23.78 6.90 -15.53
CA ARG A 348 -24.62 5.70 -15.56
C ARG A 348 -25.14 5.45 -14.16
N GLY A 349 -26.47 5.31 -14.05
CA GLY A 349 -27.10 5.14 -12.77
C GLY A 349 -28.19 4.08 -12.82
N GLU A 350 -28.88 3.93 -11.69
CA GLU A 350 -29.87 2.87 -11.51
C GLU A 350 -30.98 2.92 -12.55
N ASP A 351 -31.07 3.98 -13.35
CA ASP A 351 -32.12 4.08 -14.34
C ASP A 351 -31.59 4.34 -15.75
N GLY A 352 -30.29 4.15 -15.99
CA GLY A 352 -29.84 4.23 -17.36
C GLY A 352 -28.65 5.16 -17.52
N CYS A 353 -28.44 5.56 -18.77
CA CYS A 353 -27.27 6.34 -19.17
C CYS A 353 -27.69 7.79 -19.39
N TRP A 354 -26.96 8.70 -18.75
CA TRP A 354 -27.16 10.14 -18.89
C TRP A 354 -25.90 10.74 -19.51
N TYR A 355 -26.06 11.95 -20.05
CA TYR A 355 -24.94 12.66 -20.67
C TYR A 355 -24.63 13.93 -19.91
N GLY A 356 -23.42 14.42 -20.13
CA GLY A 356 -22.98 15.67 -19.52
C GLY A 356 -23.83 16.85 -19.93
N MET A 357 -23.66 17.95 -19.19
CA MET A 357 -24.50 19.12 -19.38
C MET A 357 -24.36 19.69 -20.79
N GLU A 358 -23.19 19.56 -21.39
CA GLU A 358 -22.94 20.12 -22.72
C GLU A 358 -23.35 19.18 -23.85
N ILE A 359 -23.86 17.99 -23.53
CA ILE A 359 -24.30 17.03 -24.52
C ILE A 359 -25.81 17.14 -24.67
N ARG A 360 -26.26 17.54 -25.85
CA ARG A 360 -27.66 17.80 -26.16
C ARG A 360 -28.13 16.85 -27.27
N PRO A 361 -29.43 16.72 -27.47
CA PRO A 361 -29.90 15.92 -28.60
C PRO A 361 -29.70 16.66 -29.91
N LEU A 362 -29.25 15.92 -30.92
CA LEU A 362 -29.00 16.54 -32.22
C LEU A 362 -30.30 16.97 -32.89
N LYS A 363 -31.21 16.02 -33.08
CA LYS A 363 -32.48 16.28 -33.74
C LYS A 363 -33.68 16.27 -32.81
N GLU A 364 -33.66 15.44 -31.77
CA GLU A 364 -34.82 15.30 -30.89
C GLU A 364 -35.05 16.58 -30.10
N LYS A 365 -36.33 16.88 -29.85
CA LYS A 365 -36.70 18.02 -29.03
C LYS A 365 -36.50 17.69 -27.56
N GLU A 366 -35.88 18.62 -26.82
CA GLU A 366 -35.54 18.37 -25.42
C GLU A 366 -36.77 18.18 -24.54
N GLU A 367 -37.94 18.62 -25.00
CA GLU A 367 -39.12 18.55 -24.13
C GLU A 367 -39.55 17.10 -23.88
N ASN A 368 -39.36 16.22 -24.85
CA ASN A 368 -39.75 14.82 -24.72
C ASN A 368 -38.79 14.01 -23.87
N LEU A 369 -37.61 14.54 -23.55
CA LEU A 369 -36.56 13.82 -22.86
C LEU A 369 -36.59 14.04 -21.35
N VAL A 370 -36.04 13.08 -20.63
CA VAL A 370 -35.93 13.13 -19.18
C VAL A 370 -34.72 13.98 -18.81
N ASN A 371 -34.93 14.94 -17.91
CA ASN A 371 -33.87 15.84 -17.49
C ASN A 371 -33.73 15.79 -15.97
N SER A 372 -32.62 16.34 -15.50
CA SER A 372 -32.18 16.23 -14.11
C SER A 372 -32.44 17.54 -13.37
N LEU A 373 -33.72 17.84 -13.15
CA LEU A 373 -34.07 19.01 -12.34
C LEU A 373 -35.10 18.69 -11.25
N ASP B 25 -3.02 -1.79 -8.68
CA ASP B 25 -2.23 -2.51 -7.68
C ASP B 25 -3.12 -3.30 -6.72
N SER B 26 -2.93 -4.61 -6.66
CA SER B 26 -3.74 -5.50 -5.82
C SER B 26 -2.84 -6.33 -4.92
N GLY B 27 -3.23 -6.47 -3.66
CA GLY B 27 -2.42 -7.24 -2.73
C GLY B 27 -2.85 -7.00 -1.29
N CYS B 28 -1.94 -7.31 -0.38
CA CYS B 28 -2.20 -7.24 1.06
C CYS B 28 -1.08 -6.49 1.76
N VAL B 29 -1.39 -6.02 2.97
CA VAL B 29 -0.54 -5.10 3.71
C VAL B 29 -0.86 -5.29 5.19
N VAL B 30 0.17 -5.18 6.04
CA VAL B 30 0.00 -5.21 7.49
C VAL B 30 0.51 -3.90 8.05
N SER B 31 -0.30 -3.26 8.89
CA SER B 31 0.08 -2.04 9.58
C SER B 31 0.38 -2.40 11.03
N TRP B 32 1.65 -2.23 11.43
CA TRP B 32 2.10 -2.51 12.78
C TRP B 32 1.52 -1.50 13.76
N LYS B 33 1.63 -0.21 13.42
CA LYS B 33 1.15 0.85 14.32
C LYS B 33 -0.37 0.79 14.42
N ASN B 34 -1.06 0.63 13.30
CA ASN B 34 -2.52 0.52 13.30
C ASN B 34 -2.99 -0.86 13.76
N LYS B 35 -2.08 -1.85 13.75
CA LYS B 35 -2.37 -3.19 14.26
C LYS B 35 -3.45 -3.89 13.45
N GLU B 36 -3.40 -3.78 12.12
CA GLU B 36 -4.40 -4.48 11.32
C GLU B 36 -3.78 -4.98 10.03
N LEU B 37 -4.50 -5.88 9.36
CA LEU B 37 -4.13 -6.39 8.06
C LEU B 37 -5.24 -6.07 7.06
N LYS B 38 -4.86 -5.56 5.89
CA LYS B 38 -5.78 -5.09 4.89
C LYS B 38 -5.38 -5.63 3.52
N CYS B 39 -6.33 -6.19 2.80
CA CYS B 39 -6.13 -6.62 1.43
C CYS B 39 -7.08 -5.86 0.52
N GLY B 40 -6.76 -5.84 -0.76
CA GLY B 40 -7.59 -5.19 -1.74
C GLY B 40 -6.75 -4.60 -2.85
N SER B 41 -7.39 -3.73 -3.63
CA SER B 41 -6.77 -3.08 -4.78
C SER B 41 -6.77 -1.58 -4.59
N GLY B 42 -5.81 -0.92 -5.23
CA GLY B 42 -5.68 0.52 -5.15
C GLY B 42 -4.31 1.03 -5.58
N ILE B 43 -3.70 1.88 -4.75
CA ILE B 43 -2.40 2.47 -5.04
C ILE B 43 -1.49 2.24 -3.85
N PHE B 44 -0.27 1.76 -4.11
CA PHE B 44 0.72 1.49 -3.08
C PHE B 44 1.94 2.37 -3.32
N ILE B 45 2.20 3.29 -2.40
CA ILE B 45 3.37 4.15 -2.44
C ILE B 45 4.43 3.52 -1.54
N THR B 46 5.52 3.02 -2.14
CA THR B 46 6.57 2.36 -1.40
C THR B 46 7.66 3.35 -1.00
N ASP B 47 8.35 3.04 0.10
CA ASP B 47 9.44 3.87 0.61
C ASP B 47 10.70 3.41 -0.11
N ASN B 48 11.02 4.09 -1.21
CA ASN B 48 12.14 3.73 -2.07
C ASN B 48 13.45 4.37 -1.64
N VAL B 49 13.54 4.82 -0.39
CA VAL B 49 14.75 5.40 0.16
C VAL B 49 15.41 4.46 1.15
N HIS B 50 14.64 3.93 2.11
CA HIS B 50 15.13 2.97 3.08
C HIS B 50 15.04 1.53 2.58
N THR B 51 15.17 1.32 1.27
CA THR B 51 15.24 -0.03 0.72
C THR B 51 16.65 -0.60 0.91
N TRP B 52 16.71 -1.90 1.17
CA TRP B 52 17.98 -2.54 1.51
C TRP B 52 18.87 -2.74 0.29
N THR B 53 18.28 -2.98 -0.88
CA THR B 53 19.03 -3.13 -2.11
C THR B 53 18.48 -2.16 -3.15
N GLU B 54 19.23 -2.00 -4.25
CA GLU B 54 18.83 -1.10 -5.31
C GLU B 54 17.63 -1.72 -6.01
N GLN B 55 16.45 -1.17 -5.74
CA GLN B 55 15.22 -1.70 -6.35
C GLN B 55 15.08 -1.28 -7.80
N TYR B 56 15.56 -0.07 -8.15
CA TYR B 56 15.39 0.47 -9.50
C TYR B 56 16.75 0.92 -10.02
N LYS B 57 16.96 0.76 -11.32
CA LYS B 57 18.16 1.24 -11.99
C LYS B 57 17.79 1.90 -13.31
N PHE B 58 18.47 3.00 -13.61
CA PHE B 58 18.26 3.72 -14.86
C PHE B 58 19.09 3.10 -15.99
N GLN B 59 18.47 2.94 -17.15
CA GLN B 59 19.16 2.52 -18.36
C GLN B 59 18.56 3.29 -19.51
N PRO B 60 19.36 3.63 -20.51
CA PRO B 60 18.83 4.28 -21.71
C PRO B 60 18.30 3.26 -22.71
N GLU B 61 17.23 3.66 -23.40
CA GLU B 61 16.69 2.80 -24.45
C GLU B 61 17.62 2.75 -25.65
N SER B 62 18.29 3.86 -25.97
CA SER B 62 19.22 3.93 -27.08
C SER B 62 20.47 4.68 -26.67
N PRO B 63 21.54 3.99 -26.28
CA PRO B 63 22.81 4.68 -26.02
C PRO B 63 23.35 5.41 -27.24
N SER B 64 23.02 4.95 -28.45
CA SER B 64 23.52 5.61 -29.65
C SER B 64 22.89 6.98 -29.85
N LYS B 65 21.59 7.11 -29.56
CA LYS B 65 20.97 8.43 -29.58
C LYS B 65 21.63 9.35 -28.56
N LEU B 66 21.98 8.82 -27.39
CA LEU B 66 22.66 9.63 -26.40
C LEU B 66 24.02 10.09 -26.91
N ALA B 67 24.76 9.21 -27.59
CA ALA B 67 26.04 9.61 -28.15
C ALA B 67 25.87 10.68 -29.22
N SER B 68 24.82 10.56 -30.05
CA SER B 68 24.55 11.59 -31.06
C SER B 68 24.25 12.94 -30.41
N ALA B 69 23.42 12.92 -29.36
CA ALA B 69 23.08 14.18 -28.70
C ALA B 69 24.28 14.78 -27.99
N ILE B 70 25.21 13.93 -27.52
CA ILE B 70 26.40 14.46 -26.85
C ILE B 70 27.36 15.07 -27.88
N GLN B 71 27.50 14.43 -29.05
CA GLN B 71 28.17 15.08 -30.18
C GLN B 71 27.61 16.48 -30.41
N LYS B 72 26.30 16.56 -30.68
CA LYS B 72 25.65 17.85 -30.93
C LYS B 72 25.89 18.85 -29.81
N ALA B 73 25.83 18.40 -28.56
CA ALA B 73 26.03 19.30 -27.43
C ALA B 73 27.46 19.84 -27.40
N HIS B 74 28.46 18.95 -27.44
CA HIS B 74 29.85 19.39 -27.39
C HIS B 74 30.19 20.33 -28.53
N GLU B 75 29.63 20.09 -29.72
CA GLU B 75 29.88 21.00 -30.83
C GLU B 75 29.33 22.40 -30.55
N GLU B 76 28.16 22.49 -29.91
CA GLU B 76 27.51 23.76 -29.65
C GLU B 76 28.13 24.53 -28.49
N GLY B 77 29.18 24.01 -27.88
CA GLY B 77 29.80 24.67 -26.74
C GLY B 77 29.36 24.16 -25.39
N ILE B 78 28.71 23.00 -25.32
CA ILE B 78 28.33 22.40 -24.05
C ILE B 78 29.46 21.45 -23.66
N CYS B 79 30.16 21.77 -22.58
CA CYS B 79 31.36 21.05 -22.19
C CYS B 79 31.06 19.83 -21.32
N GLY B 80 29.86 19.73 -20.76
CA GLY B 80 29.54 18.62 -19.90
C GLY B 80 28.09 18.65 -19.49
N ILE B 81 27.74 17.76 -18.56
CA ILE B 81 26.38 17.70 -18.03
C ILE B 81 26.43 17.45 -16.52
N ARG B 82 25.35 17.84 -15.85
CA ARG B 82 25.13 17.58 -14.44
C ARG B 82 23.85 16.77 -14.28
N SER B 83 23.94 15.67 -13.55
CA SER B 83 22.77 14.82 -13.33
C SER B 83 21.80 15.48 -12.36
N VAL B 84 20.51 15.19 -12.56
CA VAL B 84 19.49 15.68 -11.63
C VAL B 84 19.38 14.74 -10.43
N THR B 85 19.20 13.45 -10.70
CA THR B 85 19.05 12.44 -9.66
C THR B 85 20.29 11.57 -9.59
N ARG B 86 20.46 10.90 -8.44
CA ARG B 86 21.63 10.06 -8.22
C ARG B 86 21.64 8.86 -9.15
N LEU B 87 20.46 8.28 -9.41
CA LEU B 87 20.37 7.14 -10.31
C LEU B 87 20.84 7.50 -11.71
N GLU B 88 20.65 8.76 -12.13
CA GLU B 88 21.16 9.20 -13.41
C GLU B 88 22.69 9.17 -13.42
N ASN B 89 23.32 9.57 -12.32
CA ASN B 89 24.78 9.51 -12.20
C ASN B 89 25.27 8.06 -12.27
N LEU B 90 24.60 7.16 -11.53
CA LEU B 90 24.98 5.76 -11.59
C LEU B 90 24.80 5.20 -13.01
N MET B 91 23.76 5.64 -13.72
CA MET B 91 23.57 5.23 -15.10
C MET B 91 24.71 5.71 -15.99
N TRP B 92 25.12 6.96 -15.82
CA TRP B 92 26.26 7.46 -16.60
C TRP B 92 27.52 6.65 -16.30
N LYS B 93 27.69 6.24 -15.04
CA LYS B 93 28.83 5.41 -14.68
C LYS B 93 28.78 4.07 -15.41
N GLN B 94 27.60 3.43 -15.40
CA GLN B 94 27.46 2.15 -16.07
C GLN B 94 27.63 2.27 -17.59
N ILE B 95 27.28 3.43 -18.16
CA ILE B 95 27.18 3.56 -19.61
C ILE B 95 28.43 4.15 -20.28
N THR B 96 29.30 4.82 -19.51
CA THR B 96 30.39 5.57 -20.12
C THR B 96 31.33 4.75 -20.98
N PRO B 97 31.73 3.51 -20.62
CA PRO B 97 32.54 2.71 -21.55
C PRO B 97 31.90 2.56 -22.93
N GLU B 98 30.62 2.21 -22.99
CA GLU B 98 29.97 2.03 -24.28
C GLU B 98 29.76 3.35 -25.00
N LEU B 99 29.52 4.45 -24.26
CA LEU B 99 29.41 5.75 -24.90
C LEU B 99 30.72 6.13 -25.58
N ASN B 100 31.85 5.92 -24.88
CA ASN B 100 33.15 6.23 -25.48
C ASN B 100 33.47 5.28 -26.63
N HIS B 101 32.97 4.04 -26.57
CA HIS B 101 33.27 3.12 -27.66
C HIS B 101 32.47 3.45 -28.91
N ILE B 102 31.17 3.74 -28.75
CA ILE B 102 30.34 4.21 -29.85
C ILE B 102 30.86 5.54 -30.40
N LEU B 103 31.42 6.40 -29.53
CA LEU B 103 32.02 7.64 -30.00
C LEU B 103 33.28 7.39 -30.82
N SER B 104 34.12 6.47 -30.37
CA SER B 104 35.37 6.16 -31.08
C SER B 104 35.06 5.55 -32.44
N GLU B 105 34.04 4.68 -32.50
CA GLU B 105 33.63 4.06 -33.75
C GLU B 105 33.07 5.07 -34.73
N ASN B 106 32.40 6.11 -34.24
CA ASN B 106 31.78 7.13 -35.07
C ASN B 106 32.73 8.26 -35.48
N GLU B 107 34.04 8.07 -35.34
CA GLU B 107 35.03 9.01 -35.85
C GLU B 107 34.87 10.43 -35.26
N VAL B 108 35.18 10.54 -33.97
CA VAL B 108 35.15 11.85 -33.31
C VAL B 108 36.00 11.81 -32.04
N LYS B 109 37.05 12.62 -31.99
CA LYS B 109 38.03 12.61 -30.89
C LYS B 109 37.50 13.41 -29.71
N LEU B 110 36.55 12.80 -28.98
CA LEU B 110 35.96 13.39 -27.79
C LEU B 110 35.85 12.32 -26.72
N THR B 111 36.47 12.56 -25.56
CA THR B 111 36.49 11.59 -24.47
C THR B 111 35.51 12.02 -23.37
N ILE B 112 34.60 11.13 -23.02
CA ILE B 112 33.63 11.35 -21.94
C ILE B 112 34.16 10.75 -20.65
N MET B 113 34.23 11.55 -19.59
CA MET B 113 34.48 11.03 -18.26
C MET B 113 33.42 11.55 -17.30
N THR B 114 32.85 10.66 -16.50
CA THR B 114 31.85 11.00 -15.51
C THR B 114 32.43 10.75 -14.12
N GLY B 115 32.22 11.70 -13.22
CA GLY B 115 32.73 11.63 -11.87
C GLY B 115 31.67 11.24 -10.86
N ASP B 116 31.96 11.57 -9.60
CA ASP B 116 31.10 11.21 -8.49
C ASP B 116 30.15 12.36 -8.17
N ILE B 117 29.47 12.26 -7.02
CA ILE B 117 28.44 13.19 -6.62
C ILE B 117 28.94 14.00 -5.45
N LYS B 118 28.74 15.31 -5.52
CA LYS B 118 28.95 16.20 -4.38
C LYS B 118 27.77 16.10 -3.42
N GLY B 119 27.49 17.16 -2.69
CA GLY B 119 26.28 17.20 -1.88
C GLY B 119 25.05 17.41 -2.72
N ILE B 120 24.73 18.68 -2.99
CA ILE B 120 23.63 19.03 -3.86
C ILE B 120 23.96 18.60 -5.29
N MET B 121 22.94 18.14 -6.01
CA MET B 121 23.06 17.92 -7.45
C MET B 121 22.80 19.27 -8.11
N GLN B 122 23.85 20.05 -8.32
CA GLN B 122 23.68 21.38 -8.87
C GLN B 122 23.17 21.32 -10.31
N ALA B 123 22.40 22.34 -10.69
CA ALA B 123 21.75 22.40 -11.99
C ALA B 123 22.63 23.10 -13.02
N GLY B 124 22.43 22.72 -14.28
CA GLY B 124 23.06 23.38 -15.41
C GLY B 124 22.07 24.18 -16.24
N LYS B 125 22.55 25.13 -17.03
CA LYS B 125 21.68 26.02 -17.80
C LYS B 125 21.51 25.59 -19.25
N ARG B 126 22.24 24.57 -19.70
CA ARG B 126 22.12 24.03 -21.04
C ARG B 126 21.37 22.70 -20.98
N SER B 127 21.26 22.03 -22.14
CA SER B 127 20.53 20.76 -22.21
C SER B 127 20.88 20.06 -23.51
N LEU B 128 20.73 18.74 -23.51
CA LEU B 128 20.85 17.95 -24.71
C LEU B 128 19.58 18.10 -25.54
N ARG B 129 19.55 17.48 -26.72
CA ARG B 129 18.40 17.63 -27.62
C ARG B 129 18.12 16.35 -28.39
N PRO B 130 16.84 16.02 -28.65
CA PRO B 130 16.46 14.80 -29.38
C PRO B 130 16.70 14.92 -30.87
N ASN B 154 43.77 17.28 -26.38
CA ASN B 154 42.55 16.74 -26.98
C ASN B 154 41.33 17.21 -26.18
N GLN B 155 40.14 16.92 -26.68
CA GLN B 155 38.92 17.44 -26.06
C GLN B 155 38.40 16.49 -24.98
N THR B 156 37.70 17.07 -24.00
CA THR B 156 37.18 16.34 -22.87
C THR B 156 35.72 16.74 -22.64
N PHE B 157 34.99 15.84 -21.99
CA PHE B 157 33.57 16.03 -21.69
C PHE B 157 33.32 15.52 -20.28
N LEU B 158 33.12 16.44 -19.34
CA LEU B 158 33.01 16.14 -17.92
C LEU B 158 31.54 16.00 -17.54
N ILE B 159 31.16 14.85 -17.01
CA ILE B 159 29.83 14.62 -16.46
C ILE B 159 29.93 14.57 -14.95
N ASP B 160 29.30 15.53 -14.28
CA ASP B 160 29.24 15.59 -12.81
C ASP B 160 30.67 15.75 -12.29
N GLY B 161 31.06 15.06 -11.23
CA GLY B 161 32.31 15.32 -10.57
C GLY B 161 32.21 16.57 -9.73
N PRO B 162 33.35 17.10 -9.31
CA PRO B 162 33.35 18.34 -8.51
C PRO B 162 33.23 19.56 -9.41
N GLU B 163 33.14 20.72 -8.78
CA GLU B 163 33.01 21.97 -9.51
C GLU B 163 34.29 22.23 -10.31
N THR B 164 34.16 23.05 -11.35
CA THR B 164 35.31 23.41 -12.15
C THR B 164 35.05 24.70 -12.92
N ALA B 165 36.11 25.48 -13.10
CA ALA B 165 36.03 26.72 -13.87
C ALA B 165 36.21 26.51 -15.36
N GLU B 166 36.91 25.43 -15.77
CA GLU B 166 37.07 25.17 -17.20
C GLU B 166 35.74 24.76 -17.84
N CYS B 167 34.83 24.20 -17.06
CA CYS B 167 33.55 23.71 -17.56
C CYS B 167 32.49 24.02 -16.51
N PRO B 168 32.06 25.27 -16.43
CA PRO B 168 31.13 25.66 -15.36
C PRO B 168 29.72 25.14 -15.64
N ASN B 169 28.85 25.32 -14.65
CA ASN B 169 27.48 24.88 -14.78
C ASN B 169 26.72 25.64 -15.87
N THR B 170 27.19 26.84 -16.22
CA THR B 170 26.56 27.60 -17.30
C THR B 170 26.59 26.84 -18.62
N ASN B 171 27.58 25.97 -18.81
CA ASN B 171 27.73 25.22 -20.06
C ASN B 171 27.57 23.72 -19.83
N ARG B 172 26.78 23.35 -18.82
CA ARG B 172 26.45 21.95 -18.56
C ARG B 172 24.98 21.70 -18.85
N ALA B 173 24.70 20.55 -19.46
CA ALA B 173 23.34 20.14 -19.72
C ALA B 173 22.73 19.52 -18.47
N TRP B 174 21.42 19.70 -18.30
CA TRP B 174 20.80 19.30 -17.06
C TRP B 174 19.31 19.06 -17.29
N ASN B 175 18.81 17.96 -16.74
CA ASN B 175 17.40 17.56 -16.83
C ASN B 175 16.98 17.45 -18.30
N SER B 176 17.64 16.52 -18.99
CA SER B 176 17.34 16.24 -20.39
C SER B 176 16.88 14.80 -20.60
N LEU B 177 16.56 14.08 -19.53
CA LEU B 177 16.08 12.71 -19.61
C LEU B 177 14.70 12.61 -18.98
N GLU B 178 13.84 11.79 -19.58
CA GLU B 178 12.56 11.42 -18.97
C GLU B 178 12.32 9.93 -19.15
N VAL B 179 11.37 9.41 -18.36
CA VAL B 179 11.12 7.97 -18.29
C VAL B 179 10.29 7.51 -19.49
N GLU B 180 10.69 6.37 -20.07
CA GLU B 180 9.95 5.75 -21.18
C GLU B 180 8.96 4.72 -20.68
N ASP B 181 9.47 3.62 -20.11
CA ASP B 181 8.63 2.55 -19.59
C ASP B 181 9.41 1.84 -18.48
N TYR B 182 8.91 0.66 -18.08
CA TYR B 182 9.44 -0.05 -16.93
C TYR B 182 9.86 -1.48 -17.29
N GLY B 183 10.97 -1.92 -16.68
CA GLY B 183 11.28 -3.32 -16.58
C GLY B 183 10.72 -3.92 -15.30
N PHE B 184 10.94 -5.22 -15.13
CA PHE B 184 10.32 -5.95 -14.02
C PHE B 184 11.32 -6.92 -13.41
N GLY B 185 10.94 -7.49 -12.27
CA GLY B 185 11.71 -8.54 -11.64
C GLY B 185 12.64 -8.10 -10.52
N THR B 188 14.93 -6.43 -8.48
CA THR B 188 15.22 -5.15 -9.13
C THR B 188 14.09 -4.72 -10.06
N THR B 189 14.37 -3.69 -10.87
CA THR B 189 13.41 -3.16 -11.83
C THR B 189 14.14 -2.17 -12.73
N ASN B 190 13.88 -2.24 -14.03
CA ASN B 190 14.53 -1.35 -14.97
C ASN B 190 13.70 -0.09 -15.16
N ILE B 191 14.37 1.01 -15.49
CA ILE B 191 13.71 2.25 -15.86
C ILE B 191 14.39 2.75 -17.11
N TRP B 192 13.65 2.80 -18.21
CA TRP B 192 14.21 3.18 -19.49
C TRP B 192 14.06 4.68 -19.69
N LEU B 193 15.13 5.32 -20.12
CA LEU B 193 15.19 6.77 -20.24
C LEU B 193 15.34 7.17 -21.69
N LYS B 194 14.79 8.33 -22.04
CA LYS B 194 14.92 8.89 -23.37
C LYS B 194 15.15 10.40 -23.23
N LEU B 195 15.50 11.03 -24.33
CA LEU B 195 15.80 12.46 -24.32
C LEU B 195 14.52 13.27 -24.24
N LYS B 196 14.56 14.33 -23.44
CA LYS B 196 13.38 15.14 -23.18
C LYS B 196 13.10 16.07 -24.36
N GLU B 197 11.82 16.21 -24.71
CA GLU B 197 11.44 17.05 -25.83
C GLU B 197 11.43 18.53 -25.47
N LYS B 198 11.28 18.86 -24.19
CA LYS B 198 11.24 20.25 -23.77
C LYS B 198 12.11 20.38 -22.52
N GLN B 199 12.80 21.50 -22.40
CA GLN B 199 13.68 21.73 -21.26
C GLN B 199 12.97 22.60 -20.24
N ASP B 200 12.92 22.12 -19.00
CA ASP B 200 12.32 22.85 -17.89
C ASP B 200 13.09 22.49 -16.62
N VAL B 201 12.65 23.07 -15.51
CA VAL B 201 13.32 22.91 -14.22
C VAL B 201 12.53 21.98 -13.29
N PHE B 202 11.64 21.17 -13.84
CA PHE B 202 10.78 20.30 -13.04
C PHE B 202 11.34 18.88 -13.06
N CYS B 203 11.38 18.25 -11.89
CA CYS B 203 11.79 16.86 -11.79
C CYS B 203 10.83 15.95 -12.55
N ASP B 204 11.37 14.85 -13.08
CA ASP B 204 10.58 13.91 -13.87
C ASP B 204 9.41 13.36 -13.06
N SER B 205 8.18 13.62 -13.53
CA SER B 205 6.99 13.29 -12.75
C SER B 205 6.70 11.79 -12.66
N LYS B 206 7.22 10.98 -13.57
CA LYS B 206 6.96 9.54 -13.50
C LYS B 206 7.68 8.88 -12.34
N LEU B 207 8.61 9.57 -11.69
CA LEU B 207 9.32 9.04 -10.54
C LEU B 207 8.70 9.45 -9.22
N MET B 208 7.89 10.50 -9.22
CA MET B 208 7.33 11.04 -7.99
C MET B 208 6.11 10.25 -7.55
N SER B 209 5.76 10.40 -6.28
CA SER B 209 4.55 9.80 -5.76
C SER B 209 4.11 10.58 -4.53
N ALA B 210 2.82 10.53 -4.24
CA ALA B 210 2.31 11.13 -3.01
C ALA B 210 1.15 10.30 -2.51
N ALA B 211 0.85 10.45 -1.22
CA ALA B 211 -0.22 9.70 -0.60
C ALA B 211 -0.55 10.35 0.74
N ILE B 212 -1.79 10.20 1.18
CA ILE B 212 -2.16 10.62 2.53
C ILE B 212 -3.30 9.74 3.01
N LYS B 213 -3.19 9.27 4.26
CA LYS B 213 -4.19 8.40 4.84
C LYS B 213 -3.95 8.32 6.33
N ASP B 214 -5.04 8.18 7.08
CA ASP B 214 -4.98 8.13 8.54
C ASP B 214 -4.35 9.40 9.11
N ASN B 215 -4.52 10.51 8.39
CA ASN B 215 -3.90 11.79 8.73
C ASN B 215 -2.39 11.65 8.87
N ARG B 216 -1.81 10.86 7.97
CA ARG B 216 -0.37 10.78 7.77
C ARG B 216 -0.11 10.93 6.28
N ALA B 217 0.70 11.92 5.92
CA ALA B 217 0.94 12.28 4.54
C ALA B 217 2.39 12.00 4.17
N VAL B 218 2.61 11.63 2.92
CA VAL B 218 3.93 11.26 2.42
C VAL B 218 4.09 11.80 1.01
N HIS B 219 5.17 12.54 0.78
CA HIS B 219 5.63 12.87 -0.55
C HIS B 219 6.93 12.10 -0.81
N ALA B 220 6.97 11.33 -1.88
CA ALA B 220 8.02 10.34 -2.06
C ALA B 220 8.55 10.41 -3.48
N ASP B 221 9.71 9.80 -3.67
CA ASP B 221 10.52 9.96 -4.86
C ASP B 221 11.52 8.81 -4.87
N MET B 222 12.32 8.74 -5.93
CA MET B 222 13.42 7.80 -5.97
C MET B 222 14.47 8.10 -4.92
N GLY B 223 14.51 9.33 -4.41
CA GLY B 223 15.53 9.73 -3.47
C GLY B 223 15.03 10.49 -2.25
N TYR B 224 13.76 10.87 -2.26
CA TYR B 224 13.15 11.58 -1.14
C TYR B 224 12.14 10.70 -0.42
N TRP B 225 11.91 11.00 0.85
CA TRP B 225 10.75 10.45 1.57
C TRP B 225 10.39 11.42 2.68
N ILE B 226 9.29 12.15 2.50
CA ILE B 226 8.88 13.21 3.41
C ILE B 226 7.55 12.84 4.05
N GLU B 227 7.55 12.68 5.37
CA GLU B 227 6.37 12.35 6.16
C GLU B 227 5.92 13.56 6.96
N SER B 228 4.63 13.87 6.86
CA SER B 228 3.97 14.89 7.67
C SER B 228 2.79 14.24 8.41
N ALA B 229 2.35 14.89 9.49
CA ALA B 229 1.35 14.29 10.36
C ALA B 229 0.52 15.38 11.01
N LEU B 230 -0.70 15.00 11.41
CA LEU B 230 -1.63 15.87 12.12
C LEU B 230 -1.58 15.51 13.59
N ASN B 231 -0.85 16.29 14.37
CA ASN B 231 -0.82 16.18 15.83
C ASN B 231 -1.14 17.59 16.35
N ASP B 232 -2.42 17.82 16.65
CA ASP B 232 -2.97 19.14 16.98
C ASP B 232 -3.02 20.03 15.74
N THR B 233 -1.92 20.10 15.00
CA THR B 233 -1.85 20.81 13.73
C THR B 233 -1.13 19.95 12.70
N TRP B 234 -1.26 20.36 11.43
CA TRP B 234 -0.54 19.69 10.36
C TRP B 234 0.86 20.28 10.22
N LYS B 235 1.87 19.42 10.22
CA LYS B 235 3.24 19.88 10.11
C LYS B 235 4.11 18.74 9.58
N ILE B 236 5.28 19.11 9.05
CA ILE B 236 6.24 18.11 8.61
C ILE B 236 6.87 17.45 9.82
N GLU B 237 7.12 16.15 9.72
CA GLU B 237 7.64 15.40 10.85
C GLU B 237 8.96 14.72 10.55
N LYS B 238 9.09 14.05 9.41
CA LYS B 238 10.34 13.39 9.06
C LYS B 238 10.65 13.59 7.58
N ALA B 239 11.94 13.54 7.25
CA ALA B 239 12.38 13.65 5.87
C ALA B 239 13.67 12.87 5.70
N SER B 240 13.75 12.05 4.66
CA SER B 240 14.91 11.21 4.40
C SER B 240 15.41 11.48 2.99
N PHE B 241 16.73 11.64 2.85
CA PHE B 241 17.33 12.00 1.58
C PHE B 241 18.53 11.11 1.32
N ILE B 242 18.57 10.53 0.11
CA ILE B 242 19.75 9.83 -0.38
C ILE B 242 20.46 10.77 -1.34
N GLU B 243 19.69 11.65 -1.96
CA GLU B 243 20.19 12.68 -2.86
C GLU B 243 19.68 14.03 -2.38
N VAL B 244 20.26 15.09 -2.95
CA VAL B 244 19.71 16.45 -2.82
C VAL B 244 19.81 17.08 -4.20
N LYS B 245 18.66 17.29 -4.85
CA LYS B 245 18.60 17.75 -6.23
C LYS B 245 18.22 19.23 -6.30
N ASN B 246 18.25 19.76 -7.52
CA ASN B 246 18.08 21.19 -7.76
C ASN B 246 16.92 21.48 -8.71
N CYS B 247 15.99 20.54 -8.86
CA CYS B 247 14.81 20.73 -9.70
C CYS B 247 13.63 21.15 -8.82
N HIS B 248 12.49 21.40 -9.47
CA HIS B 248 11.28 21.80 -8.77
C HIS B 248 10.32 20.62 -8.66
N TRP B 249 9.70 20.50 -7.50
CA TRP B 249 8.70 19.44 -7.29
C TRP B 249 7.41 19.83 -7.98
N PRO B 250 6.92 19.05 -8.95
CA PRO B 250 5.74 19.46 -9.70
C PRO B 250 4.49 19.47 -8.81
N LYS B 251 3.71 20.55 -8.94
CA LYS B 251 2.51 20.70 -8.12
C LYS B 251 1.47 19.64 -8.43
N SER B 252 1.54 19.03 -9.63
CA SER B 252 0.62 17.94 -9.98
C SER B 252 0.70 16.80 -8.99
N HIS B 253 1.84 16.62 -8.33
CA HIS B 253 2.06 15.53 -7.38
C HIS B 253 2.21 16.06 -5.96
N THR B 254 1.49 17.12 -5.63
CA THR B 254 1.65 17.82 -4.36
C THR B 254 0.31 17.92 -3.65
N LEU B 255 0.27 17.46 -2.40
CA LEU B 255 -0.90 17.65 -1.56
C LEU B 255 -0.89 19.04 -0.94
N TRP B 256 -2.06 19.67 -0.89
CA TRP B 256 -2.25 20.94 -0.18
C TRP B 256 -1.34 22.03 -0.74
N SER B 257 -1.40 22.22 -2.05
CA SER B 257 -0.47 23.11 -2.74
C SER B 257 -1.01 24.51 -2.95
N ASN B 258 -2.07 24.90 -2.26
CA ASN B 258 -2.63 26.23 -2.41
C ASN B 258 -2.25 27.09 -1.20
N GLY B 259 -2.13 28.39 -1.44
CA GLY B 259 -1.85 29.32 -0.35
C GLY B 259 -0.57 29.01 0.39
N VAL B 260 0.49 28.62 -0.33
CA VAL B 260 1.77 28.25 0.26
C VAL B 260 2.75 29.40 0.08
N LEU B 261 3.46 29.75 1.15
CA LEU B 261 4.57 30.70 1.11
C LEU B 261 5.88 29.95 0.92
N GLU B 262 6.67 30.36 -0.08
CA GLU B 262 8.00 29.77 -0.22
C GLU B 262 8.85 30.05 1.02
N SER B 263 8.68 31.22 1.63
CA SER B 263 9.43 31.59 2.82
C SER B 263 9.05 30.75 4.04
N GLU B 264 7.98 29.97 3.97
CA GLU B 264 7.61 29.07 5.05
C GLU B 264 7.90 27.61 4.75
N MET B 265 8.25 27.26 3.51
CA MET B 265 8.59 25.90 3.18
C MET B 265 9.84 25.46 3.92
N ILE B 266 9.73 24.39 4.71
CA ILE B 266 10.88 23.87 5.45
C ILE B 266 11.95 23.45 4.45
N ILE B 267 11.66 22.41 3.68
CA ILE B 267 12.53 22.02 2.57
C ILE B 267 12.38 23.05 1.47
N PRO B 268 13.46 23.73 1.06
CA PRO B 268 13.31 24.84 0.11
C PRO B 268 12.82 24.39 -1.25
N LYS B 269 12.05 25.28 -1.90
CA LYS B 269 11.53 25.00 -3.23
C LYS B 269 12.64 24.72 -4.23
N ASN B 270 13.76 25.43 -4.11
CA ASN B 270 14.87 25.24 -5.05
C ASN B 270 15.56 23.91 -4.87
N LEU B 271 15.30 23.20 -3.78
CA LEU B 271 15.87 21.87 -3.53
C LEU B 271 14.82 20.77 -3.65
N ALA B 272 13.94 20.91 -4.65
CA ALA B 272 12.87 19.94 -4.91
C ALA B 272 11.91 19.82 -3.74
N GLY B 273 11.83 20.86 -2.92
CA GLY B 273 10.86 20.88 -1.84
C GLY B 273 9.46 21.04 -2.38
N PRO B 274 8.55 20.19 -1.92
CA PRO B 274 7.16 20.30 -2.40
C PRO B 274 6.52 21.57 -1.85
N VAL B 275 5.94 22.35 -2.75
CA VAL B 275 5.26 23.58 -2.36
C VAL B 275 3.93 23.17 -1.74
N SER B 276 3.92 23.05 -0.42
CA SER B 276 2.83 22.40 0.27
C SER B 276 2.75 22.90 1.70
N GLN B 277 1.53 22.98 2.23
CA GLN B 277 1.38 23.30 3.64
C GLN B 277 1.72 22.11 4.55
N HIS B 278 1.95 20.93 3.96
CA HIS B 278 2.58 19.84 4.69
C HIS B 278 4.07 20.07 4.88
N ASN B 279 4.63 21.04 4.15
CA ASN B 279 6.03 21.42 4.27
C ASN B 279 6.22 22.55 5.28
N TYR B 280 5.36 22.63 6.29
CA TYR B 280 5.44 23.63 7.34
C TYR B 280 5.87 23.00 8.64
N ARG B 281 6.46 23.84 9.51
CA ARG B 281 6.65 23.50 10.90
C ARG B 281 6.56 24.83 11.63
N PRO B 282 5.70 24.95 12.63
CA PRO B 282 5.58 26.23 13.35
C PRO B 282 6.89 26.62 14.00
N GLY B 283 7.27 27.89 13.83
CA GLY B 283 8.49 28.41 14.42
C GLY B 283 9.73 28.33 13.56
N TYR B 284 9.63 27.73 12.37
CA TYR B 284 10.77 27.60 11.47
C TYR B 284 10.43 28.17 10.11
N HIS B 285 11.44 28.71 9.43
CA HIS B 285 11.31 29.23 8.08
C HIS B 285 12.18 28.41 7.15
N THR B 286 12.25 28.85 5.88
CA THR B 286 12.94 28.08 4.86
C THR B 286 14.36 27.76 5.27
N GLN B 287 14.73 26.48 5.14
CA GLN B 287 16.08 26.04 5.51
C GLN B 287 16.97 26.12 4.28
N ILE B 288 17.20 27.35 3.82
CA ILE B 288 18.01 27.58 2.63
C ILE B 288 19.44 27.12 2.87
N THR B 289 19.99 27.42 4.05
CA THR B 289 21.36 27.07 4.38
C THR B 289 21.42 25.91 5.36
N GLY B 290 20.58 24.90 5.14
CA GLY B 290 20.71 23.64 5.83
C GLY B 290 21.93 22.88 5.36
N PRO B 291 22.29 21.81 6.05
CA PRO B 291 23.46 21.03 5.63
C PRO B 291 23.20 20.19 4.39
N TRP B 292 22.61 20.79 3.35
CA TRP B 292 22.24 20.03 2.16
C TRP B 292 23.46 19.49 1.42
N HIS B 293 24.64 20.05 1.68
CA HIS B 293 25.88 19.50 1.14
C HIS B 293 26.14 18.09 1.62
N LEU B 294 25.41 17.60 2.61
CA LEU B 294 25.58 16.23 3.07
C LEU B 294 25.26 15.22 1.99
N GLY B 295 24.37 15.58 1.06
CA GLY B 295 23.96 14.65 -0.01
C GLY B 295 22.99 13.60 0.46
N LYS B 296 23.33 12.86 1.51
CA LYS B 296 22.45 11.88 2.13
C LYS B 296 22.31 12.26 3.60
N LEU B 297 21.06 12.42 4.06
CA LEU B 297 20.82 12.87 5.43
C LEU B 297 19.41 12.48 5.88
N GLU B 298 19.13 12.80 7.15
CA GLU B 298 17.92 12.36 7.85
C GLU B 298 17.46 13.52 8.74
N MET B 299 16.42 14.22 8.33
CA MET B 299 15.85 15.32 9.10
C MET B 299 14.64 14.86 9.90
N ASP B 300 14.59 15.29 11.15
CA ASP B 300 13.41 15.08 11.99
C ASP B 300 13.37 16.16 13.06
N PHE B 301 12.54 15.95 14.07
CA PHE B 301 12.36 16.95 15.14
C PHE B 301 12.60 16.26 16.48
N ASP B 302 13.80 16.42 17.00
CA ASP B 302 14.26 15.79 18.23
C ASP B 302 15.60 16.42 18.58
N PHE B 303 16.06 16.18 19.82
CA PHE B 303 17.32 16.73 20.28
C PHE B 303 18.50 15.95 19.71
N CYS B 304 19.55 16.68 19.32
CA CYS B 304 20.82 16.03 19.02
C CYS B 304 21.37 15.37 20.27
N ASP B 305 21.94 14.19 20.11
CA ASP B 305 22.42 13.40 21.25
C ASP B 305 23.35 14.23 22.13
N GLY B 306 23.03 14.28 23.42
CA GLY B 306 23.87 14.96 24.39
C GLY B 306 23.72 16.46 24.46
N THR B 307 22.73 17.04 23.79
CA THR B 307 22.57 18.48 23.75
C THR B 307 21.19 18.88 24.29
N THR B 308 21.03 20.18 24.55
CA THR B 308 19.78 20.72 25.06
C THR B 308 19.57 22.11 24.47
N VAL B 309 18.37 22.35 23.92
CA VAL B 309 17.98 23.63 23.32
C VAL B 309 16.96 24.32 24.21
N VAL B 310 17.16 25.63 24.43
CA VAL B 310 16.19 26.44 25.15
C VAL B 310 15.73 27.59 24.25
N VAL B 311 14.56 28.13 24.59
CA VAL B 311 13.96 29.24 23.84
C VAL B 311 14.13 30.51 24.67
N THR B 312 14.94 31.44 24.16
CA THR B 312 15.16 32.71 24.82
C THR B 312 15.18 33.82 23.79
N GLU B 313 14.99 35.06 24.26
CA GLU B 313 15.22 36.22 23.42
C GLU B 313 16.72 36.55 23.34
N ASP B 314 17.49 36.16 24.37
CA ASP B 314 18.92 36.39 24.38
C ASP B 314 19.66 35.61 23.30
N CYS B 315 18.99 34.69 22.64
CA CYS B 315 19.66 33.84 21.67
C CYS B 315 20.02 34.62 20.41
N GLY B 316 20.97 34.05 19.65
CA GLY B 316 21.38 34.66 18.41
C GLY B 316 20.36 34.49 17.31
N ASN B 317 20.50 35.32 16.28
CA ASN B 317 19.59 35.27 15.15
C ASN B 317 19.87 34.04 14.29
N ARG B 318 18.94 33.75 13.38
CA ARG B 318 19.08 32.56 12.54
C ARG B 318 20.17 32.74 11.49
N GLY B 319 20.99 31.71 11.32
CA GLY B 319 22.02 31.71 10.31
C GLY B 319 22.23 30.34 9.70
N PRO B 320 23.35 30.13 8.99
CA PRO B 320 23.64 28.81 8.43
C PRO B 320 23.68 27.73 9.51
N SER B 321 23.34 26.51 9.11
CA SER B 321 23.28 25.41 10.06
C SER B 321 24.67 25.06 10.61
N LEU B 322 24.72 24.81 11.91
CA LEU B 322 25.93 24.42 12.63
C LEU B 322 25.83 22.97 13.07
N ARG B 323 26.98 22.34 13.28
CA ARG B 323 27.04 20.97 13.73
C ARG B 323 27.43 20.91 15.20
N THR B 324 26.90 19.91 15.90
CA THR B 324 27.06 19.87 17.35
C THR B 324 28.48 19.51 17.77
N THR B 325 29.31 18.99 16.86
CA THR B 325 30.70 18.67 17.14
C THR B 325 31.58 19.61 16.35
N THR B 326 32.53 20.25 17.04
CA THR B 326 33.51 21.10 16.38
C THR B 326 34.46 20.26 15.53
N ALA B 327 35.30 20.97 14.76
CA ALA B 327 36.28 20.30 13.92
C ALA B 327 37.20 19.39 14.73
N SER B 328 37.51 19.77 15.98
CA SER B 328 38.36 18.97 16.83
C SER B 328 37.63 17.83 17.54
N GLY B 329 36.30 17.80 17.49
CA GLY B 329 35.54 16.71 18.06
C GLY B 329 34.87 17.03 19.39
N LYS B 330 35.10 18.21 19.95
CA LYS B 330 34.42 18.61 21.17
C LYS B 330 32.94 18.83 20.90
N LEU B 331 32.12 18.46 21.88
CA LEU B 331 30.68 18.62 21.79
C LEU B 331 30.25 19.95 22.40
N ILE B 332 29.43 20.69 21.66
CA ILE B 332 28.80 21.90 22.19
C ILE B 332 27.45 21.49 22.74
N THR B 333 27.29 21.62 24.06
CA THR B 333 26.13 21.03 24.73
C THR B 333 24.91 21.95 24.76
N GLU B 334 25.08 23.23 25.05
CA GLU B 334 23.98 24.13 25.32
C GLU B 334 23.66 24.97 24.08
N TRP B 335 22.43 24.88 23.60
CA TRP B 335 21.97 25.61 22.42
C TRP B 335 20.67 26.34 22.74
N CYS B 336 20.30 27.26 21.85
CA CYS B 336 19.06 28.02 22.01
C CYS B 336 18.48 28.37 20.65
N CYS B 337 17.27 28.93 20.69
CA CYS B 337 16.66 29.56 19.53
C CYS B 337 15.79 30.72 20.00
N ARG B 338 15.56 31.67 19.10
CA ARG B 338 14.84 32.89 19.48
C ARG B 338 13.35 32.61 19.65
N SER B 339 12.69 32.20 18.58
CA SER B 339 11.25 32.03 18.60
C SER B 339 10.81 30.72 17.95
N CYS B 340 11.70 29.73 17.88
CA CYS B 340 11.35 28.44 17.30
C CYS B 340 10.55 27.61 18.30
N THR B 341 9.99 26.52 17.82
CA THR B 341 9.17 25.64 18.65
C THR B 341 9.85 24.29 18.82
N LEU B 342 9.92 23.81 20.07
CA LEU B 342 10.49 22.51 20.36
C LEU B 342 9.46 21.42 20.06
N PRO B 343 9.90 20.19 19.70
CA PRO B 343 11.28 19.69 19.57
C PRO B 343 12.09 20.36 18.46
N PRO B 344 13.41 20.38 18.60
CA PRO B 344 14.25 21.12 17.65
C PRO B 344 14.41 20.40 16.33
N LEU B 345 14.44 21.20 15.26
CA LEU B 345 14.71 20.68 13.92
C LEU B 345 16.15 20.18 13.85
N ARG B 346 16.33 18.90 13.55
CA ARG B 346 17.67 18.32 13.50
C ARG B 346 17.87 17.55 12.20
N TYR B 347 19.11 17.59 11.71
CA TYR B 347 19.57 16.77 10.61
C TYR B 347 20.63 15.80 11.15
N ARG B 348 20.71 14.62 10.55
CA ARG B 348 21.75 13.66 10.87
C ARG B 348 22.36 13.14 9.59
N GLY B 349 23.68 13.22 9.48
CA GLY B 349 24.39 12.80 8.29
C GLY B 349 25.63 12.01 8.64
N GLU B 350 26.37 11.62 7.59
CA GLU B 350 27.52 10.74 7.74
C GLU B 350 28.59 11.31 8.65
N ASP B 351 28.49 12.59 9.04
CA ASP B 351 29.49 13.19 9.90
C ASP B 351 28.88 13.81 11.17
N GLY B 352 27.62 13.49 11.51
CA GLY B 352 27.11 13.89 12.80
C GLY B 352 25.77 14.58 12.73
N CYS B 353 25.46 15.28 13.82
CA CYS B 353 24.17 15.90 14.06
C CYS B 353 24.27 17.40 13.85
N TRP B 354 23.39 17.93 13.01
CA TRP B 354 23.29 19.36 12.75
C TRP B 354 21.93 19.88 13.19
N TYR B 355 21.84 21.19 13.38
CA TYR B 355 20.62 21.82 13.86
C TYR B 355 20.06 22.77 12.81
N GLY B 356 18.78 23.10 12.98
CA GLY B 356 18.12 24.04 12.10
C GLY B 356 18.76 25.41 12.14
N MET B 357 18.37 26.23 11.15
CA MET B 357 18.99 27.52 10.94
C MET B 357 18.81 28.46 12.13
N GLU B 358 17.69 28.35 12.85
CA GLU B 358 17.40 29.25 13.96
C GLU B 358 17.99 28.77 15.29
N ILE B 359 18.67 27.62 15.31
CA ILE B 359 19.26 27.09 16.52
C ILE B 359 20.75 27.44 16.54
N ARG B 360 21.15 28.22 17.54
CA ARG B 360 22.51 28.71 17.71
C ARG B 360 23.10 28.17 19.01
N PRO B 361 24.42 28.27 19.19
CA PRO B 361 24.99 27.88 20.48
C PRO B 361 24.71 28.92 21.55
N LEU B 362 24.40 28.45 22.75
CA LEU B 362 24.05 29.36 23.84
C LEU B 362 25.27 30.15 24.31
N LYS B 363 26.33 29.47 24.71
CA LYS B 363 27.52 30.11 25.25
C LYS B 363 28.72 30.08 24.32
N GLU B 364 28.91 29.01 23.55
CA GLU B 364 30.10 28.87 22.73
C GLU B 364 30.08 29.86 21.56
N LYS B 365 31.27 30.33 21.17
CA LYS B 365 31.41 31.20 20.02
C LYS B 365 31.32 30.41 18.73
N GLU B 366 30.56 30.95 17.77
CA GLU B 366 30.28 30.25 16.51
C GLU B 366 31.53 30.01 15.67
N GLU B 367 32.63 30.72 15.95
CA GLU B 367 33.81 30.63 15.09
C GLU B 367 34.48 29.27 15.17
N ASN B 368 34.44 28.62 16.35
CA ASN B 368 35.05 27.31 16.51
C ASN B 368 34.23 26.18 15.91
N LEU B 369 32.98 26.44 15.52
CA LEU B 369 32.06 25.40 15.08
C LEU B 369 32.07 25.25 13.57
N VAL B 370 31.73 24.05 13.11
CA VAL B 370 31.63 23.75 11.68
C VAL B 370 30.25 24.18 11.19
N ASN B 371 30.22 24.93 10.08
CA ASN B 371 28.96 25.39 9.50
C ASN B 371 28.88 24.97 8.04
N SER B 372 27.67 25.05 7.51
CA SER B 372 27.35 24.53 6.18
C SER B 372 27.21 25.67 5.19
N LEU B 373 28.33 26.30 4.86
CA LEU B 373 28.34 27.34 3.85
C LEU B 373 29.43 27.11 2.79
N GLU C 20 -43.98 -8.63 -32.66
CA GLU C 20 -42.62 -8.21 -33.01
C GLU C 20 -41.59 -9.05 -32.27
N VAL C 21 -41.31 -8.68 -31.03
CA VAL C 21 -40.36 -9.41 -30.20
C VAL C 21 -41.04 -10.68 -29.69
N GLN C 22 -40.61 -11.83 -30.20
CA GLN C 22 -41.24 -13.11 -29.89
C GLN C 22 -40.46 -13.82 -28.80
N LEU C 23 -41.16 -14.24 -27.76
CA LEU C 23 -40.54 -14.90 -26.62
C LEU C 23 -41.00 -16.35 -26.55
N GLN C 24 -40.05 -17.27 -26.49
CA GLN C 24 -40.34 -18.70 -26.39
C GLN C 24 -39.69 -19.26 -25.13
N GLN C 25 -40.51 -19.76 -24.22
CA GLN C 25 -40.04 -20.31 -22.96
C GLN C 25 -39.97 -21.84 -23.04
N SER C 26 -39.24 -22.43 -22.09
CA SER C 26 -39.08 -23.88 -22.03
C SER C 26 -40.41 -24.56 -21.70
N GLY C 27 -40.40 -25.90 -21.69
CA GLY C 27 -41.59 -26.66 -21.39
C GLY C 27 -41.83 -26.81 -19.91
N PRO C 28 -42.93 -27.46 -19.57
CA PRO C 28 -43.26 -27.67 -18.15
C PRO C 28 -42.23 -28.56 -17.48
N GLU C 29 -42.18 -28.47 -16.15
CA GLU C 29 -41.19 -29.20 -15.38
C GLU C 29 -41.83 -29.83 -14.14
N LEU C 30 -41.42 -31.07 -13.86
CA LEU C 30 -41.74 -31.76 -12.62
C LEU C 30 -40.44 -32.08 -11.91
N VAL C 31 -40.25 -31.53 -10.71
CA VAL C 31 -38.97 -31.58 -10.03
C VAL C 31 -39.18 -32.06 -8.60
N LYS C 32 -38.24 -32.88 -8.12
CA LYS C 32 -38.31 -33.42 -6.77
C LYS C 32 -37.91 -32.35 -5.75
N PRO C 33 -38.39 -32.47 -4.51
CA PRO C 33 -38.11 -31.45 -3.50
C PRO C 33 -36.62 -31.30 -3.22
N GLY C 34 -36.19 -30.05 -3.05
CA GLY C 34 -34.80 -29.75 -2.76
C GLY C 34 -33.88 -29.72 -3.95
N ALA C 35 -34.33 -30.18 -5.13
CA ALA C 35 -33.49 -30.17 -6.32
C ALA C 35 -33.49 -28.79 -6.96
N SER C 36 -33.13 -28.71 -8.23
CA SER C 36 -33.05 -27.43 -8.93
C SER C 36 -33.56 -27.58 -10.35
N VAL C 37 -34.04 -26.48 -10.90
CA VAL C 37 -34.55 -26.45 -12.27
C VAL C 37 -33.97 -25.22 -12.96
N LYS C 38 -33.64 -25.36 -14.24
CA LYS C 38 -33.13 -24.25 -15.04
C LYS C 38 -34.00 -24.16 -16.29
N MET C 39 -34.76 -23.07 -16.40
CA MET C 39 -35.63 -22.84 -17.54
C MET C 39 -35.08 -21.73 -18.43
N SER C 40 -35.52 -21.72 -19.67
CA SER C 40 -34.96 -20.87 -20.70
C SER C 40 -36.01 -19.94 -21.28
N CYS C 41 -35.54 -18.91 -21.97
CA CYS C 41 -36.40 -17.97 -22.68
C CYS C 41 -35.60 -17.41 -23.84
N LYS C 42 -35.97 -17.79 -25.06
CA LYS C 42 -35.35 -17.29 -26.27
C LYS C 42 -36.13 -16.08 -26.78
N ALA C 43 -35.40 -15.04 -27.19
CA ALA C 43 -35.97 -13.77 -27.60
C ALA C 43 -35.61 -13.49 -29.05
N SER C 44 -36.61 -13.51 -29.92
CA SER C 44 -36.45 -13.15 -31.32
C SER C 44 -36.91 -11.71 -31.53
N GLY C 45 -36.23 -11.00 -32.44
CA GLY C 45 -36.59 -9.63 -32.72
C GLY C 45 -36.02 -8.62 -31.77
N CYS C 46 -34.96 -8.96 -31.07
CA CYS C 46 -34.39 -8.10 -30.04
C CYS C 46 -33.32 -7.18 -30.61
N THR C 47 -33.03 -6.11 -29.86
CA THR C 47 -31.88 -5.25 -30.10
C THR C 47 -31.07 -5.12 -28.81
N LEU C 48 -29.84 -4.63 -28.96
CA LEU C 48 -28.95 -4.47 -27.82
C LEU C 48 -29.54 -3.51 -26.77
N THR C 49 -30.17 -2.44 -27.22
CA THR C 49 -30.50 -1.34 -26.30
C THR C 49 -31.74 -1.65 -25.48
N ASN C 50 -32.70 -2.39 -26.04
CA ASN C 50 -33.76 -2.96 -25.24
C ASN C 50 -33.40 -4.39 -24.82
N CYS C 51 -34.38 -5.28 -24.82
CA CYS C 51 -34.16 -6.73 -24.64
C CYS C 51 -33.67 -7.06 -23.24
N PHE C 52 -34.37 -6.56 -22.24
CA PHE C 52 -34.15 -6.96 -20.84
C PHE C 52 -35.20 -8.00 -20.48
N MET C 53 -34.78 -9.26 -20.38
CA MET C 53 -35.68 -10.35 -20.04
C MET C 53 -35.95 -10.32 -18.54
N HIS C 54 -37.17 -9.96 -18.16
CA HIS C 54 -37.63 -10.00 -16.78
C HIS C 54 -38.34 -11.32 -16.52
N TRP C 55 -38.32 -11.72 -15.24
CA TRP C 55 -38.88 -13.01 -14.82
C TRP C 55 -39.82 -12.79 -13.65
N MET C 56 -41.00 -13.43 -13.72
CA MET C 56 -42.05 -13.24 -12.73
C MET C 56 -42.60 -14.58 -12.26
N LYS C 57 -42.92 -14.67 -10.97
CA LYS C 57 -43.44 -15.89 -10.35
C LYS C 57 -44.90 -15.65 -9.97
N GLN C 58 -45.80 -16.51 -10.47
CA GLN C 58 -47.23 -16.39 -10.19
C GLN C 58 -47.77 -17.75 -9.76
N LYS C 59 -48.21 -17.85 -8.51
CA LYS C 59 -49.01 -18.99 -8.09
C LYS C 59 -50.38 -18.91 -8.76
N PRO C 60 -51.10 -20.03 -8.84
CA PRO C 60 -52.40 -20.03 -9.54
C PRO C 60 -53.36 -19.00 -8.97
N GLY C 61 -53.70 -18.01 -9.79
CA GLY C 61 -54.62 -16.96 -9.39
C GLY C 61 -54.19 -16.14 -8.20
N GLN C 62 -52.91 -15.79 -8.11
CA GLN C 62 -52.39 -14.96 -7.04
C GLN C 62 -51.59 -13.80 -7.64
N ASP C 63 -51.13 -12.91 -6.76
CA ASP C 63 -50.36 -11.76 -7.21
C ASP C 63 -49.04 -12.20 -7.81
N LEU C 64 -48.57 -11.42 -8.78
CA LEU C 64 -47.28 -11.67 -9.41
C LEU C 64 -46.14 -11.12 -8.57
N GLU C 65 -45.04 -11.86 -8.53
CA GLU C 65 -43.81 -11.45 -7.87
C GLU C 65 -42.75 -11.14 -8.93
N TRP C 66 -42.01 -10.06 -8.71
CA TRP C 66 -40.90 -9.70 -9.59
C TRP C 66 -39.61 -10.31 -9.06
N ILE C 67 -38.94 -11.08 -9.91
CA ILE C 67 -37.68 -11.72 -9.56
C ILE C 67 -36.49 -10.88 -10.00
N GLY C 68 -36.45 -10.51 -11.28
CA GLY C 68 -35.36 -9.69 -11.76
C GLY C 68 -35.33 -9.68 -13.27
N TYR C 69 -34.19 -9.22 -13.80
CA TYR C 69 -34.01 -9.14 -15.24
C TYR C 69 -32.55 -9.39 -15.60
N ILE C 70 -32.35 -9.77 -16.86
CA ILE C 70 -31.01 -9.98 -17.43
C ILE C 70 -31.05 -9.57 -18.90
N ASN C 71 -29.95 -8.99 -19.38
CA ASN C 71 -29.83 -8.63 -20.79
C ASN C 71 -28.88 -9.60 -21.48
N PRO C 72 -29.35 -10.38 -22.44
CA PRO C 72 -28.48 -11.39 -23.06
C PRO C 72 -27.22 -10.79 -23.68
N TYR C 73 -27.30 -9.59 -24.24
CA TYR C 73 -26.15 -8.96 -24.87
C TYR C 73 -25.29 -8.18 -23.88
N ASN C 74 -25.92 -7.49 -22.92
CA ASN C 74 -25.19 -6.67 -21.97
C ASN C 74 -24.64 -7.47 -20.79
N ASP C 75 -25.29 -8.58 -20.45
CA ASP C 75 -25.08 -9.31 -19.19
C ASP C 75 -25.37 -8.46 -17.97
N MET C 76 -26.02 -7.30 -18.14
CA MET C 76 -26.59 -6.59 -17.01
C MET C 76 -27.66 -7.44 -16.35
N THR C 77 -27.51 -7.67 -15.05
CA THR C 77 -28.47 -8.46 -14.30
C THR C 77 -28.87 -7.72 -13.04
N LYS C 78 -30.14 -7.86 -12.66
CA LYS C 78 -30.62 -7.32 -11.39
C LYS C 78 -31.60 -8.30 -10.76
N TYR C 79 -31.43 -8.54 -9.47
CA TYR C 79 -32.29 -9.41 -8.68
C TYR C 79 -33.06 -8.60 -7.65
N SER C 80 -34.27 -9.07 -7.33
CA SER C 80 -35.01 -8.55 -6.19
C SER C 80 -34.50 -9.20 -4.91
N GLU C 81 -34.79 -8.54 -3.79
CA GLU C 81 -34.25 -9.00 -2.51
C GLU C 81 -34.82 -10.36 -2.12
N ASN C 82 -36.10 -10.61 -2.41
CA ASN C 82 -36.74 -11.85 -2.02
C ASN C 82 -36.15 -13.08 -2.71
N PHE C 83 -35.49 -12.90 -3.85
CA PHE C 83 -35.03 -14.01 -4.67
C PHE C 83 -33.51 -14.11 -4.81
N LYS C 84 -32.75 -13.29 -4.08
CA LYS C 84 -31.31 -13.22 -4.31
C LYS C 84 -30.63 -14.57 -4.06
N GLY C 85 -31.00 -15.25 -2.98
CA GLY C 85 -30.48 -16.59 -2.72
C GLY C 85 -31.15 -17.68 -3.52
N LYS C 86 -32.35 -17.42 -4.06
CA LYS C 86 -33.16 -18.44 -4.69
C LYS C 86 -32.86 -18.61 -6.18
N ALA C 87 -32.85 -17.50 -6.92
CA ALA C 87 -32.72 -17.57 -8.37
C ALA C 87 -31.32 -17.19 -8.83
N THR C 88 -30.96 -17.72 -10.00
CA THR C 88 -29.68 -17.44 -10.64
C THR C 88 -29.97 -17.21 -12.12
N LEU C 89 -29.60 -16.03 -12.62
CA LEU C 89 -29.82 -15.65 -14.01
C LEU C 89 -28.53 -15.78 -14.80
N THR C 90 -28.62 -16.43 -15.97
CA THR C 90 -27.50 -16.59 -16.88
C THR C 90 -28.00 -16.28 -18.29
N SER C 91 -27.06 -16.12 -19.22
CA SER C 91 -27.43 -15.68 -20.56
C SER C 91 -26.47 -16.25 -21.59
N ASP C 92 -26.99 -16.45 -22.81
CA ASP C 92 -26.19 -16.83 -23.96
C ASP C 92 -26.46 -15.83 -25.08
N LYS C 93 -25.41 -15.09 -25.48
CA LYS C 93 -25.55 -14.06 -26.50
C LYS C 93 -25.99 -14.66 -27.83
N SER C 94 -25.23 -15.63 -28.34
CA SER C 94 -25.50 -16.17 -29.67
C SER C 94 -26.92 -16.72 -29.76
N SER C 95 -27.35 -17.46 -28.74
CA SER C 95 -28.75 -17.88 -28.66
C SER C 95 -29.68 -16.75 -28.26
N SER C 96 -29.13 -15.62 -27.78
CA SER C 96 -29.91 -14.51 -27.22
C SER C 96 -30.97 -15.03 -26.25
N THR C 97 -30.52 -15.85 -25.31
CA THR C 97 -31.42 -16.61 -24.44
C THR C 97 -31.09 -16.33 -22.98
N ALA C 98 -32.12 -16.23 -22.16
CA ALA C 98 -31.98 -16.08 -20.72
C ALA C 98 -32.33 -17.39 -20.02
N PHE C 99 -31.59 -17.71 -18.97
CA PHE C 99 -31.79 -18.91 -18.18
C PHE C 99 -31.99 -18.52 -16.73
N MET C 100 -32.94 -19.17 -16.07
CA MET C 100 -33.23 -18.93 -14.66
C MET C 100 -33.21 -20.25 -13.90
N GLU C 101 -32.51 -20.26 -12.76
CA GLU C 101 -32.33 -21.47 -11.98
C GLU C 101 -32.74 -21.19 -10.53
N LEU C 102 -33.30 -22.20 -9.85
CA LEU C 102 -34.13 -21.93 -8.68
C LEU C 102 -33.61 -22.57 -7.39
N SER C 103 -32.35 -22.96 -7.32
CA SER C 103 -31.71 -23.39 -6.07
C SER C 103 -32.57 -24.44 -5.37
N SER C 104 -32.57 -24.44 -4.04
CA SER C 104 -33.34 -25.41 -3.26
C SER C 104 -34.83 -25.17 -3.47
N LEU C 105 -35.53 -26.18 -3.97
CA LEU C 105 -36.92 -26.06 -4.38
C LEU C 105 -37.86 -26.55 -3.29
N THR C 106 -38.96 -25.82 -3.10
CA THR C 106 -39.97 -26.14 -2.11
C THR C 106 -41.36 -26.02 -2.76
N SER C 107 -42.38 -26.46 -2.01
CA SER C 107 -43.75 -26.40 -2.51
C SER C 107 -44.19 -24.98 -2.83
N GLU C 108 -43.66 -24.00 -2.09
CA GLU C 108 -43.94 -22.59 -2.36
C GLU C 108 -43.45 -22.15 -3.73
N ASP C 109 -42.61 -22.95 -4.38
CA ASP C 109 -42.06 -22.60 -5.68
C ASP C 109 -42.86 -23.18 -6.84
N SER C 110 -43.80 -24.08 -6.57
CA SER C 110 -44.63 -24.66 -7.62
C SER C 110 -45.58 -23.59 -8.15
N ALA C 111 -45.38 -23.15 -9.39
CA ALA C 111 -46.13 -22.01 -9.91
C ALA C 111 -45.81 -21.85 -11.39
N VAL C 112 -46.30 -20.77 -12.00
CA VAL C 112 -45.99 -20.42 -13.37
C VAL C 112 -44.96 -19.30 -13.37
N TYR C 113 -43.87 -19.50 -14.09
CA TYR C 113 -42.81 -18.51 -14.20
C TYR C 113 -42.88 -17.91 -15.61
N TYR C 114 -43.12 -16.61 -15.67
CA TYR C 114 -43.32 -15.89 -16.90
C TYR C 114 -42.05 -15.14 -17.28
N CYS C 115 -41.66 -15.25 -18.54
CA CYS C 115 -40.59 -14.45 -19.13
C CYS C 115 -41.21 -13.32 -19.95
N ALA C 116 -40.67 -12.11 -19.80
CA ALA C 116 -41.31 -10.97 -20.45
C ALA C 116 -40.28 -9.91 -20.78
N ARG C 117 -40.45 -9.26 -21.92
CA ARG C 117 -39.55 -8.18 -22.28
C ARG C 117 -39.87 -6.93 -21.45
N GLY C 118 -38.82 -6.27 -20.99
CA GLY C 118 -38.97 -5.03 -20.26
C GLY C 118 -37.81 -4.09 -20.54
N TYR C 119 -37.53 -3.17 -19.62
CA TYR C 119 -36.44 -2.22 -19.79
C TYR C 119 -35.81 -1.97 -18.41
N LEU C 120 -35.03 -0.90 -18.31
CA LEU C 120 -34.39 -0.53 -17.04
C LEU C 120 -35.41 0.04 -16.06
N LEU C 121 -34.94 0.75 -15.03
CA LEU C 121 -35.77 1.06 -13.88
C LEU C 121 -36.96 1.95 -14.23
N ARG C 122 -36.70 3.20 -14.56
CA ARG C 122 -37.78 4.12 -14.94
C ARG C 122 -37.97 4.13 -16.45
N THR C 123 -38.07 2.94 -17.04
CA THR C 123 -38.06 2.82 -18.50
C THR C 123 -39.14 1.84 -18.94
N GLY C 124 -40.11 2.33 -19.71
CA GLY C 124 -41.06 1.49 -20.41
C GLY C 124 -42.01 0.67 -19.52
N CYS C 125 -42.61 -0.33 -20.17
CA CYS C 125 -43.53 -1.27 -19.54
C CYS C 125 -43.22 -2.70 -19.98
N PHE C 126 -44.04 -3.67 -19.57
CA PHE C 126 -43.83 -5.07 -20.00
C PHE C 126 -44.49 -5.28 -21.34
N ASP C 127 -43.76 -4.96 -22.41
CA ASP C 127 -44.30 -4.99 -23.77
C ASP C 127 -44.84 -6.36 -24.14
N TYR C 128 -43.94 -7.33 -24.29
CA TYR C 128 -44.30 -8.65 -24.78
C TYR C 128 -43.96 -9.70 -23.73
N TRP C 129 -44.67 -10.81 -23.79
CA TRP C 129 -44.52 -11.86 -22.80
C TRP C 129 -44.40 -13.20 -23.49
N GLY C 130 -43.62 -14.10 -22.89
CA GLY C 130 -43.65 -15.49 -23.26
C GLY C 130 -44.94 -16.14 -22.77
N GLN C 131 -45.08 -17.43 -23.09
CA GLN C 131 -46.32 -18.11 -22.75
C GLN C 131 -46.33 -18.63 -21.32
N GLY C 132 -45.18 -18.76 -20.68
CA GLY C 132 -45.14 -19.18 -19.29
C GLY C 132 -44.74 -20.63 -19.08
N THR C 133 -43.85 -20.87 -18.12
CA THR C 133 -43.37 -22.23 -17.82
C THR C 133 -43.99 -22.68 -16.50
N THR C 134 -44.67 -23.82 -16.53
CA THR C 134 -45.30 -24.37 -15.34
C THR C 134 -44.34 -25.30 -14.62
N LEU C 135 -44.11 -25.05 -13.33
CA LEU C 135 -43.23 -25.86 -12.51
C LEU C 135 -44.02 -26.48 -11.37
N THR C 136 -43.93 -27.81 -11.26
CA THR C 136 -44.57 -28.58 -10.20
C THR C 136 -43.49 -29.29 -9.40
N VAL C 137 -43.42 -28.99 -8.11
CA VAL C 137 -42.39 -29.54 -7.23
C VAL C 137 -43.05 -30.63 -6.39
N SER C 138 -42.76 -31.89 -6.71
CA SER C 138 -43.38 -33.02 -6.03
C SER C 138 -42.56 -34.27 -6.28
N SER C 139 -42.80 -35.28 -5.44
CA SER C 139 -42.24 -36.61 -5.62
C SER C 139 -43.10 -37.49 -6.51
N ALA C 140 -44.25 -37.00 -6.94
CA ALA C 140 -45.13 -37.77 -7.82
C ALA C 140 -44.43 -38.05 -9.15
N LYS C 141 -44.80 -39.17 -9.76
CA LYS C 141 -44.20 -39.62 -11.01
C LYS C 141 -45.16 -39.37 -12.16
N THR C 142 -44.63 -38.85 -13.26
CA THR C 142 -45.42 -38.52 -14.44
C THR C 142 -46.29 -39.69 -14.87
N THR C 143 -47.60 -39.46 -14.91
CA THR C 143 -48.57 -40.49 -15.30
C THR C 143 -49.42 -39.92 -16.43
N PRO C 144 -49.42 -40.54 -17.60
CA PRO C 144 -50.24 -40.05 -18.70
C PRO C 144 -51.71 -40.29 -18.43
N PRO C 145 -52.60 -39.52 -19.04
CA PRO C 145 -54.02 -39.61 -18.71
C PRO C 145 -54.72 -40.72 -19.49
N SER C 146 -55.91 -41.05 -19.01
CA SER C 146 -56.86 -41.87 -19.74
C SER C 146 -57.95 -40.97 -20.33
N VAL C 147 -58.27 -41.20 -21.60
CA VAL C 147 -59.24 -40.38 -22.33
C VAL C 147 -60.46 -41.24 -22.62
N TYR C 148 -61.62 -40.81 -22.13
CA TYR C 148 -62.87 -41.51 -22.35
C TYR C 148 -63.84 -40.63 -23.13
N PRO C 149 -64.44 -41.14 -24.20
CA PRO C 149 -65.41 -40.33 -24.96
C PRO C 149 -66.75 -40.27 -24.24
N LEU C 150 -67.52 -39.23 -24.58
CA LEU C 150 -68.80 -38.96 -23.93
C LEU C 150 -69.81 -38.60 -25.01
N ALA C 151 -70.74 -39.51 -25.25
CA ALA C 151 -71.78 -39.36 -26.26
C ALA C 151 -73.10 -39.80 -25.64
N PRO C 152 -74.24 -39.34 -26.20
CA PRO C 152 -75.53 -39.75 -25.64
C PRO C 152 -76.08 -41.01 -26.30
N GLY C 155 -79.29 -43.15 -27.38
CA GLY C 155 -80.68 -43.48 -27.65
C GLY C 155 -81.65 -42.71 -26.78
N ASP C 156 -81.80 -41.42 -27.04
CA ASP C 156 -82.66 -40.55 -26.24
C ASP C 156 -83.22 -39.47 -27.15
N THR C 157 -83.61 -38.33 -26.55
CA THR C 157 -84.20 -37.24 -27.31
C THR C 157 -83.11 -36.39 -27.97
N THR C 158 -83.47 -35.80 -29.11
CA THR C 158 -82.52 -35.03 -29.92
C THR C 158 -83.16 -33.71 -30.34
N GLY C 159 -82.30 -32.71 -30.53
CA GLY C 159 -82.72 -31.38 -30.94
C GLY C 159 -81.83 -30.86 -32.04
N SER C 160 -82.01 -29.60 -32.44
CA SER C 160 -81.22 -29.02 -33.52
C SER C 160 -79.79 -28.71 -33.05
N SER C 161 -79.31 -29.43 -32.04
CA SER C 161 -77.96 -29.27 -31.52
C SER C 161 -77.62 -30.41 -30.57
N VAL C 162 -76.42 -30.99 -30.73
CA VAL C 162 -75.97 -32.08 -29.88
C VAL C 162 -74.61 -31.71 -29.30
N THR C 163 -74.40 -32.04 -28.03
CA THR C 163 -73.17 -31.75 -27.31
C THR C 163 -72.45 -33.06 -26.98
N LEU C 164 -71.13 -33.08 -27.22
CA LEU C 164 -70.29 -34.23 -26.95
C LEU C 164 -69.16 -33.82 -26.01
N GLY C 165 -68.51 -34.82 -25.40
CA GLY C 165 -67.47 -34.51 -24.43
C GLY C 165 -66.36 -35.53 -24.40
N CYS C 166 -65.30 -35.16 -23.69
CA CYS C 166 -64.19 -36.06 -23.40
C CYS C 166 -63.75 -35.88 -21.95
N LEU C 167 -63.56 -37.01 -21.26
CA LEU C 167 -63.09 -37.03 -19.89
C LEU C 167 -61.62 -37.43 -19.87
N VAL C 168 -60.76 -36.55 -19.35
CA VAL C 168 -59.34 -36.80 -19.18
C VAL C 168 -59.11 -37.09 -17.70
N LYS C 169 -58.80 -38.34 -17.36
CA LYS C 169 -58.75 -38.77 -15.96
C LYS C 169 -57.41 -39.39 -15.62
N GLY C 170 -56.93 -39.11 -14.41
CA GLY C 170 -55.79 -39.81 -13.86
C GLY C 170 -54.44 -39.45 -14.48
N TYR C 171 -54.09 -38.16 -14.47
CA TYR C 171 -52.81 -37.72 -15.00
C TYR C 171 -52.10 -36.81 -14.01
N PHE C 172 -50.77 -36.77 -14.15
CA PHE C 172 -49.91 -35.86 -13.40
C PHE C 172 -48.64 -35.67 -14.20
N PRO C 173 -48.11 -34.44 -14.29
CA PRO C 173 -48.71 -33.23 -13.73
C PRO C 173 -49.59 -32.46 -14.73
N GLU C 174 -50.21 -31.40 -14.24
CA GLU C 174 -50.92 -30.47 -15.10
C GLU C 174 -49.92 -29.77 -16.02
N SER C 175 -50.31 -29.51 -17.27
CA SER C 175 -51.67 -29.66 -17.74
C SER C 175 -51.80 -30.45 -19.03
N VAL C 176 -53.03 -30.51 -19.53
CA VAL C 176 -53.34 -31.12 -20.82
C VAL C 176 -54.04 -30.08 -21.68
N THR C 177 -53.97 -30.28 -22.99
CA THR C 177 -54.65 -29.42 -23.95
C THR C 177 -55.58 -30.27 -24.80
N VAL C 178 -56.86 -29.90 -24.84
CA VAL C 178 -57.89 -30.67 -25.53
C VAL C 178 -58.43 -29.83 -26.67
N THR C 179 -58.18 -30.27 -27.91
CA THR C 179 -58.63 -29.57 -29.11
C THR C 179 -59.61 -30.43 -29.89
N TRP C 180 -60.60 -29.78 -30.49
CA TRP C 180 -61.66 -30.46 -31.23
C TRP C 180 -61.51 -30.16 -32.72
N ASN C 181 -61.02 -31.15 -33.48
CA ASN C 181 -60.87 -31.07 -34.93
C ASN C 181 -59.96 -29.94 -35.38
N SER C 182 -59.21 -29.33 -34.45
CA SER C 182 -58.28 -28.22 -34.69
C SER C 182 -58.99 -26.92 -35.05
N GLY C 183 -60.32 -26.89 -35.05
CA GLY C 183 -61.07 -25.68 -35.35
C GLY C 183 -62.52 -25.94 -35.73
N SER C 187 -66.99 -23.56 -34.19
CA SER C 187 -67.82 -24.30 -33.24
C SER C 187 -67.55 -23.86 -31.82
N SER C 188 -68.54 -24.05 -30.95
CA SER C 188 -68.44 -23.61 -29.56
C SER C 188 -67.90 -24.72 -28.68
N VAL C 189 -66.84 -24.39 -27.94
CA VAL C 189 -66.10 -25.34 -27.12
C VAL C 189 -66.00 -24.80 -25.70
N HIS C 190 -65.97 -25.69 -24.72
CA HIS C 190 -65.89 -25.37 -23.31
C HIS C 190 -64.84 -26.28 -22.68
N THR C 191 -63.88 -25.68 -21.97
CA THR C 191 -62.80 -26.42 -21.31
C THR C 191 -62.91 -26.19 -19.80
N PHE C 192 -62.87 -27.27 -19.04
CA PHE C 192 -63.16 -27.25 -17.61
C PHE C 192 -61.88 -27.44 -16.80
N PRO C 193 -61.71 -26.67 -15.73
CA PRO C 193 -60.45 -26.75 -14.95
C PRO C 193 -60.27 -28.12 -14.32
N ALA C 194 -59.02 -28.59 -14.33
CA ALA C 194 -58.70 -29.88 -13.74
C ALA C 194 -58.81 -29.83 -12.22
N LEU C 195 -59.21 -30.96 -11.65
CA LEU C 195 -59.35 -31.09 -10.21
C LEU C 195 -58.49 -32.24 -9.70
N LEU C 196 -58.05 -32.13 -8.45
CA LEU C 196 -57.17 -33.11 -7.85
C LEU C 196 -57.97 -34.18 -7.10
N GLN C 197 -57.66 -35.44 -7.39
CA GLN C 197 -58.28 -36.59 -6.74
C GLN C 197 -57.20 -37.64 -6.52
N SER C 198 -56.96 -37.97 -5.26
CA SER C 198 -56.04 -39.05 -4.88
C SER C 198 -54.64 -38.83 -5.43
N GLY C 199 -54.27 -37.57 -5.66
CA GLY C 199 -52.96 -37.24 -6.18
C GLY C 199 -52.82 -37.27 -7.68
N LEU C 200 -53.92 -37.32 -8.43
CA LEU C 200 -53.88 -37.21 -9.89
C LEU C 200 -54.97 -36.26 -10.32
N TYR C 201 -54.92 -35.84 -11.59
CA TYR C 201 -55.81 -34.79 -12.08
C TYR C 201 -56.91 -35.37 -12.98
N THR C 202 -58.10 -34.78 -12.87
CA THR C 202 -59.24 -35.15 -13.70
C THR C 202 -59.92 -33.89 -14.20
N MET C 203 -60.07 -33.80 -15.52
CA MET C 203 -60.75 -32.69 -16.16
C MET C 203 -61.63 -33.22 -17.29
N SER C 204 -62.41 -32.32 -17.89
CA SER C 204 -63.32 -32.68 -18.97
C SER C 204 -63.42 -31.52 -19.94
N SER C 205 -63.91 -31.83 -21.15
CA SER C 205 -64.09 -30.80 -22.16
C SER C 205 -65.29 -31.13 -23.03
N SER C 206 -66.16 -30.15 -23.28
CA SER C 206 -67.39 -30.38 -24.03
C SER C 206 -67.49 -29.42 -25.21
N VAL C 207 -68.07 -29.91 -26.30
CA VAL C 207 -68.25 -29.10 -27.51
C VAL C 207 -69.68 -29.29 -28.00
N THR C 208 -70.24 -28.25 -28.63
CA THR C 208 -71.60 -28.30 -29.14
C THR C 208 -71.61 -28.08 -30.64
N VAL C 209 -72.18 -29.03 -31.38
CA VAL C 209 -72.29 -28.92 -32.83
C VAL C 209 -73.71 -29.30 -33.24
N PRO C 210 -74.16 -28.86 -34.41
CA PRO C 210 -75.53 -29.19 -34.84
C PRO C 210 -75.73 -30.69 -35.00
N SER C 211 -76.91 -31.16 -34.59
CA SER C 211 -77.19 -32.59 -34.62
C SER C 211 -77.47 -33.10 -36.03
N SER C 212 -77.76 -32.21 -36.99
CA SER C 212 -77.79 -32.63 -38.38
C SER C 212 -76.40 -33.08 -38.85
N THR C 213 -75.35 -32.59 -38.19
CA THR C 213 -73.99 -32.98 -38.53
C THR C 213 -73.57 -34.28 -37.86
N TRP C 214 -74.11 -34.58 -36.66
CA TRP C 214 -73.64 -35.75 -35.95
C TRP C 214 -74.76 -36.79 -35.81
N PRO C 215 -74.46 -38.09 -35.94
CA PRO C 215 -73.12 -38.65 -36.17
C PRO C 215 -72.80 -38.88 -37.65
N SER C 216 -73.46 -38.13 -38.54
CA SER C 216 -73.12 -38.21 -39.95
C SER C 216 -71.69 -37.76 -40.19
N GLN C 217 -71.30 -36.63 -39.60
CA GLN C 217 -69.91 -36.21 -39.60
C GLN C 217 -69.13 -36.97 -38.53
N THR C 218 -67.81 -36.94 -38.67
CA THR C 218 -66.91 -37.49 -37.66
C THR C 218 -66.30 -36.37 -36.84
N VAL C 219 -66.17 -36.61 -35.54
CA VAL C 219 -65.65 -35.61 -34.61
C VAL C 219 -64.67 -36.30 -33.67
N THR C 220 -63.48 -35.72 -33.52
CA THR C 220 -62.42 -36.32 -32.73
C THR C 220 -61.91 -35.30 -31.70
N CYS C 221 -61.76 -35.75 -30.46
CA CYS C 221 -61.15 -34.95 -29.41
C CYS C 221 -59.69 -35.37 -29.25
N SER C 222 -58.79 -34.39 -29.22
CA SER C 222 -57.36 -34.62 -29.11
C SER C 222 -56.86 -34.07 -27.78
N VAL C 223 -56.36 -34.96 -26.93
CA VAL C 223 -55.85 -34.62 -25.60
C VAL C 223 -54.34 -34.76 -25.64
N ALA C 224 -53.63 -33.68 -25.33
CA ALA C 224 -52.17 -33.68 -25.31
C ALA C 224 -51.69 -33.47 -23.88
N HIS C 225 -50.82 -34.38 -23.42
CA HIS C 225 -50.18 -34.27 -22.12
C HIS C 225 -48.68 -34.23 -22.37
N PRO C 226 -48.06 -33.05 -22.32
CA PRO C 226 -46.64 -32.96 -22.69
C PRO C 226 -45.71 -33.61 -21.70
N ALA C 227 -45.97 -33.46 -20.39
CA ALA C 227 -45.04 -33.94 -19.37
C ALA C 227 -44.83 -35.46 -19.44
N SER C 228 -45.81 -36.19 -19.98
CA SER C 228 -45.63 -37.60 -20.30
C SER C 228 -45.37 -37.80 -21.79
N SER C 229 -45.33 -36.72 -22.56
CA SER C 229 -45.14 -36.76 -24.01
C SER C 229 -46.12 -37.72 -24.67
N THR C 230 -47.37 -37.66 -24.22
CA THR C 230 -48.43 -38.50 -24.78
C THR C 230 -49.46 -37.63 -25.49
N THR C 231 -49.93 -38.09 -26.64
CA THR C 231 -51.05 -37.47 -27.33
C THR C 231 -52.06 -38.56 -27.64
N VAL C 232 -53.34 -38.30 -27.31
CA VAL C 232 -54.40 -39.27 -27.49
C VAL C 232 -55.53 -38.63 -28.27
N ASP C 233 -55.89 -39.24 -29.40
CA ASP C 233 -57.09 -38.86 -30.12
C ASP C 233 -58.17 -39.88 -29.78
N LYS C 234 -59.41 -39.40 -29.68
CA LYS C 234 -60.58 -40.25 -29.45
C LYS C 234 -61.64 -39.84 -30.46
N LYS C 235 -62.08 -40.80 -31.27
CA LYS C 235 -63.18 -40.55 -32.20
C LYS C 235 -64.51 -40.73 -31.48
N LEU C 236 -65.45 -39.84 -31.74
CA LEU C 236 -66.74 -39.84 -31.07
C LEU C 236 -67.74 -40.64 -31.89
N GLU C 237 -68.30 -41.69 -31.28
CA GLU C 237 -69.32 -42.53 -31.89
C GLU C 237 -70.43 -42.75 -30.87
N PRO C 238 -71.65 -42.99 -31.33
CA PRO C 238 -72.77 -43.11 -30.38
C PRO C 238 -72.81 -44.49 -29.75
N SER C 239 -73.35 -44.53 -28.53
CA SER C 239 -73.47 -45.76 -27.76
C SER C 239 -74.26 -46.84 -28.50
N ASN D 21 -40.92 -1.07 0.29
CA ASN D 21 -41.31 -1.11 -1.11
C ASN D 21 -42.58 -0.32 -1.36
N ILE D 22 -42.81 0.03 -2.62
CA ILE D 22 -44.05 0.70 -3.01
C ILE D 22 -45.13 -0.35 -3.17
N VAL D 23 -46.16 -0.28 -2.35
CA VAL D 23 -47.23 -1.27 -2.34
C VAL D 23 -48.43 -0.71 -3.09
N LEU D 24 -48.85 -1.43 -4.13
CA LEU D 24 -50.02 -1.05 -4.91
C LEU D 24 -51.24 -1.80 -4.40
N THR D 25 -52.27 -1.05 -4.00
CA THR D 25 -53.53 -1.61 -3.53
C THR D 25 -54.61 -1.29 -4.57
N GLN D 26 -55.26 -2.33 -5.08
CA GLN D 26 -56.25 -2.18 -6.13
C GLN D 26 -57.65 -2.27 -5.56
N SER D 27 -58.55 -1.45 -6.10
CA SER D 27 -59.95 -1.44 -5.68
C SER D 27 -60.85 -1.36 -6.90
N PRO D 28 -61.91 -2.17 -6.96
CA PRO D 28 -62.21 -3.19 -5.93
C PRO D 28 -61.52 -4.52 -6.20
N ALA D 29 -61.64 -5.46 -5.25
CA ALA D 29 -61.05 -6.78 -5.44
C ALA D 29 -61.65 -7.49 -6.65
N SER D 30 -62.97 -7.45 -6.79
CA SER D 30 -63.67 -8.01 -7.93
C SER D 30 -64.80 -7.08 -8.33
N LEU D 31 -65.08 -7.01 -9.63
CA LEU D 31 -66.07 -6.08 -10.16
C LEU D 31 -66.94 -6.78 -11.18
N ALA D 32 -68.25 -6.50 -11.10
CA ALA D 32 -69.24 -6.98 -12.06
C ALA D 32 -69.86 -5.78 -12.77
N VAL D 33 -69.85 -5.80 -14.11
CA VAL D 33 -70.33 -4.69 -14.91
C VAL D 33 -71.14 -5.24 -16.09
N SER D 34 -72.19 -4.51 -16.48
CA SER D 34 -73.04 -4.90 -17.59
C SER D 34 -72.45 -4.42 -18.92
N LEU D 35 -72.88 -5.06 -20.00
CA LEU D 35 -72.44 -4.68 -21.34
C LEU D 35 -72.70 -3.20 -21.60
N GLY D 36 -71.71 -2.52 -22.17
CA GLY D 36 -71.86 -1.14 -22.56
C GLY D 36 -71.72 -0.12 -21.46
N GLN D 37 -71.52 -0.54 -20.22
CA GLN D 37 -71.43 0.37 -19.09
C GLN D 37 -70.02 0.98 -19.02
N ARG D 38 -69.75 1.72 -17.96
CA ARG D 38 -68.43 2.30 -17.71
C ARG D 38 -67.79 1.60 -16.52
N ALA D 39 -66.57 1.11 -16.70
CA ALA D 39 -65.84 0.42 -15.65
C ALA D 39 -64.68 1.30 -15.17
N THR D 40 -64.54 1.40 -13.85
CA THR D 40 -63.49 2.21 -13.24
C THR D 40 -62.79 1.38 -12.18
N ILE D 41 -61.48 1.21 -12.33
CA ILE D 41 -60.64 0.55 -11.34
C ILE D 41 -59.64 1.57 -10.81
N SER D 42 -59.31 1.46 -9.52
CA SER D 42 -58.39 2.39 -8.90
C SER D 42 -57.18 1.67 -8.33
N CYS D 43 -56.04 2.34 -8.39
CA CYS D 43 -54.76 1.83 -7.90
C CYS D 43 -54.15 2.90 -6.99
N ARG D 44 -53.83 2.49 -5.75
CA ARG D 44 -53.32 3.40 -4.73
C ARG D 44 -51.94 2.93 -4.30
N ALA D 45 -50.94 3.79 -4.49
CA ALA D 45 -49.56 3.49 -4.13
C ALA D 45 -49.24 4.02 -2.74
N SER D 46 -48.36 3.29 -2.04
CA SER D 46 -47.91 3.72 -0.72
C SER D 46 -46.88 4.84 -0.80
N GLU D 47 -46.26 5.03 -1.95
CA GLU D 47 -45.25 6.06 -2.15
C GLU D 47 -45.40 6.60 -3.57
N SER D 48 -44.95 7.84 -3.77
CA SER D 48 -45.11 8.48 -5.07
C SER D 48 -44.38 7.68 -6.15
N VAL D 49 -45.06 7.46 -7.27
CA VAL D 49 -44.46 6.82 -8.43
C VAL D 49 -44.09 7.84 -9.51
N ASP D 50 -43.98 9.12 -9.13
CA ASP D 50 -43.72 10.19 -10.07
C ASP D 50 -42.25 10.58 -10.00
N SER D 51 -41.62 10.67 -11.17
CA SER D 51 -40.23 11.10 -11.26
C SER D 51 -40.01 11.74 -12.63
N TYR D 52 -39.15 12.75 -12.67
CA TYR D 52 -38.78 13.46 -13.89
C TYR D 52 -39.98 14.09 -14.59
N GLY D 53 -41.07 14.31 -13.87
CA GLY D 53 -42.29 14.84 -14.45
C GLY D 53 -43.21 13.80 -15.05
N TYR D 54 -42.91 12.52 -14.91
CA TYR D 54 -43.72 11.45 -15.45
C TYR D 54 -44.18 10.52 -14.33
N SER D 55 -45.31 9.86 -14.56
CA SER D 55 -45.86 8.90 -13.62
C SER D 55 -45.56 7.49 -14.13
N PHE D 56 -44.76 6.74 -13.36
CA PHE D 56 -44.31 5.41 -13.78
C PHE D 56 -45.32 4.38 -13.27
N MET D 57 -46.44 4.29 -14.00
CA MET D 57 -47.59 3.48 -13.66
C MET D 57 -48.09 2.81 -14.93
N HIS D 58 -48.54 1.56 -14.83
CA HIS D 58 -49.00 0.85 -16.01
C HIS D 58 -50.16 -0.06 -15.66
N TRP D 59 -51.02 -0.29 -16.66
CA TRP D 59 -52.21 -1.12 -16.52
C TRP D 59 -52.11 -2.27 -17.50
N TYR D 60 -52.35 -3.48 -17.01
CA TYR D 60 -52.27 -4.68 -17.82
C TYR D 60 -53.58 -5.47 -17.71
N GLN D 61 -53.92 -6.14 -18.82
CA GLN D 61 -55.05 -7.05 -18.88
C GLN D 61 -54.52 -8.46 -19.05
N GLN D 62 -55.00 -9.39 -18.22
CA GLN D 62 -54.61 -10.78 -18.29
C GLN D 62 -55.85 -11.63 -18.50
N LYS D 63 -55.97 -12.20 -19.68
CA LYS D 63 -56.88 -13.30 -19.91
C LYS D 63 -56.33 -14.56 -19.23
N PRO D 64 -57.21 -15.43 -18.73
CA PRO D 64 -56.74 -16.62 -18.02
C PRO D 64 -55.97 -17.56 -18.93
N GLY D 65 -54.98 -18.24 -18.36
CA GLY D 65 -54.16 -19.15 -19.13
C GLY D 65 -53.32 -18.48 -20.18
N GLN D 66 -53.07 -17.18 -20.02
CA GLN D 66 -52.45 -16.35 -21.05
C GLN D 66 -51.51 -15.38 -20.38
N PRO D 67 -50.49 -14.89 -21.08
CA PRO D 67 -49.66 -13.83 -20.55
C PRO D 67 -50.44 -12.53 -20.47
N PRO D 68 -50.10 -11.65 -19.53
CA PRO D 68 -50.76 -10.34 -19.47
C PRO D 68 -50.40 -9.48 -20.66
N LYS D 69 -51.25 -8.49 -20.90
CA LYS D 69 -51.12 -7.60 -22.04
C LYS D 69 -51.25 -6.15 -21.57
N VAL D 70 -50.48 -5.27 -22.18
CA VAL D 70 -50.47 -3.87 -21.79
C VAL D 70 -51.67 -3.15 -22.38
N LEU D 71 -52.30 -2.31 -21.57
CA LEU D 71 -53.35 -1.42 -22.04
C LEU D 71 -52.91 0.04 -21.96
N ILE D 72 -52.58 0.53 -20.77
CA ILE D 72 -52.11 1.90 -20.58
C ILE D 72 -50.67 1.83 -20.07
N TYR D 73 -49.76 2.50 -20.76
CA TYR D 73 -48.38 2.65 -20.31
C TYR D 73 -48.20 4.09 -19.87
N LEU D 74 -47.45 4.28 -18.78
CA LEU D 74 -47.48 5.55 -18.03
C LEU D 74 -48.91 5.79 -17.54
N ALA D 75 -49.17 6.97 -16.98
CA ALA D 75 -50.47 7.22 -16.39
C ALA D 75 -51.59 7.22 -17.43
N SER D 76 -51.33 7.77 -18.63
CA SER D 76 -52.41 8.16 -19.52
C SER D 76 -51.99 8.05 -20.97
N ASN D 77 -51.35 6.94 -21.35
CA ASN D 77 -50.99 6.68 -22.74
C ASN D 77 -51.60 5.36 -23.20
N LEU D 78 -52.32 5.42 -24.32
CA LEU D 78 -52.90 4.23 -24.89
C LEU D 78 -51.83 3.41 -25.58
N GLU D 79 -51.76 2.12 -25.26
CA GLU D 79 -50.80 1.25 -25.90
C GLU D 79 -51.17 1.09 -27.38
N SER D 80 -50.16 1.00 -28.23
CA SER D 80 -50.38 0.91 -29.67
C SER D 80 -51.21 -0.33 -30.00
N GLY D 81 -52.30 -0.12 -30.74
CA GLY D 81 -53.20 -1.20 -31.11
C GLY D 81 -54.16 -1.64 -30.04
N VAL D 82 -54.40 -0.81 -29.03
CA VAL D 82 -55.36 -1.11 -27.98
C VAL D 82 -56.59 -0.22 -28.18
N PRO D 83 -57.80 -0.76 -28.07
CA PRO D 83 -59.00 0.04 -28.35
C PRO D 83 -59.07 1.28 -27.47
N ALA D 84 -59.46 2.40 -28.09
CA ALA D 84 -59.48 3.70 -27.44
C ALA D 84 -60.52 3.81 -26.33
N ARG D 85 -61.30 2.75 -26.08
CA ARG D 85 -62.23 2.78 -24.96
C ARG D 85 -61.51 2.70 -23.63
N PHE D 86 -60.27 2.21 -23.64
CA PHE D 86 -59.44 2.22 -22.45
C PHE D 86 -58.83 3.60 -22.24
N SER D 87 -58.68 3.97 -20.98
CA SER D 87 -58.06 5.25 -20.67
C SER D 87 -57.52 5.19 -19.26
N GLY D 88 -56.48 5.97 -19.01
CA GLY D 88 -55.87 6.03 -17.70
C GLY D 88 -55.70 7.47 -17.27
N SER D 89 -55.74 7.68 -15.95
CA SER D 89 -55.55 9.01 -15.41
C SER D 89 -55.04 8.88 -13.98
N GLY D 90 -54.59 10.00 -13.43
CA GLY D 90 -54.09 10.04 -12.08
C GLY D 90 -52.65 10.49 -12.02
N SER D 91 -52.17 10.63 -10.79
CA SER D 91 -50.78 11.02 -10.57
C SER D 91 -50.39 10.70 -9.13
N ARG D 92 -49.10 10.87 -8.85
CA ARG D 92 -48.53 10.67 -7.53
C ARG D 92 -48.91 9.30 -6.99
N THR D 93 -49.91 9.26 -6.12
CA THR D 93 -50.32 8.02 -5.48
C THR D 93 -51.57 7.40 -6.08
N ASP D 94 -52.47 8.19 -6.66
CA ASP D 94 -53.79 7.69 -7.06
C ASP D 94 -53.90 7.62 -8.58
N PHE D 95 -54.36 6.48 -9.08
CA PHE D 95 -54.52 6.28 -10.51
C PHE D 95 -55.81 5.51 -10.78
N THR D 96 -56.34 5.69 -12.00
CA THR D 96 -57.65 5.15 -12.37
C THR D 96 -57.62 4.68 -13.81
N LEU D 97 -58.11 3.46 -14.02
CA LEU D 97 -58.32 2.89 -15.34
C LEU D 97 -59.81 2.91 -15.65
N THR D 98 -60.16 3.39 -16.83
CA THR D 98 -61.54 3.52 -17.26
C THR D 98 -61.75 2.77 -18.58
N ILE D 99 -62.81 1.97 -18.62
CA ILE D 99 -63.21 1.24 -19.82
C ILE D 99 -64.61 1.70 -20.18
N ASP D 100 -64.77 2.19 -21.41
CA ASP D 100 -66.05 2.78 -21.81
C ASP D 100 -66.21 2.77 -23.32
N PRO D 101 -67.10 1.93 -23.88
CA PRO D 101 -67.92 0.99 -23.10
C PRO D 101 -67.31 -0.41 -22.98
N VAL D 102 -67.39 -0.98 -21.78
CA VAL D 102 -66.88 -2.34 -21.57
C VAL D 102 -67.66 -3.32 -22.44
N GLU D 103 -66.95 -4.25 -23.06
CA GLU D 103 -67.56 -5.19 -23.99
C GLU D 103 -67.23 -6.62 -23.56
N ALA D 104 -67.77 -7.59 -24.31
CA ALA D 104 -67.69 -8.99 -23.93
C ALA D 104 -66.26 -9.52 -23.88
N ASP D 105 -65.33 -8.91 -24.62
CA ASP D 105 -63.94 -9.40 -24.64
C ASP D 105 -63.22 -9.13 -23.32
N ASP D 106 -63.64 -8.11 -22.58
CA ASP D 106 -62.88 -7.59 -21.46
C ASP D 106 -63.04 -8.38 -20.16
N ALA D 107 -63.69 -9.54 -20.21
CA ALA D 107 -63.73 -10.42 -19.03
C ALA D 107 -62.34 -10.97 -18.77
N ALA D 108 -61.62 -10.40 -17.81
CA ALA D 108 -60.24 -10.76 -17.54
C ALA D 108 -59.84 -10.09 -16.23
N THR D 109 -58.62 -10.38 -15.77
CA THR D 109 -58.12 -9.75 -14.55
C THR D 109 -57.23 -8.56 -14.93
N TYR D 110 -57.31 -7.49 -14.16
CA TYR D 110 -56.63 -6.25 -14.49
C TYR D 110 -55.68 -5.85 -13.37
N TYR D 111 -54.44 -5.59 -13.73
CA TYR D 111 -53.38 -5.32 -12.76
C TYR D 111 -52.77 -3.94 -13.02
N CYS D 112 -52.33 -3.29 -11.94
CA CYS D 112 -51.50 -2.10 -12.04
C CYS D 112 -50.08 -2.41 -11.57
N GLN D 113 -49.11 -1.72 -12.15
CA GLN D 113 -47.70 -1.96 -11.84
C GLN D 113 -46.93 -0.65 -11.87
N GLN D 114 -45.91 -0.55 -11.02
CA GLN D 114 -45.06 0.63 -10.98
C GLN D 114 -43.61 0.23 -11.17
N ASN D 115 -42.85 1.10 -11.83
CA ASN D 115 -41.41 0.94 -11.94
C ASN D 115 -40.72 2.29 -11.68
N ASN D 116 -41.05 2.90 -10.55
CA ASN D 116 -40.36 4.11 -10.12
C ASN D 116 -39.17 3.80 -9.21
N GLU D 117 -39.30 2.79 -8.36
CA GLU D 117 -38.22 2.41 -7.48
C GLU D 117 -38.25 0.90 -7.29
N ASN D 118 -37.06 0.32 -7.12
CA ASN D 118 -36.95 -1.11 -6.89
C ASN D 118 -37.48 -1.45 -5.50
N PRO D 119 -38.15 -2.61 -5.34
CA PRO D 119 -38.43 -3.55 -6.43
C PRO D 119 -39.67 -3.18 -7.21
N LEU D 120 -39.75 -3.58 -8.48
CA LEU D 120 -41.00 -3.42 -9.23
C LEU D 120 -42.12 -4.17 -8.52
N THR D 121 -43.27 -3.53 -8.40
CA THR D 121 -44.39 -4.08 -7.63
C THR D 121 -45.68 -4.01 -8.44
N PHE D 122 -46.54 -5.00 -8.20
CA PHE D 122 -47.84 -5.11 -8.84
C PHE D 122 -48.96 -4.87 -7.84
N GLY D 123 -50.14 -4.58 -8.36
CA GLY D 123 -51.34 -4.62 -7.55
C GLY D 123 -51.82 -6.04 -7.33
N ALA D 124 -52.78 -6.18 -6.42
CA ALA D 124 -53.32 -7.51 -6.14
C ALA D 124 -54.18 -8.02 -7.29
N GLY D 125 -54.82 -7.12 -8.03
CA GLY D 125 -55.59 -7.50 -9.19
C GLY D 125 -57.08 -7.22 -9.00
N THR D 126 -57.75 -6.98 -10.12
CA THR D 126 -59.20 -6.80 -10.15
C THR D 126 -59.77 -7.73 -11.21
N LYS D 127 -60.59 -8.69 -10.77
CA LYS D 127 -61.23 -9.64 -11.67
C LYS D 127 -62.54 -9.03 -12.17
N LEU D 128 -62.62 -8.79 -13.47
CA LEU D 128 -63.81 -8.19 -14.07
C LEU D 128 -64.77 -9.27 -14.56
N GLU D 129 -66.03 -9.18 -14.14
CA GLU D 129 -67.09 -10.09 -14.54
C GLU D 129 -68.18 -9.32 -15.27
N LEU D 130 -68.65 -9.87 -16.38
CA LEU D 130 -69.68 -9.24 -17.20
C LEU D 130 -71.08 -9.62 -16.73
N LYS D 131 -71.98 -8.63 -16.77
CA LYS D 131 -73.40 -8.84 -16.51
C LYS D 131 -74.16 -8.86 -17.83
N ARG D 132 -75.01 -9.88 -18.00
CA ARG D 132 -75.87 -9.99 -19.16
C ARG D 132 -77.26 -10.44 -18.70
N ALA D 133 -78.19 -10.54 -19.64
CA ALA D 133 -79.52 -11.05 -19.33
C ALA D 133 -79.43 -12.53 -18.97
N ASP D 134 -80.17 -12.92 -17.93
CA ASP D 134 -80.08 -14.26 -17.38
C ASP D 134 -80.46 -15.30 -18.44
N ALA D 135 -79.92 -16.50 -18.28
CA ALA D 135 -80.12 -17.57 -19.24
C ALA D 135 -80.14 -18.90 -18.52
N ALA D 136 -80.87 -19.86 -19.10
CA ALA D 136 -81.08 -21.19 -18.54
C ALA D 136 -79.95 -22.13 -18.94
N PRO D 137 -79.61 -23.08 -18.06
CA PRO D 137 -78.50 -24.01 -18.36
C PRO D 137 -78.96 -25.17 -19.24
N THR D 138 -78.20 -25.44 -20.29
CA THR D 138 -78.40 -26.65 -21.09
C THR D 138 -77.77 -27.81 -20.35
N VAL D 139 -78.60 -28.76 -19.89
CA VAL D 139 -78.16 -29.88 -19.10
C VAL D 139 -78.01 -31.11 -19.99
N SER D 140 -76.92 -31.85 -19.81
CA SER D 140 -76.70 -33.09 -20.54
C SER D 140 -76.14 -34.13 -19.59
N ILE D 141 -76.62 -35.37 -19.71
CA ILE D 141 -76.27 -36.46 -18.82
C ILE D 141 -75.56 -37.54 -19.61
N PHE D 142 -74.50 -38.11 -19.04
CA PHE D 142 -73.66 -39.07 -19.75
C PHE D 142 -73.31 -40.26 -18.85
N PRO D 143 -73.64 -41.47 -19.30
CA PRO D 143 -73.33 -42.68 -18.55
C PRO D 143 -71.84 -42.95 -18.57
N PRO D 144 -71.37 -43.84 -17.69
CA PRO D 144 -69.95 -44.23 -17.73
C PRO D 144 -69.60 -44.92 -19.04
N SER D 145 -68.36 -44.70 -19.48
CA SER D 145 -67.91 -45.23 -20.75
C SER D 145 -67.75 -46.75 -20.67
N SER D 146 -67.78 -47.38 -21.85
CA SER D 146 -67.57 -48.82 -21.92
C SER D 146 -66.15 -49.20 -21.54
N GLU D 147 -65.18 -48.37 -21.95
CA GLU D 147 -63.80 -48.60 -21.57
C GLU D 147 -63.60 -48.42 -20.07
N GLN D 148 -64.37 -47.52 -19.45
CA GLN D 148 -64.22 -47.27 -18.02
C GLN D 148 -64.79 -48.39 -17.19
N LEU D 149 -65.97 -48.90 -17.58
CA LEU D 149 -66.63 -49.96 -16.82
C LEU D 149 -65.78 -51.22 -16.71
N THR D 150 -64.81 -51.40 -17.60
CA THR D 150 -63.99 -52.60 -17.60
C THR D 150 -62.71 -52.45 -16.77
N SER D 151 -62.30 -51.23 -16.45
CA SER D 151 -61.06 -51.00 -15.73
C SER D 151 -61.23 -50.97 -14.22
N GLY D 152 -62.45 -51.14 -13.72
CA GLY D 152 -62.67 -51.18 -12.29
C GLY D 152 -63.29 -49.95 -11.67
N GLY D 153 -63.71 -48.97 -12.47
CA GLY D 153 -64.32 -47.77 -11.94
C GLY D 153 -65.38 -47.24 -12.87
N ALA D 154 -66.25 -46.38 -12.31
CA ALA D 154 -67.36 -45.82 -13.07
C ALA D 154 -67.66 -44.41 -12.61
N SER D 155 -67.72 -43.48 -13.57
CA SER D 155 -68.04 -42.08 -13.29
C SER D 155 -69.14 -41.63 -14.22
N VAL D 156 -70.24 -41.14 -13.63
CA VAL D 156 -71.36 -40.58 -14.38
C VAL D 156 -71.20 -39.08 -14.43
N VAL D 157 -71.37 -38.49 -15.61
CA VAL D 157 -71.01 -37.09 -15.82
C VAL D 157 -72.25 -36.30 -16.20
N CYS D 158 -72.33 -35.05 -15.72
CA CYS D 158 -73.38 -34.12 -16.11
C CYS D 158 -72.74 -32.79 -16.48
N PHE D 159 -73.06 -32.30 -17.68
CA PHE D 159 -72.55 -31.03 -18.19
C PHE D 159 -73.66 -29.99 -18.13
N LEU D 160 -73.39 -28.86 -17.49
CA LEU D 160 -74.32 -27.74 -17.43
C LEU D 160 -73.68 -26.58 -18.18
N ASN D 161 -74.22 -26.25 -19.35
CA ASN D 161 -73.55 -25.35 -20.28
C ASN D 161 -74.37 -24.09 -20.51
N ASN D 162 -73.68 -22.94 -20.54
CA ASN D 162 -74.23 -21.68 -21.04
C ASN D 162 -75.42 -21.22 -20.18
N PHE D 163 -75.11 -20.87 -18.94
CA PHE D 163 -76.09 -20.29 -18.03
C PHE D 163 -75.52 -19.03 -17.39
N TYR D 164 -76.43 -18.22 -16.82
CA TYR D 164 -76.08 -17.01 -16.11
C TYR D 164 -77.22 -16.67 -15.16
N PRO D 165 -76.94 -16.24 -13.93
CA PRO D 165 -75.65 -15.95 -13.30
C PRO D 165 -74.83 -17.18 -12.93
N LYS D 166 -73.66 -16.95 -12.33
CA LYS D 166 -72.70 -18.02 -12.06
C LYS D 166 -73.18 -18.95 -10.95
N ASP D 167 -73.89 -18.40 -9.96
CA ASP D 167 -74.33 -19.22 -8.83
C ASP D 167 -75.35 -20.26 -9.28
N ILE D 168 -75.14 -21.51 -8.86
CA ILE D 168 -76.02 -22.61 -9.20
C ILE D 168 -75.70 -23.79 -8.30
N ASN D 169 -76.71 -24.59 -7.98
CA ASN D 169 -76.51 -25.81 -7.22
C ASN D 169 -77.13 -26.98 -7.98
N VAL D 170 -76.41 -28.11 -8.01
CA VAL D 170 -76.83 -29.28 -8.76
C VAL D 170 -77.22 -30.39 -7.80
N LYS D 171 -78.06 -31.30 -8.28
CA LYS D 171 -78.66 -32.35 -7.47
C LYS D 171 -78.63 -33.64 -8.26
N TRP D 172 -78.01 -34.68 -7.72
CA TRP D 172 -77.98 -35.98 -8.35
C TRP D 172 -78.97 -36.91 -7.67
N LYS D 173 -79.85 -37.53 -8.45
CA LYS D 173 -80.81 -38.52 -7.97
C LYS D 173 -80.47 -39.88 -8.57
N ILE D 174 -80.16 -40.84 -7.72
CA ILE D 174 -79.94 -42.22 -8.17
C ILE D 174 -81.11 -43.05 -7.66
N ASP D 175 -81.94 -43.51 -8.59
CA ASP D 175 -83.10 -44.36 -8.29
C ASP D 175 -84.07 -43.69 -7.32
N GLY D 176 -84.07 -42.36 -7.25
CA GLY D 176 -84.93 -41.63 -6.35
C GLY D 176 -84.29 -41.24 -5.02
N SER D 177 -83.09 -41.73 -4.74
CA SER D 177 -82.33 -41.32 -3.56
C SER D 177 -81.36 -40.22 -3.95
N GLU D 178 -81.38 -39.12 -3.20
CA GLU D 178 -80.41 -38.06 -3.45
C GLU D 178 -79.00 -38.56 -3.15
N ARG D 179 -78.03 -37.99 -3.87
CA ARG D 179 -76.64 -38.43 -3.77
C ARG D 179 -75.76 -37.22 -3.51
N GLN D 180 -74.96 -37.30 -2.44
CA GLN D 180 -74.18 -36.18 -1.97
C GLN D 180 -72.69 -36.53 -1.83
N ASN D 181 -72.28 -37.71 -2.25
CA ASN D 181 -70.94 -38.23 -1.97
C ASN D 181 -70.12 -38.36 -3.24
N GLY D 182 -68.83 -38.05 -3.13
CA GLY D 182 -67.92 -38.21 -4.25
C GLY D 182 -68.27 -37.36 -5.45
N VAL D 183 -69.03 -36.29 -5.24
CA VAL D 183 -69.42 -35.39 -6.32
C VAL D 183 -68.39 -34.28 -6.39
N LEU D 184 -67.76 -34.12 -7.56
CA LEU D 184 -66.84 -33.01 -7.76
C LEU D 184 -67.33 -32.13 -8.90
N ASN D 185 -67.26 -30.82 -8.68
CA ASN D 185 -67.77 -29.82 -9.62
C ASN D 185 -66.67 -28.82 -9.93
N SER D 186 -66.64 -28.38 -11.19
CA SER D 186 -65.68 -27.38 -11.66
C SER D 186 -66.41 -26.35 -12.51
N TRP D 187 -66.15 -25.07 -12.22
CA TRP D 187 -66.66 -23.94 -12.97
C TRP D 187 -65.62 -23.47 -13.98
N THR D 188 -66.08 -23.07 -15.15
CA THR D 188 -65.21 -22.47 -16.15
C THR D 188 -65.14 -20.96 -15.97
N ASP D 189 -64.22 -20.33 -16.69
CA ASP D 189 -64.19 -18.88 -16.80
C ASP D 189 -65.34 -18.39 -17.67
N GLN D 190 -65.77 -17.16 -17.42
CA GLN D 190 -66.82 -16.56 -18.22
C GLN D 190 -66.39 -16.49 -19.68
N ASP D 191 -67.26 -16.96 -20.56
CA ASP D 191 -66.93 -17.03 -21.98
C ASP D 191 -66.84 -15.62 -22.56
N SER D 192 -65.82 -15.39 -23.39
CA SER D 192 -65.61 -14.08 -23.95
C SER D 192 -66.65 -13.71 -25.00
N LYS D 193 -67.40 -14.69 -25.51
CA LYS D 193 -68.34 -14.43 -26.60
C LYS D 193 -69.74 -14.10 -26.10
N ASP D 194 -70.33 -14.99 -25.29
CA ASP D 194 -71.71 -14.83 -24.84
C ASP D 194 -71.82 -14.45 -23.36
N SER D 195 -70.71 -14.39 -22.63
CA SER D 195 -70.69 -13.95 -21.24
C SER D 195 -71.46 -14.90 -20.32
N THR D 196 -71.45 -16.19 -20.61
CA THR D 196 -72.10 -17.19 -19.79
C THR D 196 -71.08 -18.12 -19.14
N TYR D 197 -71.55 -18.94 -18.21
CA TYR D 197 -70.71 -19.88 -17.49
C TYR D 197 -71.08 -21.32 -17.83
N SER D 198 -70.24 -22.24 -17.35
CA SER D 198 -70.51 -23.66 -17.49
C SER D 198 -69.91 -24.39 -16.30
N MET D 199 -70.29 -25.65 -16.16
CA MET D 199 -69.92 -26.41 -14.99
C MET D 199 -69.98 -27.89 -15.32
N SER D 200 -69.05 -28.64 -14.73
CA SER D 200 -69.01 -30.09 -14.90
C SER D 200 -69.20 -30.75 -13.54
N SER D 201 -70.24 -31.58 -13.41
CA SER D 201 -70.50 -32.33 -12.20
C SER D 201 -70.15 -33.80 -12.46
N THR D 202 -69.34 -34.38 -11.58
CA THR D 202 -68.80 -35.71 -11.79
C THR D 202 -69.12 -36.56 -10.56
N LEU D 203 -69.82 -37.68 -10.80
CA LEU D 203 -70.12 -38.68 -9.78
C LEU D 203 -69.15 -39.83 -9.97
N THR D 204 -68.30 -40.05 -8.97
CA THR D 204 -67.26 -41.07 -9.03
C THR D 204 -67.61 -42.19 -8.07
N LEU D 205 -67.73 -43.42 -8.59
CA LEU D 205 -68.02 -44.58 -7.77
C LEU D 205 -67.11 -45.72 -8.23
N THR D 206 -67.15 -46.81 -7.48
CA THR D 206 -66.59 -48.05 -7.99
C THR D 206 -67.47 -48.61 -9.10
N LYS D 207 -66.90 -49.52 -9.88
CA LYS D 207 -67.63 -50.10 -11.01
C LYS D 207 -68.90 -50.82 -10.53
N ASP D 208 -68.78 -51.65 -9.49
CA ASP D 208 -69.90 -52.47 -9.05
C ASP D 208 -71.06 -51.61 -8.56
N GLU D 209 -70.77 -50.50 -7.88
CA GLU D 209 -71.83 -49.65 -7.33
C GLU D 209 -72.76 -49.12 -8.42
N TYR D 210 -72.23 -48.86 -9.62
CA TYR D 210 -73.06 -48.32 -10.69
C TYR D 210 -74.15 -49.29 -11.11
N GLU D 211 -73.83 -50.59 -11.11
CA GLU D 211 -74.76 -51.60 -11.62
C GLU D 211 -75.82 -52.02 -10.61
N ARG D 212 -75.66 -51.65 -9.34
CA ARG D 212 -76.67 -51.99 -8.34
C ARG D 212 -77.93 -51.14 -8.49
N HIS D 213 -77.83 -49.98 -9.12
CA HIS D 213 -78.96 -49.08 -9.36
C HIS D 213 -79.13 -48.84 -10.85
N ASN D 214 -80.38 -48.67 -11.28
CA ASN D 214 -80.71 -48.64 -12.70
C ASN D 214 -80.92 -47.24 -13.28
N SER D 215 -81.64 -46.36 -12.57
CA SER D 215 -82.04 -45.07 -13.10
C SER D 215 -81.18 -43.96 -12.52
N TYR D 216 -80.76 -43.02 -13.39
CA TYR D 216 -79.90 -41.92 -12.98
C TYR D 216 -80.48 -40.59 -13.45
N THR D 217 -80.35 -39.56 -12.62
CA THR D 217 -81.01 -38.28 -12.82
C THR D 217 -80.10 -37.14 -12.39
N CYS D 218 -80.07 -36.08 -13.21
CA CYS D 218 -79.33 -34.85 -12.97
C CYS D 218 -80.33 -33.71 -12.96
N GLU D 219 -80.27 -32.87 -11.91
CA GLU D 219 -81.28 -31.84 -11.67
C GLU D 219 -80.57 -30.53 -11.33
N ALA D 220 -80.94 -29.46 -12.02
CA ALA D 220 -80.34 -28.16 -11.78
C ALA D 220 -81.41 -27.15 -11.39
N THR D 221 -81.21 -26.48 -10.26
CA THR D 221 -82.07 -25.38 -9.83
C THR D 221 -81.31 -24.07 -10.06
N HIS D 222 -81.91 -23.18 -10.85
CA HIS D 222 -81.26 -21.94 -11.25
C HIS D 222 -82.22 -20.77 -11.04
N LYS D 223 -81.65 -19.55 -11.15
CA LYS D 223 -82.43 -18.33 -11.07
C LYS D 223 -83.48 -18.22 -12.18
N THR D 224 -83.33 -19.00 -13.25
CA THR D 224 -84.26 -18.90 -14.38
C THR D 224 -85.65 -19.41 -14.01
N SER D 225 -85.73 -20.59 -13.42
CA SER D 225 -87.02 -21.19 -13.08
C SER D 225 -86.99 -21.74 -11.67
N THR D 226 -88.17 -21.72 -11.03
CA THR D 226 -88.30 -22.31 -9.70
C THR D 226 -88.31 -23.84 -9.79
N SER D 227 -88.92 -24.38 -10.84
CA SER D 227 -88.93 -25.82 -11.03
C SER D 227 -87.62 -26.27 -11.68
N PRO D 228 -86.93 -27.24 -11.11
CA PRO D 228 -85.60 -27.61 -11.62
C PRO D 228 -85.67 -28.19 -13.03
N ILE D 229 -84.57 -28.01 -13.76
CA ILE D 229 -84.40 -28.63 -15.08
C ILE D 229 -83.77 -30.00 -14.87
N VAL D 230 -84.40 -31.03 -15.44
CA VAL D 230 -84.06 -32.41 -15.15
C VAL D 230 -83.64 -33.13 -16.42
N LYS D 231 -82.67 -34.03 -16.31
CA LYS D 231 -82.25 -34.89 -17.41
C LYS D 231 -81.86 -36.24 -16.83
N SER D 232 -82.36 -37.32 -17.40
CA SER D 232 -82.20 -38.63 -16.78
C SER D 232 -81.98 -39.69 -17.86
N PHE D 233 -81.59 -40.88 -17.39
CA PHE D 233 -81.43 -42.02 -18.30
C PHE D 233 -81.47 -43.32 -17.49
N ASN D 234 -81.71 -44.41 -18.21
CA ASN D 234 -81.78 -45.75 -17.62
C ASN D 234 -80.92 -46.70 -18.44
N ARG D 235 -80.56 -47.82 -17.83
CA ARG D 235 -79.80 -48.87 -18.48
C ARG D 235 -80.72 -49.84 -19.23
N GLU E 20 42.20 12.71 30.69
CA GLU E 20 40.75 12.83 30.85
C GLU E 20 40.06 11.51 30.52
N VAL E 21 39.81 11.27 29.24
CA VAL E 21 39.17 10.04 28.79
C VAL E 21 40.20 8.92 28.82
N GLN E 22 40.01 7.97 29.74
CA GLN E 22 40.96 6.89 29.98
C GLN E 22 40.52 5.63 29.25
N LEU E 23 41.43 5.04 28.49
CA LEU E 23 41.15 3.84 27.71
C LEU E 23 41.96 2.67 28.26
N GLN E 24 41.29 1.56 28.55
CA GLN E 24 41.95 0.36 29.04
C GLN E 24 41.61 -0.81 28.11
N GLN E 25 42.63 -1.37 27.47
CA GLN E 25 42.48 -2.49 26.56
C GLN E 25 42.79 -3.80 27.25
N SER E 26 42.35 -4.90 26.64
CA SER E 26 42.57 -6.23 27.19
C SER E 26 44.07 -6.58 27.15
N GLY E 27 44.38 -7.75 27.70
CA GLY E 27 45.75 -8.21 27.77
C GLY E 27 46.19 -8.86 26.47
N PRO E 28 47.46 -9.27 26.45
CA PRO E 28 47.99 -9.91 25.24
C PRO E 28 47.28 -11.23 24.95
N GLU E 29 47.36 -11.65 23.69
CA GLU E 29 46.68 -12.86 23.25
C GLU E 29 47.61 -13.70 22.37
N LEU E 30 47.57 -15.01 22.59
CA LEU E 30 48.22 -16.00 21.74
C LEU E 30 47.16 -16.94 21.21
N VAL E 31 46.99 -16.95 19.88
CA VAL E 31 45.87 -17.65 19.26
C VAL E 31 46.39 -18.52 18.12
N LYS E 32 45.80 -19.71 17.97
CA LYS E 32 46.16 -20.66 16.92
C LYS E 32 45.61 -20.21 15.58
N PRO E 33 46.25 -20.60 14.47
CA PRO E 33 45.80 -20.16 13.15
C PRO E 33 44.40 -20.65 12.85
N GLY E 34 43.62 -19.80 12.20
CA GLY E 34 42.25 -20.11 11.83
C GLY E 34 41.22 -19.93 12.94
N ALA E 35 41.66 -19.72 14.18
CA ALA E 35 40.74 -19.52 15.29
C ALA E 35 40.29 -18.07 15.31
N SER E 36 39.79 -17.59 16.45
CA SER E 36 39.30 -16.22 16.58
C SER E 36 39.67 -15.66 17.93
N VAL E 37 39.80 -14.34 18.00
CA VAL E 37 40.11 -13.62 19.23
C VAL E 37 39.16 -12.43 19.34
N LYS E 38 38.72 -12.13 20.55
CA LYS E 38 37.85 -10.98 20.82
C LYS E 38 38.50 -10.16 21.92
N MET E 39 38.92 -8.95 21.59
CA MET E 39 39.57 -8.05 22.54
C MET E 39 38.64 -6.89 22.90
N SER E 40 38.91 -6.28 24.04
CA SER E 40 38.03 -5.30 24.64
C SER E 40 38.73 -3.96 24.83
N CYS E 41 37.91 -2.92 25.04
CA CYS E 41 38.42 -1.58 25.33
C CYS E 41 37.36 -0.85 26.16
N LYS E 42 37.67 -0.61 27.44
CA LYS E 42 36.80 0.15 28.33
C LYS E 42 37.20 1.62 28.32
N ALA E 43 36.20 2.49 28.26
CA ALA E 43 36.39 3.94 28.13
C ALA E 43 35.77 4.66 29.33
N SER E 44 36.62 5.25 30.17
CA SER E 44 36.18 6.09 31.27
C SER E 44 36.27 7.56 30.88
N GLY E 45 35.33 8.35 31.40
CA GLY E 45 35.33 9.77 31.11
C GLY E 45 34.69 10.15 29.80
N CYS E 46 33.86 9.28 29.25
CA CYS E 46 33.24 9.46 27.95
C CYS E 46 31.88 10.14 28.07
N THR E 47 31.42 10.68 26.93
CA THR E 47 30.04 11.14 26.80
C THR E 47 29.41 10.47 25.58
N LEU E 48 28.08 10.55 25.52
CA LEU E 48 27.36 9.92 24.42
C LEU E 48 27.80 10.46 23.06
N THR E 49 28.01 11.77 22.95
CA THR E 49 28.16 12.39 21.64
C THR E 49 29.57 12.26 21.08
N ASN E 50 30.59 12.21 21.93
CA ASN E 50 31.89 11.79 21.44
C ASN E 50 32.03 10.29 21.65
N CYS E 51 33.23 9.82 21.99
CA CYS E 51 33.44 8.44 22.43
C CYS E 51 33.17 7.45 21.29
N PHE E 52 33.79 7.70 20.15
CA PHE E 52 33.79 6.75 19.05
C PHE E 52 35.09 5.96 19.14
N MET E 53 35.00 4.70 19.55
CA MET E 53 36.18 3.85 19.68
C MET E 53 36.59 3.40 18.29
N HIS E 54 37.72 3.93 17.81
CA HIS E 54 38.33 3.49 16.57
C HIS E 54 39.38 2.43 16.87
N TRP E 55 39.61 1.58 15.88
CA TRP E 55 40.51 0.44 16.04
C TRP E 55 41.52 0.45 14.91
N MET E 56 42.80 0.24 15.25
CA MET E 56 43.88 0.32 14.29
C MET E 56 44.78 -0.91 14.41
N LYS E 57 45.27 -1.38 13.28
CA LYS E 57 46.13 -2.55 13.20
C LYS E 57 47.52 -2.08 12.78
N GLN E 58 48.53 -2.39 13.59
CA GLN E 58 49.90 -2.00 13.31
C GLN E 58 50.82 -3.20 13.48
N LYS E 59 51.41 -3.67 12.39
CA LYS E 59 52.50 -4.61 12.49
C LYS E 59 53.72 -3.91 13.09
N PRO E 60 54.66 -4.67 13.64
CA PRO E 60 55.82 -4.04 14.29
C PRO E 60 56.55 -3.10 13.35
N GLY E 61 56.54 -1.81 13.68
CA GLY E 61 57.21 -0.81 12.86
C GLY E 61 56.71 -0.70 11.43
N GLN E 62 55.40 -0.77 11.23
CA GLN E 62 54.80 -0.63 9.91
C GLN E 62 53.68 0.41 9.97
N ASP E 63 53.12 0.72 8.80
CA ASP E 63 52.05 1.70 8.72
C ASP E 63 50.81 1.19 9.45
N LEU E 64 50.05 2.13 10.01
CA LEU E 64 48.81 1.81 10.69
C LEU E 64 47.67 1.65 9.69
N GLU E 65 46.80 0.67 9.94
CA GLU E 65 45.60 0.43 9.16
C GLU E 65 44.37 0.83 9.96
N TRP E 66 43.42 1.48 9.31
CA TRP E 66 42.16 1.83 9.95
C TRP E 66 41.17 0.70 9.72
N ILE E 67 40.62 0.16 10.81
CA ILE E 67 39.64 -0.90 10.71
C ILE E 67 38.23 -0.34 10.76
N GLY E 68 37.94 0.47 11.76
CA GLY E 68 36.63 1.07 11.88
C GLY E 68 36.45 1.68 13.25
N TYR E 69 35.19 1.98 13.56
CA TYR E 69 34.85 2.56 14.85
C TYR E 69 33.47 2.08 15.26
N ILE E 70 33.23 2.16 16.57
CA ILE E 70 31.94 1.82 17.17
C ILE E 70 31.71 2.75 18.35
N ASN E 71 30.45 3.14 18.55
CA ASN E 71 30.06 3.98 19.68
C ASN E 71 29.28 3.12 20.67
N PRO E 72 29.78 2.91 21.89
CA PRO E 72 29.08 2.01 22.83
C PRO E 72 27.65 2.41 23.11
N TYR E 73 27.36 3.71 23.15
CA TYR E 73 26.01 4.17 23.47
C TYR E 73 25.13 4.19 22.22
N ASN E 74 25.69 4.61 21.08
CA ASN E 74 24.90 4.73 19.86
C ASN E 74 24.78 3.40 19.12
N ASP E 75 25.75 2.51 19.29
CA ASP E 75 25.93 1.34 18.45
C ASP E 75 26.15 1.69 16.98
N MET E 76 26.42 2.95 16.67
CA MET E 76 26.92 3.32 15.36
C MET E 76 28.26 2.64 15.12
N THR E 77 28.36 1.90 14.02
CA THR E 77 29.58 1.21 13.65
C THR E 77 29.90 1.50 12.20
N LYS E 78 31.18 1.63 11.90
CA LYS E 78 31.64 1.77 10.52
C LYS E 78 32.92 0.97 10.36
N TYR E 79 32.98 0.19 9.28
CA TYR E 79 34.14 -0.62 8.96
C TYR E 79 34.83 -0.10 7.72
N SER E 80 36.15 -0.28 7.66
CA SER E 80 36.86 -0.06 6.41
C SER E 80 36.69 -1.29 5.51
N GLU E 81 36.90 -1.08 4.21
CA GLU E 81 36.63 -2.14 3.25
C GLU E 81 37.58 -3.32 3.44
N ASN E 82 38.84 -3.05 3.78
CA ASN E 82 39.82 -4.12 3.94
C ASN E 82 39.48 -5.08 5.08
N PHE E 83 38.67 -4.65 6.05
CA PHE E 83 38.41 -5.43 7.25
C PHE E 83 36.96 -5.86 7.41
N LYS E 84 36.11 -5.65 6.39
CA LYS E 84 34.69 -5.91 6.56
C LYS E 84 34.42 -7.38 6.88
N GLY E 85 35.08 -8.29 6.17
CA GLY E 85 34.95 -9.71 6.49
C GLY E 85 35.79 -10.17 7.66
N LYS E 86 36.80 -9.39 8.04
CA LYS E 86 37.77 -9.80 9.03
C LYS E 86 37.35 -9.45 10.46
N ALA E 87 36.97 -8.19 10.68
CA ALA E 87 36.68 -7.71 12.03
C ALA E 87 35.18 -7.58 12.27
N THR E 88 34.80 -7.67 13.54
CA THR E 88 33.44 -7.51 14.00
C THR E 88 33.47 -6.66 15.25
N LEU E 89 32.77 -5.53 15.21
CA LEU E 89 32.70 -4.59 16.33
C LEU E 89 31.38 -4.78 17.07
N THR E 90 31.46 -4.89 18.39
CA THR E 90 30.30 -5.01 19.26
C THR E 90 30.51 -4.08 20.45
N SER E 91 29.45 -3.85 21.22
CA SER E 91 29.52 -2.85 22.27
C SER E 91 28.64 -3.25 23.44
N ASP E 92 29.05 -2.84 24.64
CA ASP E 92 28.26 -2.97 25.85
C ASP E 92 28.11 -1.58 26.47
N LYS E 93 26.86 -1.10 26.53
CA LYS E 93 26.59 0.25 27.03
C LYS E 93 27.00 0.39 28.49
N SER E 94 26.45 -0.48 29.37
CA SER E 94 26.68 -0.34 30.80
C SER E 94 28.17 -0.40 31.13
N SER E 95 28.89 -1.35 30.51
CA SER E 95 30.34 -1.37 30.64
C SER E 95 31.02 -0.27 29.84
N SER E 96 30.29 0.41 28.95
CA SER E 96 30.85 1.39 28.01
C SER E 96 32.11 0.82 27.35
N THR E 97 31.97 -0.38 26.79
CA THR E 97 33.11 -1.14 26.30
C THR E 97 32.90 -1.53 24.85
N ALA E 98 33.98 -1.46 24.07
CA ALA E 98 33.99 -1.90 22.69
C ALA E 98 34.72 -3.22 22.56
N PHE E 99 34.20 -4.10 21.72
CA PHE E 99 34.78 -5.43 21.49
C PHE E 99 35.05 -5.60 20.01
N MET E 100 36.22 -6.15 19.68
CA MET E 100 36.58 -6.41 18.29
C MET E 100 37.02 -7.86 18.15
N GLU E 101 36.50 -8.52 17.12
CA GLU E 101 36.74 -9.94 16.89
C GLU E 101 37.22 -10.13 15.46
N LEU E 102 38.11 -11.12 15.25
CA LEU E 102 38.97 -11.10 14.07
C LEU E 102 38.82 -12.31 13.16
N SER E 103 37.72 -13.04 13.24
CA SER E 103 37.36 -14.08 12.27
C SER E 103 38.52 -15.06 12.09
N SER E 104 38.68 -15.60 10.88
CA SER E 104 39.76 -16.55 10.60
C SER E 104 41.10 -15.84 10.69
N LEU E 105 41.96 -16.33 11.57
CA LEU E 105 43.22 -15.67 11.89
C LEU E 105 44.37 -16.25 11.09
N THR E 106 45.25 -15.37 10.63
CA THR E 106 46.42 -15.74 9.84
C THR E 106 47.64 -15.01 10.39
N SER E 107 48.82 -15.41 9.88
CA SER E 107 50.07 -14.79 10.31
C SER E 107 50.10 -13.30 10.02
N GLU E 108 49.42 -12.84 8.95
CA GLU E 108 49.30 -11.42 8.65
C GLU E 108 48.57 -10.63 9.72
N ASP E 109 47.90 -11.29 10.66
CA ASP E 109 47.14 -10.63 11.72
C ASP E 109 47.91 -10.47 13.02
N SER E 110 49.08 -11.11 13.14
CA SER E 110 49.90 -10.99 14.35
C SER E 110 50.49 -9.58 14.41
N ALA E 111 50.03 -8.77 15.36
CA ALA E 111 50.40 -7.35 15.38
C ALA E 111 49.86 -6.73 16.67
N VAL E 112 49.98 -5.40 16.78
CA VAL E 112 49.41 -4.65 17.89
C VAL E 112 48.13 -3.97 17.40
N TYR E 113 47.05 -4.17 18.14
CA TYR E 113 45.75 -3.57 17.83
C TYR E 113 45.48 -2.47 18.85
N TYR E 114 45.37 -1.25 18.35
CA TYR E 114 45.20 -0.07 19.19
C TYR E 114 43.74 0.37 19.20
N CYS E 115 43.23 0.65 20.40
CA CYS E 115 41.94 1.27 20.60
C CYS E 115 42.15 2.75 20.91
N ALA E 116 41.37 3.62 20.28
CA ALA E 116 41.60 5.05 20.42
C ALA E 116 40.30 5.83 20.28
N ARG E 117 40.17 6.89 21.06
CA ARG E 117 39.00 7.75 20.94
C ARG E 117 39.13 8.61 19.69
N GLY E 118 38.04 8.70 18.93
CA GLY E 118 37.99 9.54 17.75
C GLY E 118 36.59 10.09 17.58
N TYR E 119 36.22 10.47 16.37
CA TYR E 119 34.91 11.04 16.13
C TYR E 119 34.43 10.58 14.75
N LEU E 120 33.41 11.26 14.23
CA LEU E 120 32.88 10.93 12.90
C LEU E 120 33.81 11.41 11.81
N LEU E 121 33.30 11.51 10.59
CA LEU E 121 34.14 11.61 9.40
C LEU E 121 34.98 12.88 9.41
N ARG E 122 34.35 14.04 9.25
CA ARG E 122 35.09 15.31 9.26
C ARG E 122 35.08 15.91 10.66
N THR E 123 35.38 15.09 11.65
CA THR E 123 35.27 15.48 13.05
C THR E 123 36.48 14.99 13.81
N GLY E 124 37.23 15.93 14.38
CA GLY E 124 38.31 15.67 15.31
C GLY E 124 39.53 14.94 14.80
N CYS E 125 40.33 14.53 15.77
CA CYS E 125 41.56 13.78 15.59
C CYS E 125 41.57 12.64 16.59
N PHE E 126 42.65 11.88 16.68
CA PHE E 126 42.75 10.81 17.66
C PHE E 126 43.29 11.40 18.96
N ASP E 127 42.37 11.90 19.79
CA ASP E 127 42.71 12.57 21.03
C ASP E 127 43.51 11.67 21.96
N TYR E 128 42.89 10.61 22.47
CA TYR E 128 43.49 9.74 23.46
C TYR E 128 43.57 8.32 22.91
N TRP E 129 44.53 7.56 23.42
CA TRP E 129 44.79 6.21 22.95
C TRP E 129 44.88 5.24 24.13
N GLY E 130 44.41 4.02 23.89
CA GLY E 130 44.70 2.92 24.78
C GLY E 130 46.14 2.49 24.65
N GLN E 131 46.51 1.49 25.46
CA GLN E 131 47.90 1.07 25.49
C GLN E 131 48.24 0.07 24.39
N GLY E 132 47.24 -0.60 23.82
CA GLY E 132 47.50 -1.51 22.73
C GLY E 132 47.51 -2.98 23.14
N THR E 133 46.84 -3.83 22.37
CA THR E 133 46.78 -5.25 22.65
C THR E 133 47.66 -5.99 21.65
N THR E 134 48.62 -6.76 22.15
CA THR E 134 49.54 -7.51 21.30
C THR E 134 48.95 -8.89 21.03
N LEU E 135 48.80 -9.24 19.76
CA LEU E 135 48.26 -10.53 19.35
C LEU E 135 49.31 -11.28 18.55
N THR E 136 49.57 -12.52 18.97
CA THR E 136 50.51 -13.42 18.31
C THR E 136 49.75 -14.66 17.85
N VAL E 137 49.73 -14.90 16.55
CA VAL E 137 48.99 -16.00 15.94
C VAL E 137 50.00 -17.08 15.58
N SER E 138 50.04 -18.16 16.35
CA SER E 138 51.02 -19.22 16.15
C SER E 138 50.56 -20.47 16.89
N SER E 139 51.18 -21.59 16.54
CA SER E 139 50.98 -22.84 17.25
C SER E 139 51.91 -22.99 18.44
N ALA E 140 52.83 -22.04 18.66
CA ALA E 140 53.72 -22.10 19.80
C ALA E 140 52.93 -21.98 21.09
N LYS E 141 53.46 -22.61 22.14
CA LYS E 141 52.80 -22.67 23.44
C LYS E 141 53.48 -21.73 24.41
N THR E 142 52.68 -20.99 25.18
CA THR E 142 53.17 -20.02 26.15
C THR E 142 54.23 -20.64 27.05
N THR E 143 55.43 -20.06 27.03
CA THR E 143 56.56 -20.57 27.81
C THR E 143 57.11 -19.42 28.64
N PRO E 144 57.13 -19.55 29.96
CA PRO E 144 57.68 -18.48 30.80
C PRO E 144 59.20 -18.41 30.67
N PRO E 145 59.79 -17.25 30.93
CA PRO E 145 61.23 -17.07 30.71
C PRO E 145 62.07 -17.54 31.89
N SER E 146 63.36 -17.68 31.63
CA SER E 146 64.37 -17.83 32.66
C SER E 146 65.10 -16.51 32.85
N VAL E 147 65.29 -16.13 34.11
CA VAL E 147 65.90 -14.85 34.47
C VAL E 147 67.25 -15.14 35.12
N TYR E 148 68.32 -14.61 34.52
CA TYR E 148 69.65 -14.78 35.06
C TYR E 148 70.25 -13.43 35.42
N PRO E 149 70.79 -13.26 36.64
CA PRO E 149 71.43 -12.00 37.00
C PRO E 149 72.80 -11.86 36.36
N LEU E 150 73.24 -10.61 36.23
CA LEU E 150 74.49 -10.29 35.54
C LEU E 150 75.24 -9.23 36.34
N ALA E 151 76.33 -9.64 36.98
CA ALA E 151 77.17 -8.81 37.82
C ALA E 151 78.62 -9.08 37.45
N PRO E 152 79.54 -8.13 37.73
CA PRO E 152 80.95 -8.37 37.39
C PRO E 152 81.73 -9.03 38.52
N GLY E 155 85.16 -9.42 40.74
CA GLY E 155 86.57 -9.24 41.09
C GLY E 155 87.38 -8.69 39.93
N ASP E 156 87.17 -7.42 39.63
CA ASP E 156 87.86 -6.77 38.51
C ASP E 156 88.06 -5.30 38.85
N THR E 157 88.22 -4.46 37.84
CA THR E 157 88.43 -3.04 38.05
C THR E 157 87.10 -2.35 38.31
N THR E 158 87.15 -1.28 39.10
CA THR E 158 85.95 -0.56 39.51
C THR E 158 86.16 0.94 39.34
N GLY E 159 85.06 1.64 39.06
CA GLY E 159 85.07 3.08 38.89
C GLY E 159 83.93 3.73 39.63
N SER E 160 83.73 5.03 39.46
CA SER E 160 82.66 5.74 40.17
C SER E 160 81.29 5.40 39.59
N SER E 161 81.16 4.24 38.95
CA SER E 161 79.91 3.78 38.37
C SER E 161 80.02 2.31 37.97
N VAL E 162 79.01 1.51 38.34
CA VAL E 162 78.96 0.10 38.00
C VAL E 162 77.63 -0.19 37.33
N THR E 163 77.66 -1.04 36.31
CA THR E 163 76.50 -1.41 35.52
C THR E 163 76.15 -2.88 35.77
N LEU E 164 74.87 -3.15 35.97
CA LEU E 164 74.37 -4.50 36.22
C LEU E 164 73.30 -4.84 35.19
N GLY E 165 73.01 -6.14 35.05
CA GLY E 165 72.07 -6.56 34.04
C GLY E 165 71.24 -7.77 34.42
N CYS E 166 70.22 -8.02 33.60
CA CYS E 166 69.42 -9.24 33.71
C CYS E 166 69.16 -9.79 32.32
N LEU E 167 69.34 -11.10 32.16
CA LEU E 167 69.07 -11.80 30.91
C LEU E 167 67.76 -12.58 31.04
N VAL E 168 66.79 -12.25 30.19
CA VAL E 168 65.51 -12.93 30.11
C VAL E 168 65.54 -13.82 28.86
N LYS E 169 65.59 -15.15 29.05
CA LYS E 169 65.84 -16.05 27.94
C LYS E 169 64.74 -17.11 27.86
N GLY E 170 64.36 -17.46 26.62
CA GLY E 170 63.49 -18.59 26.38
C GLY E 170 62.05 -18.40 26.76
N TYR E 171 61.39 -17.38 26.22
CA TYR E 171 59.98 -17.15 26.49
C TYR E 171 59.22 -16.93 25.19
N PHE E 172 57.92 -17.21 25.26
CA PHE E 172 56.96 -16.98 24.19
C PHE E 172 55.59 -16.86 24.83
N PRO E 173 54.74 -15.91 24.40
CA PRO E 173 55.09 -14.89 23.40
C PRO E 173 55.59 -13.58 24.01
N GLU E 174 56.00 -12.66 23.15
CA GLU E 174 56.35 -11.32 23.59
C GLU E 174 55.10 -10.61 24.11
N SER E 175 55.25 -9.79 25.15
CA SER E 175 56.55 -9.36 25.68
C SER E 175 56.69 -9.52 27.19
N VAL E 176 57.81 -9.01 27.70
CA VAL E 176 58.08 -8.94 29.14
C VAL E 176 58.36 -7.48 29.50
N THR E 177 58.18 -7.18 30.78
CA THR E 177 58.48 -5.87 31.33
C THR E 177 59.49 -6.01 32.45
N VAL E 178 60.60 -5.29 32.35
CA VAL E 178 61.70 -5.40 33.30
C VAL E 178 61.83 -4.06 34.03
N THR E 179 61.55 -4.07 35.33
CA THR E 179 61.63 -2.87 36.15
C THR E 179 62.71 -3.03 37.21
N TRP E 180 63.40 -1.94 37.51
CA TRP E 180 64.50 -1.93 38.45
C TRP E 180 64.09 -1.12 39.68
N ASN E 181 63.78 -1.82 40.77
CA ASN E 181 63.42 -1.24 42.05
C ASN E 181 62.18 -0.35 41.97
N SER E 182 61.44 -0.41 40.86
CA SER E 182 60.23 0.36 40.58
C SER E 182 60.49 1.84 40.38
N GLY E 183 61.75 2.29 40.38
CA GLY E 183 62.07 3.69 40.17
C GLY E 183 63.46 4.07 40.65
N SER E 187 67.73 6.90 38.30
CA SER E 187 68.83 6.10 37.76
C SER E 187 68.62 5.83 36.27
N SER E 188 69.73 5.57 35.57
CA SER E 188 69.69 5.36 34.12
C SER E 188 69.53 3.89 33.79
N VAL E 189 68.52 3.60 32.96
CA VAL E 189 68.13 2.25 32.59
C VAL E 189 68.10 2.15 31.07
N HIS E 190 68.42 0.96 30.56
CA HIS E 190 68.40 0.67 29.14
C HIS E 190 67.71 -0.68 28.94
N THR E 191 66.71 -0.71 28.06
CA THR E 191 65.93 -1.90 27.76
C THR E 191 66.18 -2.29 26.31
N PHE E 192 66.49 -3.59 26.09
CA PHE E 192 66.97 -4.13 24.83
C PHE E 192 65.88 -4.98 24.17
N PRO E 193 65.67 -4.81 22.86
CA PRO E 193 64.60 -5.53 22.18
C PRO E 193 64.85 -7.03 22.15
N ALA E 194 63.77 -7.79 22.33
CA ALA E 194 63.86 -9.24 22.31
C ALA E 194 64.15 -9.74 20.89
N LEU E 195 64.90 -10.84 20.82
CA LEU E 195 65.26 -11.46 19.56
C LEU E 195 64.78 -12.89 19.55
N LEU E 196 64.52 -13.40 18.35
CA LEU E 196 64.00 -14.74 18.18
C LEU E 196 65.15 -15.72 17.97
N GLN E 197 65.14 -16.80 18.75
CA GLN E 197 66.11 -17.88 18.66
C GLN E 197 65.34 -19.18 18.83
N SER E 198 65.37 -20.02 17.79
CA SER E 198 64.78 -21.35 17.85
C SER E 198 63.30 -21.31 18.22
N GLY E 199 62.62 -20.21 17.90
CA GLY E 199 61.22 -20.06 18.20
C GLY E 199 60.89 -19.53 19.58
N LEU E 200 61.85 -18.96 20.31
CA LEU E 200 61.60 -18.33 21.60
C LEU E 200 62.34 -17.00 21.66
N TYR E 201 62.02 -16.20 22.66
CA TYR E 201 62.53 -14.84 22.73
C TYR E 201 63.62 -14.72 23.79
N THR E 202 64.63 -13.91 23.47
CA THR E 202 65.72 -13.63 24.39
C THR E 202 66.00 -12.14 24.36
N MET E 203 65.94 -11.51 25.54
CA MET E 203 66.22 -10.09 25.67
C MET E 203 67.04 -9.87 26.94
N SER E 204 67.46 -8.62 27.12
CA SER E 204 68.29 -8.27 28.28
C SER E 204 67.97 -6.85 28.70
N SER E 205 68.37 -6.50 29.92
CA SER E 205 68.15 -5.15 30.43
C SER E 205 69.30 -4.75 31.33
N SER E 206 69.82 -3.53 31.13
CA SER E 206 70.98 -3.06 31.88
C SER E 206 70.70 -1.75 32.57
N VAL E 207 71.27 -1.56 33.76
CA VAL E 207 71.10 -0.34 34.53
C VAL E 207 72.47 0.09 35.05
N THR E 208 72.66 1.41 35.20
CA THR E 208 73.92 1.95 35.69
C THR E 208 73.69 2.73 36.97
N VAL E 209 74.40 2.34 38.04
CA VAL E 209 74.28 3.02 39.33
C VAL E 209 75.68 3.28 39.87
N PRO E 210 75.84 4.26 40.75
CA PRO E 210 77.18 4.53 41.31
C PRO E 210 77.70 3.34 42.10
N SER E 211 79.00 3.09 41.96
CA SER E 211 79.61 1.93 42.61
C SER E 211 79.79 2.12 44.10
N SER E 212 79.74 3.36 44.60
CA SER E 212 79.67 3.56 46.04
C SER E 212 78.39 2.96 46.63
N THR E 213 77.34 2.81 45.82
CA THR E 213 76.09 2.24 46.27
C THR E 213 76.06 0.72 46.19
N TRP E 214 76.78 0.11 45.24
CA TRP E 214 76.72 -1.33 45.05
C TRP E 214 78.07 -1.96 45.37
N PRO E 215 78.10 -3.15 46.02
CA PRO E 215 76.92 -3.92 46.44
C PRO E 215 76.47 -3.66 47.88
N SER E 216 76.82 -2.48 48.42
CA SER E 216 76.34 -2.12 49.75
C SER E 216 74.82 -2.03 49.78
N GLN E 217 74.23 -1.36 48.80
CA GLN E 217 72.79 -1.37 48.62
C GLN E 217 72.36 -2.67 47.94
N THR E 218 71.06 -2.96 48.03
CA THR E 218 70.46 -4.09 47.34
C THR E 218 69.72 -3.59 46.10
N VAL E 219 69.84 -4.35 45.01
CA VAL E 219 69.24 -4.01 43.73
C VAL E 219 68.61 -5.27 43.15
N THR E 220 67.35 -5.16 42.74
CA THR E 220 66.58 -6.31 42.24
C THR E 220 65.97 -5.98 40.90
N CYS E 221 66.09 -6.91 39.94
CA CYS E 221 65.41 -6.78 38.66
C CYS E 221 64.13 -7.60 38.67
N SER E 222 63.02 -7.00 38.25
CA SER E 222 61.71 -7.63 38.25
C SER E 222 61.25 -7.82 36.81
N VAL E 223 61.05 -9.08 36.40
CA VAL E 223 60.64 -9.43 35.05
C VAL E 223 59.20 -9.93 35.11
N ALA E 224 58.33 -9.28 34.36
CA ALA E 224 56.92 -9.65 34.30
C ALA E 224 56.57 -10.16 32.91
N HIS E 225 55.99 -11.36 32.84
CA HIS E 225 55.51 -11.95 31.59
C HIS E 225 54.02 -12.24 31.77
N PRO E 226 53.14 -11.41 31.21
CA PRO E 226 51.71 -11.58 31.46
C PRO E 226 51.11 -12.81 30.80
N ALA E 227 51.51 -13.13 29.58
CA ALA E 227 50.85 -14.21 28.84
C ALA E 227 51.01 -15.56 29.55
N SER E 228 52.07 -15.72 30.35
CA SER E 228 52.20 -16.86 31.24
C SER E 228 51.84 -16.51 32.68
N SER E 229 51.45 -15.27 32.95
CA SER E 229 51.11 -14.78 34.29
C SER E 229 52.23 -15.09 35.28
N THR E 230 53.48 -14.87 34.86
CA THR E 230 54.65 -15.11 35.68
C THR E 230 55.35 -13.79 35.99
N THR E 231 55.84 -13.66 37.23
CA THR E 231 56.73 -12.58 37.61
C THR E 231 57.93 -13.20 38.30
N VAL E 232 59.13 -12.77 37.94
CA VAL E 232 60.34 -13.30 38.54
C VAL E 232 61.20 -12.13 39.00
N ASP E 233 61.53 -12.10 40.28
CA ASP E 233 62.49 -11.14 40.78
C ASP E 233 63.84 -11.83 40.97
N LYS E 234 64.91 -11.10 40.70
CA LYS E 234 66.26 -11.60 40.93
C LYS E 234 67.07 -10.51 41.64
N LYS E 235 67.61 -10.85 42.81
CA LYS E 235 68.49 -9.96 43.55
C LYS E 235 69.90 -10.03 42.98
N LEU E 236 70.55 -8.88 42.87
CA LEU E 236 71.87 -8.78 42.28
C LEU E 236 72.93 -8.90 43.37
N GLU E 237 73.78 -9.91 43.24
CA GLU E 237 74.88 -10.17 44.15
C GLU E 237 76.12 -10.49 43.33
N PRO E 238 77.31 -10.20 43.86
CA PRO E 238 78.53 -10.39 43.05
C PRO E 238 78.97 -11.84 43.01
N SER E 239 79.64 -12.19 41.92
CA SER E 239 80.14 -13.54 41.70
C SER E 239 81.08 -13.99 42.82
N ASN F 21 41.25 5.62 -1.83
CA ASN F 21 41.51 6.25 -0.55
C ASN F 21 42.55 7.36 -0.68
N ILE F 22 42.59 8.26 0.30
CA ILE F 22 43.60 9.31 0.32
C ILE F 22 44.88 8.73 0.89
N VAL F 23 45.94 8.72 0.07
CA VAL F 23 47.21 8.11 0.45
C VAL F 23 48.17 9.22 0.90
N LEU F 24 48.65 9.11 2.12
CA LEU F 24 49.63 10.05 2.67
C LEU F 24 51.02 9.47 2.49
N THR F 25 51.89 10.21 1.80
CA THR F 25 53.28 9.85 1.58
C THR F 25 54.16 10.81 2.37
N GLN F 26 54.98 10.28 3.26
CA GLN F 26 55.80 11.09 4.14
C GLN F 26 57.24 11.14 3.65
N SER F 27 57.87 12.31 3.79
CA SER F 27 59.25 12.48 3.38
C SER F 27 59.99 13.25 4.46
N PRO F 28 61.20 12.83 4.86
CA PRO F 28 61.84 11.59 4.37
C PRO F 28 61.42 10.37 5.18
N ALA F 29 61.85 9.18 4.74
CA ALA F 29 61.54 7.96 5.48
C ALA F 29 62.16 7.99 6.87
N SER F 30 63.43 8.41 6.96
CA SER F 30 64.11 8.56 8.23
C SER F 30 64.96 9.83 8.17
N LEU F 31 65.11 10.48 9.31
CA LEU F 31 65.80 11.76 9.39
C LEU F 31 66.77 11.75 10.56
N ALA F 32 67.97 12.28 10.33
CA ALA F 32 68.96 12.47 11.37
C ALA F 32 69.22 13.97 11.49
N VAL F 33 69.09 14.49 12.72
CA VAL F 33 69.21 15.93 12.97
C VAL F 33 69.99 16.13 14.26
N SER F 34 70.78 17.20 14.29
CA SER F 34 71.59 17.52 15.47
C SER F 34 70.78 18.30 16.48
N LEU F 35 71.23 18.26 17.74
CA LEU F 35 70.60 19.03 18.81
C LEU F 35 70.52 20.50 18.43
N GLY F 36 69.35 21.09 18.63
CA GLY F 36 69.16 22.51 18.39
C GLY F 36 68.91 22.91 16.96
N GLN F 37 68.93 21.97 16.02
CA GLN F 37 68.73 22.28 14.61
C GLN F 37 67.24 22.43 14.31
N ARG F 38 66.91 22.58 13.02
CA ARG F 38 65.53 22.65 12.55
C ARG F 38 65.19 21.39 11.78
N ALA F 39 64.12 20.72 12.17
CA ALA F 39 63.66 19.49 11.52
C ALA F 39 62.39 19.78 10.73
N THR F 40 62.33 19.31 9.49
CA THR F 40 61.18 19.51 8.61
C THR F 40 60.77 18.18 8.01
N ILE F 41 59.52 17.78 8.24
CA ILE F 41 58.92 16.59 7.64
C ILE F 41 57.78 17.05 6.74
N SER F 42 57.57 16.34 5.64
CA SER F 42 56.53 16.69 4.69
C SER F 42 55.55 15.52 4.51
N CYS F 43 54.28 15.88 4.31
CA CYS F 43 53.20 14.92 4.11
C CYS F 43 52.48 15.33 2.84
N ARG F 44 52.37 14.39 1.90
CA ARG F 44 51.78 14.64 0.59
C ARG F 44 50.58 13.74 0.42
N ALA F 45 49.40 14.33 0.23
CA ALA F 45 48.18 13.57 0.06
C ALA F 45 47.89 13.38 -1.43
N SER F 46 47.28 12.24 -1.75
CA SER F 46 46.86 11.97 -3.13
C SER F 46 45.61 12.73 -3.50
N GLU F 47 44.86 13.22 -2.52
CA GLU F 47 43.63 13.94 -2.75
C GLU F 47 43.52 15.03 -1.69
N SER F 48 42.78 16.09 -2.00
CA SER F 48 42.65 17.21 -1.09
C SER F 48 42.02 16.76 0.24
N VAL F 49 42.63 17.19 1.34
CA VAL F 49 42.11 16.92 2.68
C VAL F 49 41.43 18.16 3.26
N ASP F 50 41.04 19.11 2.42
CA ASP F 50 40.46 20.37 2.86
C ASP F 50 38.95 20.32 2.73
N SER F 51 38.25 20.70 3.79
CA SER F 51 36.79 20.77 3.79
C SER F 51 36.33 21.80 4.80
N TYR F 52 35.22 22.46 4.50
CA TYR F 52 34.59 23.47 5.36
C TYR F 52 35.53 24.63 5.69
N GLY F 53 36.56 24.85 4.87
CA GLY F 53 37.53 25.88 5.12
C GLY F 53 38.65 25.46 6.04
N TYR F 54 38.69 24.20 6.44
CA TYR F 54 39.70 23.66 7.33
C TYR F 54 40.46 22.53 6.64
N SER F 55 41.69 22.31 7.09
CA SER F 55 42.50 21.21 6.59
C SER F 55 42.45 20.10 7.64
N PHE F 56 41.87 18.96 7.27
CA PHE F 56 41.68 17.87 8.22
C PHE F 56 42.92 16.98 8.16
N MET F 57 43.97 17.47 8.81
CA MET F 57 45.30 16.88 8.80
C MET F 57 45.86 16.97 10.21
N HIS F 58 46.60 15.95 10.65
CA HIS F 58 47.13 15.94 12.00
C HIS F 58 48.49 15.28 12.04
N TRP F 59 49.30 15.70 13.00
CA TRP F 59 50.64 15.20 13.19
C TRP F 59 50.74 14.56 14.58
N TYR F 60 51.30 13.35 14.63
CA TYR F 60 51.43 12.59 15.86
C TYR F 60 52.87 12.17 16.07
N GLN F 61 53.27 12.11 17.34
CA GLN F 61 54.57 11.60 17.76
C GLN F 61 54.37 10.30 18.53
N GLN F 62 55.14 9.27 18.17
CA GLN F 62 55.09 7.98 18.84
C GLN F 62 56.48 7.64 19.36
N LYS F 63 56.64 7.66 20.69
CA LYS F 63 57.76 7.02 21.34
C LYS F 63 57.59 5.51 21.26
N PRO F 64 58.68 4.75 21.19
CA PRO F 64 58.57 3.29 21.05
C PRO F 64 57.90 2.66 22.27
N GLY F 65 57.14 1.60 22.02
CA GLY F 65 56.44 0.92 23.09
C GLY F 65 55.36 1.74 23.75
N GLN F 66 54.84 2.75 23.05
CA GLN F 66 53.94 3.74 23.63
C GLN F 66 52.87 4.08 22.61
N PRO F 67 51.70 4.52 23.07
CA PRO F 67 50.69 5.01 22.13
C PRO F 67 51.13 6.33 21.51
N PRO F 68 50.67 6.62 20.30
CA PRO F 68 51.00 7.91 19.68
C PRO F 68 50.36 9.07 20.44
N LYS F 69 50.94 10.25 20.26
CA LYS F 69 50.52 11.47 20.94
C LYS F 69 50.34 12.58 19.93
N VAL F 70 49.31 13.40 20.12
CA VAL F 70 48.99 14.47 19.18
C VAL F 70 49.91 15.66 19.42
N LEU F 71 50.41 16.24 18.33
CA LEU F 71 51.17 17.47 18.39
C LEU F 71 50.42 18.62 17.71
N ILE F 72 50.11 18.47 16.42
CA ILE F 72 49.35 19.46 15.67
C ILE F 72 48.03 18.82 15.26
N TYR F 73 46.93 19.47 15.62
CA TYR F 73 45.59 19.08 15.19
C TYR F 73 45.12 20.12 14.19
N LEU F 74 44.46 19.66 13.13
CA LEU F 74 44.27 20.48 11.93
C LEU F 74 45.63 20.85 11.36
N ALA F 75 45.67 21.72 10.37
CA ALA F 75 46.94 22.01 9.70
C ALA F 75 47.93 22.72 10.63
N SER F 76 47.44 23.62 11.48
CA SER F 76 48.31 24.59 12.13
C SER F 76 47.77 25.00 13.50
N ASN F 77 47.36 24.03 14.31
CA ASN F 77 46.93 24.29 15.68
C ASN F 77 47.79 23.48 16.63
N LEU F 78 48.40 24.16 17.59
CA LEU F 78 49.23 23.50 18.59
C LEU F 78 48.35 22.79 19.62
N GLU F 79 48.64 21.51 19.86
CA GLU F 79 47.88 20.77 20.86
C GLU F 79 48.16 21.32 22.25
N SER F 80 47.13 21.34 23.08
CA SER F 80 47.25 21.87 24.43
C SER F 80 48.28 21.10 25.24
N GLY F 81 49.23 21.83 25.82
CA GLY F 81 50.29 21.23 26.61
C GLY F 81 51.42 20.63 25.80
N VAL F 82 51.59 21.04 24.55
CA VAL F 82 52.70 20.59 23.71
C VAL F 82 53.67 21.75 23.54
N PRO F 83 54.99 21.51 23.64
CA PRO F 83 55.95 22.62 23.55
C PRO F 83 55.82 23.37 22.22
N ALA F 84 55.88 24.71 22.31
CA ALA F 84 55.64 25.58 21.16
C ALA F 84 56.72 25.48 20.09
N ARG F 85 57.75 24.64 20.28
CA ARG F 85 58.75 24.48 19.23
C ARG F 85 58.20 23.70 18.04
N PHE F 86 57.12 22.95 18.23
CA PHE F 86 56.46 22.27 17.13
C PHE F 86 55.56 23.24 16.38
N SER F 87 55.45 23.01 15.07
CA SER F 87 54.56 23.84 14.26
C SER F 87 54.15 23.06 13.01
N GLY F 88 52.97 23.36 12.51
CA GLY F 88 52.46 22.73 11.32
C GLY F 88 51.95 23.76 10.33
N SER F 89 52.02 23.40 9.06
CA SER F 89 51.55 24.31 8.01
C SER F 89 51.21 23.48 6.78
N GLY F 90 50.60 24.14 5.81
CA GLY F 90 50.24 23.51 4.56
C GLY F 90 48.76 23.57 4.28
N SER F 91 48.40 23.09 3.10
CA SER F 91 46.99 23.05 2.70
C SER F 91 46.84 22.04 1.55
N ARG F 92 45.58 21.78 1.22
CA ARG F 92 45.21 20.90 0.12
C ARG F 92 45.94 19.57 0.22
N THR F 93 47.00 19.41 -0.57
CA THR F 93 47.74 18.15 -0.61
C THR F 93 49.06 18.18 0.17
N ASP F 94 49.68 19.34 0.34
CA ASP F 94 51.04 19.42 0.89
C ASP F 94 51.02 20.02 2.29
N PHE F 95 51.68 19.35 3.23
CA PHE F 95 51.73 19.80 4.62
C PHE F 95 53.14 19.55 5.16
N THR F 96 53.51 20.33 6.18
CA THR F 96 54.86 20.32 6.72
C THR F 96 54.83 20.49 8.23
N LEU F 97 55.58 19.62 8.91
CA LEU F 97 55.83 19.69 10.34
C LEU F 97 57.24 20.19 10.59
N THR F 98 57.38 21.17 11.49
CA THR F 98 58.67 21.79 11.81
C THR F 98 58.92 21.69 13.30
N ILE F 99 60.13 21.28 13.66
CA ILE F 99 60.59 21.22 15.05
C ILE F 99 61.80 22.14 15.17
N ASP F 100 61.73 23.09 16.09
CA ASP F 100 62.76 24.10 16.21
C ASP F 100 62.77 24.74 17.59
N PRO F 101 63.77 24.46 18.43
CA PRO F 101 64.86 23.53 18.12
C PRO F 101 64.60 22.11 18.62
N VAL F 102 64.91 21.11 17.78
CA VAL F 102 64.75 19.72 18.18
C VAL F 102 65.68 19.43 19.34
N GLU F 103 65.16 18.70 20.34
CA GLU F 103 65.90 18.41 21.56
C GLU F 103 65.94 16.91 21.79
N ALA F 104 66.63 16.51 22.86
CA ALA F 104 66.91 15.10 23.12
C ALA F 104 65.64 14.27 23.33
N ASP F 105 64.54 14.89 23.74
CA ASP F 105 63.31 14.13 23.97
C ASP F 105 62.68 13.66 22.66
N ASP F 106 62.94 14.35 21.56
CA ASP F 106 62.19 14.19 20.32
C ASP F 106 62.63 12.99 19.49
N ALA F 107 63.49 12.12 20.01
CA ALA F 107 63.83 10.87 19.32
C ALA F 107 62.60 9.96 19.32
N ALA F 108 61.88 9.92 18.21
CA ALA F 108 60.63 9.18 18.10
C ALA F 108 60.22 9.15 16.63
N THR F 109 59.14 8.42 16.35
CA THR F 109 58.61 8.35 14.98
C THR F 109 57.44 9.32 14.84
N TYR F 110 57.33 9.95 13.67
CA TYR F 110 56.35 11.00 13.44
C TYR F 110 55.45 10.63 12.27
N TYR F 111 54.13 10.69 12.48
CA TYR F 111 53.14 10.27 11.51
C TYR F 111 52.21 11.44 11.17
N CYS F 112 51.73 11.47 9.93
CA CYS F 112 50.63 12.35 9.54
C CYS F 112 49.38 11.54 9.26
N GLN F 113 48.23 12.15 9.51
CA GLN F 113 46.95 11.46 9.37
C GLN F 113 45.90 12.43 8.85
N GLN F 114 44.96 11.91 8.06
CA GLN F 114 43.86 12.70 7.55
C GLN F 114 42.53 12.04 7.91
N ASN F 115 41.53 12.88 8.16
CA ASN F 115 40.15 12.42 8.36
C ASN F 115 39.20 13.31 7.57
N ASN F 116 39.48 13.49 6.27
CA ASN F 116 38.57 14.20 5.39
C ASN F 116 37.59 13.25 4.71
N GLU F 117 38.02 12.03 4.38
CA GLU F 117 37.16 11.04 3.75
C GLU F 117 37.54 9.66 4.25
N ASN F 118 36.54 8.78 4.34
CA ASN F 118 36.80 7.41 4.73
C ASN F 118 37.50 6.67 3.61
N PRO F 119 38.45 5.76 3.92
CA PRO F 119 38.86 5.44 5.30
C PRO F 119 39.89 6.43 5.83
N LEU F 120 39.94 6.61 7.16
CA LEU F 120 41.02 7.39 7.74
C LEU F 120 42.35 6.73 7.40
N THR F 121 43.32 7.54 7.00
CA THR F 121 44.59 7.02 6.51
C THR F 121 45.76 7.74 7.17
N PHE F 122 46.85 7.00 7.34
CA PHE F 122 48.08 7.48 7.94
C PHE F 122 49.19 7.55 6.90
N GLY F 123 50.21 8.33 7.22
CA GLY F 123 51.45 8.26 6.50
C GLY F 123 52.28 7.06 6.90
N ALA F 124 53.33 6.79 6.12
CA ALA F 124 54.19 5.65 6.43
C ALA F 124 55.03 5.91 7.68
N GLY F 125 55.35 7.16 7.96
CA GLY F 125 56.08 7.51 9.16
C GLY F 125 57.47 8.06 8.86
N THR F 126 57.97 8.90 9.76
CA THR F 126 59.32 9.43 9.69
C THR F 126 60.01 9.20 11.03
N LYS F 127 61.07 8.39 11.03
CA LYS F 127 61.84 8.10 12.23
C LYS F 127 62.92 9.17 12.39
N LEU F 128 62.83 9.92 13.48
CA LEU F 128 63.80 10.97 13.76
C LEU F 128 64.91 10.41 14.66
N GLU F 129 66.16 10.62 14.22
CA GLU F 129 67.34 10.21 14.97
C GLU F 129 68.13 11.46 15.35
N LEU F 130 68.57 11.52 16.60
CA LEU F 130 69.32 12.68 17.07
C LEU F 130 70.80 12.51 16.77
N LYS F 131 71.43 13.60 16.37
CA LYS F 131 72.88 13.65 16.19
C LYS F 131 73.51 14.35 17.38
N ARG F 132 74.53 13.72 17.95
CA ARG F 132 75.28 14.30 19.06
C ARG F 132 76.77 14.05 18.82
N ALA F 133 77.60 14.56 19.71
CA ALA F 133 79.03 14.30 19.63
C ALA F 133 79.31 12.83 19.92
N ASP F 134 80.21 12.23 19.14
CA ASP F 134 80.46 10.81 19.24
C ASP F 134 80.97 10.45 20.63
N ALA F 135 80.73 9.19 21.02
CA ALA F 135 81.09 8.73 22.35
C ALA F 135 81.51 7.27 22.27
N ALA F 136 82.42 6.88 23.19
CA ALA F 136 82.98 5.54 23.23
C ALA F 136 82.06 4.60 24.00
N PRO F 137 82.00 3.32 23.60
CA PRO F 137 81.11 2.37 24.27
C PRO F 137 81.73 1.83 25.55
N THR F 138 80.95 1.84 26.63
CA THR F 138 81.35 1.19 27.87
C THR F 138 81.09 -0.31 27.70
N VAL F 139 82.17 -1.11 27.70
CA VAL F 139 82.10 -2.54 27.45
C VAL F 139 82.14 -3.28 28.78
N SER F 140 81.28 -4.28 28.93
CA SER F 140 81.27 -5.12 30.11
C SER F 140 81.07 -6.58 29.68
N ILE F 141 81.81 -7.49 30.31
CA ILE F 141 81.82 -8.90 29.94
C ILE F 141 81.29 -9.71 31.11
N PHE F 142 80.44 -10.72 30.81
CA PHE F 142 79.76 -11.48 31.84
C PHE F 142 79.80 -12.98 31.54
N PRO F 143 80.34 -13.77 32.46
CA PRO F 143 80.40 -15.22 32.29
C PRO F 143 79.02 -15.85 32.45
N PRO F 144 78.86 -17.11 32.04
CA PRO F 144 77.58 -17.80 32.29
C PRO F 144 77.30 -17.94 33.78
N SER F 145 76.03 -17.86 34.13
CA SER F 145 75.61 -17.91 35.51
C SER F 145 75.80 -19.30 36.11
N SER F 146 75.83 -19.36 37.44
CA SER F 146 75.93 -20.63 38.13
C SER F 146 74.66 -21.45 37.94
N GLU F 147 73.50 -20.78 37.95
CA GLU F 147 72.25 -21.48 37.69
C GLU F 147 72.17 -22.00 36.27
N GLN F 148 72.79 -21.29 35.31
CA GLN F 148 72.72 -21.69 33.92
C GLN F 148 73.64 -22.88 33.63
N LEU F 149 74.86 -22.87 34.18
CA LEU F 149 75.79 -23.96 33.93
C LEU F 149 75.26 -25.32 34.38
N THR F 150 74.29 -25.33 35.29
CA THR F 150 73.73 -26.57 35.82
C THR F 150 72.53 -27.08 35.03
N SER F 151 71.89 -26.22 34.23
CA SER F 151 70.69 -26.57 33.49
C SER F 151 70.96 -27.14 32.10
N GLY F 152 72.23 -27.23 31.70
CA GLY F 152 72.57 -27.83 30.42
C GLY F 152 72.96 -26.87 29.31
N GLY F 153 73.09 -25.58 29.60
CA GLY F 153 73.46 -24.61 28.59
C GLY F 153 74.31 -23.50 29.19
N ALA F 154 74.99 -22.77 28.32
CA ALA F 154 75.88 -21.70 28.75
C ALA F 154 75.88 -20.57 27.74
N SER F 155 75.65 -19.36 28.22
CA SER F 155 75.65 -18.16 27.39
C SER F 155 76.55 -17.11 28.01
N VAL F 156 77.55 -16.66 27.24
CA VAL F 156 78.45 -15.59 27.65
C VAL F 156 77.94 -14.29 27.04
N VAL F 157 77.86 -13.23 27.86
CA VAL F 157 77.19 -12.00 27.43
C VAL F 157 78.17 -10.83 27.46
N CYS F 158 78.03 -9.91 26.51
CA CYS F 158 78.79 -8.67 26.49
C CYS F 158 77.85 -7.50 26.27
N PHE F 159 77.94 -6.50 27.15
CA PHE F 159 77.11 -5.30 27.08
C PHE F 159 77.95 -4.13 26.57
N LEU F 160 77.47 -3.47 25.52
CA LEU F 160 78.09 -2.26 24.97
C LEU F 160 77.12 -1.12 25.20
N ASN F 161 77.47 -0.21 26.10
CA ASN F 161 76.53 0.79 26.60
C ASN F 161 76.99 2.20 26.23
N ASN F 162 76.05 3.05 25.79
CA ASN F 162 76.25 4.49 25.69
C ASN F 162 77.39 4.84 24.73
N PHE F 163 77.12 4.54 23.45
CA PHE F 163 78.03 4.90 22.37
C PHE F 163 77.25 5.60 21.27
N TYR F 164 77.99 6.27 20.39
CA TYR F 164 77.44 6.95 19.23
C TYR F 164 78.55 7.12 18.22
N PRO F 165 78.31 6.91 16.91
CA PRO F 165 77.03 6.59 16.24
C PRO F 165 76.54 5.16 16.45
N LYS F 166 75.40 4.84 15.82
CA LYS F 166 74.74 3.55 16.05
C LYS F 166 75.52 2.40 15.43
N ASP F 167 76.15 2.61 14.28
CA ASP F 167 76.85 1.54 13.60
C ASP F 167 78.08 1.12 14.39
N ILE F 168 78.23 -0.20 14.56
CA ILE F 168 79.35 -0.78 15.31
C ILE F 168 79.41 -2.27 14.99
N ASN F 169 80.61 -2.84 15.04
CA ASN F 169 80.80 -4.28 14.85
C ASN F 169 81.58 -4.85 16.02
N VAL F 170 81.14 -6.01 16.51
CA VAL F 170 81.73 -6.63 17.70
C VAL F 170 82.48 -7.89 17.28
N LYS F 171 83.44 -8.28 18.12
CA LYS F 171 84.34 -9.38 17.83
C LYS F 171 84.52 -10.19 19.11
N TRP F 172 84.19 -11.48 19.06
CA TRP F 172 84.40 -12.36 20.19
C TRP F 172 85.63 -13.22 19.95
N LYS F 173 86.55 -13.23 20.92
CA LYS F 173 87.73 -14.09 20.89
C LYS F 173 87.64 -15.09 22.02
N ILE F 174 87.61 -16.38 21.68
CA ILE F 174 87.65 -17.45 22.66
C ILE F 174 89.02 -18.12 22.54
N ASP F 175 89.84 -17.97 23.57
CA ASP F 175 91.18 -18.53 23.63
C ASP F 175 92.07 -18.06 22.48
N GLY F 176 91.76 -16.90 21.89
CA GLY F 176 92.52 -16.37 20.79
C GLY F 176 91.97 -16.70 19.42
N SER F 177 90.96 -17.58 19.33
CA SER F 177 90.28 -17.87 18.08
C SER F 177 89.02 -17.01 17.98
N GLU F 178 88.84 -16.33 16.87
CA GLU F 178 87.61 -15.57 16.68
C GLU F 178 86.43 -16.52 16.64
N ARG F 179 85.27 -16.02 17.06
CA ARG F 179 84.08 -16.83 17.17
C ARG F 179 82.93 -16.14 16.46
N GLN F 180 82.30 -16.86 15.53
CA GLN F 180 81.31 -16.31 14.62
C GLN F 180 80.01 -17.10 14.68
N ASN F 181 79.86 -18.00 15.65
CA ASN F 181 78.78 -18.97 15.69
C ASN F 181 77.81 -18.63 16.81
N GLY F 182 76.52 -18.75 16.53
CA GLY F 182 75.51 -18.57 17.56
C GLY F 182 75.50 -17.22 18.24
N VAL F 183 76.05 -16.19 17.61
CA VAL F 183 76.12 -14.86 18.19
C VAL F 183 74.89 -14.07 17.78
N LEU F 184 74.14 -13.57 18.76
CA LEU F 184 73.01 -12.68 18.46
C LEU F 184 73.19 -11.32 19.12
N ASN F 185 72.87 -10.28 18.36
CA ASN F 185 73.06 -8.90 18.80
C ASN F 185 71.74 -8.12 18.69
N SER F 186 71.49 -7.24 19.66
CA SER F 186 70.30 -6.40 19.66
C SER F 186 70.68 -4.97 20.00
N TRP F 187 70.17 -4.03 19.18
CA TRP F 187 70.32 -2.59 19.38
C TRP F 187 69.11 -2.01 20.09
N THR F 188 69.36 -1.06 21.00
CA THR F 188 68.29 -0.33 21.66
C THR F 188 67.86 0.90 20.85
N ASP F 189 66.77 1.52 21.30
CA ASP F 189 66.39 2.83 20.79
C ASP F 189 67.34 3.88 21.34
N GLN F 190 67.50 4.98 20.59
CA GLN F 190 68.32 6.08 21.06
C GLN F 190 67.74 6.61 22.37
N ASP F 191 68.61 6.74 23.37
CA ASP F 191 68.15 7.16 24.69
C ASP F 191 67.69 8.61 24.66
N SER F 192 66.55 8.88 25.30
CA SER F 192 65.97 10.22 25.26
C SER F 192 66.79 11.24 26.07
N LYS F 193 67.67 10.78 26.95
CA LYS F 193 68.40 11.68 27.82
C LYS F 193 69.73 12.12 27.21
N ASP F 194 70.59 11.17 26.85
CA ASP F 194 71.91 11.47 26.32
C ASP F 194 72.04 11.23 24.83
N SER F 195 70.99 10.70 24.18
CA SER F 195 70.95 10.50 22.73
C SER F 195 72.00 9.48 22.25
N THR F 196 72.25 8.46 23.07
CA THR F 196 73.20 7.41 22.73
C THR F 196 72.48 6.09 22.53
N TYR F 197 73.22 5.10 22.02
CA TYR F 197 72.71 3.76 21.76
C TYR F 197 73.39 2.74 22.66
N SER F 198 72.86 1.52 22.60
CA SER F 198 73.46 0.39 23.31
C SER F 198 73.18 -0.87 22.52
N MET F 199 73.88 -1.94 22.91
CA MET F 199 73.85 -3.18 22.17
C MET F 199 74.23 -4.34 23.09
N SER F 200 73.57 -5.48 22.89
CA SER F 200 73.86 -6.68 23.66
C SER F 200 74.31 -7.78 22.73
N SER F 201 75.52 -8.32 22.97
CA SER F 201 76.04 -9.44 22.20
C SER F 201 75.99 -10.70 23.05
N THR F 202 75.39 -11.75 22.51
CA THR F 202 75.17 -12.99 23.27
C THR F 202 75.75 -14.17 22.52
N LEU F 203 76.66 -14.88 23.18
CA LEU F 203 77.25 -16.12 22.69
C LEU F 203 76.56 -17.29 23.36
N THR F 204 75.87 -18.12 22.57
CA THR F 204 75.10 -19.24 23.08
C THR F 204 75.81 -20.54 22.70
N LEU F 205 76.14 -21.35 23.70
CA LEU F 205 76.78 -22.64 23.48
C LEU F 205 76.12 -23.66 24.38
N THR F 206 76.48 -24.93 24.20
CA THR F 206 76.18 -25.93 25.20
C THR F 206 77.07 -25.71 26.43
N LYS F 207 76.66 -26.34 27.54
CA LYS F 207 77.41 -26.17 28.78
C LYS F 207 78.84 -26.67 28.65
N ASP F 208 79.02 -27.87 28.09
CA ASP F 208 80.35 -28.48 28.01
C ASP F 208 81.29 -27.64 27.16
N GLU F 209 80.77 -27.04 26.08
CA GLU F 209 81.62 -26.23 25.19
C GLU F 209 82.27 -25.07 25.92
N TYR F 210 81.58 -24.50 26.90
CA TYR F 210 82.13 -23.37 27.64
C TYR F 210 83.38 -23.78 28.42
N GLU F 211 83.40 -25.00 28.96
CA GLU F 211 84.47 -25.44 29.84
C GLU F 211 85.69 -25.96 29.10
N ARG F 212 85.59 -26.23 27.80
CA ARG F 212 86.75 -26.69 27.03
C ARG F 212 87.74 -25.58 26.76
N HIS F 213 87.30 -24.32 26.82
CA HIS F 213 88.17 -23.17 26.63
C HIS F 213 88.11 -22.30 27.89
N ASN F 214 89.23 -21.67 28.21
CA ASN F 214 89.40 -20.98 29.49
C ASN F 214 89.24 -19.47 29.40
N SER F 215 89.80 -18.84 28.37
CA SER F 215 89.86 -17.38 28.28
C SER F 215 88.82 -16.87 27.29
N TYR F 216 88.12 -15.80 27.66
CA TYR F 216 87.07 -15.21 26.85
C TYR F 216 87.32 -13.71 26.72
N THR F 217 87.04 -13.17 25.53
CA THR F 217 87.40 -11.81 25.17
C THR F 217 86.30 -11.18 24.32
N CYS F 218 85.99 -9.92 24.62
CA CYS F 218 85.02 -9.11 23.88
C CYS F 218 85.75 -7.87 23.36
N GLU F 219 85.61 -7.60 22.07
CA GLU F 219 86.37 -6.55 21.38
C GLU F 219 85.42 -5.71 20.54
N ALA F 220 85.49 -4.40 20.69
CA ALA F 220 84.63 -3.49 19.93
C ALA F 220 85.49 -2.52 19.14
N THR F 221 85.26 -2.44 17.84
CA THR F 221 85.89 -1.44 16.99
C THR F 221 84.86 -0.37 16.67
N HIS F 222 85.14 0.88 17.02
CA HIS F 222 84.19 1.96 16.88
C HIS F 222 84.86 3.17 16.23
N LYS F 223 84.03 4.13 15.83
CA LYS F 223 84.49 5.39 15.25
C LYS F 223 85.37 6.19 16.20
N THR F 224 85.33 5.89 17.51
CA THR F 224 86.09 6.69 18.47
C THR F 224 87.58 6.47 18.32
N SER F 225 88.02 5.21 18.27
CA SER F 225 89.44 4.87 18.17
C SER F 225 89.65 3.80 17.12
N THR F 226 90.84 3.83 16.51
CA THR F 226 91.20 2.79 15.55
C THR F 226 91.53 1.47 16.24
N SER F 227 92.14 1.55 17.42
CA SER F 227 92.45 0.35 18.20
C SER F 227 91.22 -0.08 19.00
N PRO F 228 90.80 -1.34 18.90
CA PRO F 228 89.54 -1.75 19.54
C PRO F 228 89.61 -1.68 21.07
N ILE F 229 88.44 -1.47 21.67
CA ILE F 229 88.26 -1.52 23.12
C ILE F 229 87.97 -2.95 23.52
N VAL F 230 88.75 -3.49 24.46
CA VAL F 230 88.75 -4.91 24.79
C VAL F 230 88.40 -5.09 26.27
N LYS F 231 87.67 -6.16 26.56
CA LYS F 231 87.38 -6.58 27.93
C LYS F 231 87.34 -8.10 27.96
N SER F 232 88.02 -8.71 28.92
CA SER F 232 88.22 -10.16 28.91
C SER F 232 88.14 -10.71 30.32
N PHE F 233 88.09 -12.05 30.40
CA PHE F 233 88.11 -12.74 31.69
C PHE F 233 88.53 -14.18 31.49
N ASN F 234 88.93 -14.81 32.59
CA ASN F 234 89.36 -16.21 32.60
C ASN F 234 88.65 -16.97 33.71
N ARG F 235 88.62 -18.29 33.58
CA ARG F 235 88.04 -19.14 34.60
C ARG F 235 89.07 -19.50 35.68
C1 NAG G . -4.78 8.63 -25.16
C2 NAG G . -5.84 7.53 -25.26
C3 NAG G . -5.92 6.99 -26.69
C4 NAG G . -6.11 8.12 -27.69
C5 NAG G . -5.01 9.16 -27.50
C6 NAG G . -5.18 10.36 -28.41
C7 NAG G . -6.21 6.30 -23.17
C8 NAG G . -7.29 7.30 -22.87
N2 NAG G . -5.57 6.46 -24.32
O3 NAG G . -6.99 6.05 -26.79
O4 NAG G . -6.06 7.61 -29.03
O5 NAG G . -5.04 9.65 -26.15
O6 NAG G . -6.30 11.14 -28.03
O7 NAG G . -5.96 5.38 -22.39
C1 NAG H . 1.90 15.36 19.84
C2 NAG H . 3.02 14.32 19.97
C3 NAG H . 3.37 14.08 21.44
C4 NAG H . 3.68 15.39 22.14
C5 NAG H . 2.51 16.36 21.96
C6 NAG H . 2.78 17.72 22.55
C7 NAG H . 3.01 12.75 18.08
C8 NAG H . 2.53 11.42 17.57
N2 NAG H . 2.65 13.07 19.33
O3 NAG H . 4.50 13.21 21.51
O4 NAG H . 3.90 15.17 23.53
O5 NAG H . 2.27 16.56 20.55
O6 NAG H . 3.23 17.61 23.90
O7 NAG H . 3.69 13.50 17.38
#